data_1V0Z
#
_entry.id   1V0Z
#
_cell.length_a   106.482
_cell.length_b   73.755
_cell.length_c   106.809
_cell.angle_alpha   90.00
_cell.angle_beta   90.37
_cell.angle_gamma   90.00
#
_symmetry.space_group_name_H-M   'P 1 21 1'
#
loop_
_entity.id
_entity.type
_entity.pdbx_description
1 polymer NEURAMINIDASE
2 branched 2-acetamido-2-deoxy-beta-D-glucopyranose-(1-4)-2-acetamido-2-deoxy-beta-D-glucopyranose
3 branched alpha-D-mannopyranose-(1-3)-[alpha-D-mannopyranose-(1-6)]beta-D-mannopyranose-(1-4)-2-acetamido-2-deoxy-beta-D-glucopyranose
4 branched alpha-D-mannopyranose-(1-2)-alpha-D-mannopyranose-(1-3)-[alpha-D-mannopyranose-(1-6)]beta-D-mannopyranose-(1-4)-2-acetamido-2-deoxy-beta-D-glucopyranose-(1-4)-2-acetamido-2-deoxy-beta-D-glucopyranose
5 branched alpha-D-mannopyranose-(1-6)-beta-D-mannopyranose-(1-4)-2-acetamido-2-deoxy-beta-D-glucopyranose
6 branched alpha-D-mannopyranose-(1-6)-beta-D-mannopyranose
7 non-polymer 'CALCIUM ION'
8 non-polymer GLYCEROL
9 non-polymer 2-acetamido-2-deoxy-beta-D-glucopyranose
10 non-polymer alpha-D-mannopyranose
11 non-polymer DI(HYDROXYETHYL)ETHER
12 water water
#
_entity_poly.entity_id   1
_entity_poly.type   'polypeptide(L)'
_entity_poly.pdbx_seq_one_letter_code
;RTFLNLTKPLCEVNSWHILSKDNAIRIGEDAHILVTREPYLSCDPQGCRMFALSQGTTLRGRHANGTIHDRSPFRALISW
EMGQAPSPYNTRVECIGWSSTSCHDGMSRMSICMSGPNNNASAVVWYGGRPITEIPSWAGNILRTQESECVCHKGVCPVV
MTDGPANNRAATKIIYFKEGKIQKIEELAGNAQHIEECSCYGAGGVIKCICRDNWKGANRPVITIDPEMMTHTSKYLCSK
VLTDTSRPNDPTNGNCDAPITGGSPDPGVKGFAFLDGENSWLGRTISKDSRSGYEMLKVPNAETDIQSGPISNQVIVNNQ
NWSGYSGAFIDYWANKECFNPCFYVELIRGRPKESSVLWTSNSIVALCGSKKRLGSWSWHDGAEIIYFE
;
_entity_poly.pdbx_strand_id   A,B,C,D
#
loop_
_chem_comp.id
_chem_comp.type
_chem_comp.name
_chem_comp.formula
BMA D-saccharide, beta linking beta-D-mannopyranose 'C6 H12 O6'
CA non-polymer 'CALCIUM ION' 'Ca 2'
GOL non-polymer GLYCEROL 'C3 H8 O3'
MAN D-saccharide, alpha linking alpha-D-mannopyranose 'C6 H12 O6'
NAG D-saccharide, beta linking 2-acetamido-2-deoxy-beta-D-glucopyranose 'C8 H15 N O6'
PEG non-polymer DI(HYDROXYETHYL)ETHER 'C4 H10 O3'
#
# COMPACT_ATOMS: atom_id res chain seq x y z
N ARG A 1 -13.39 -23.26 -4.63
CA ARG A 1 -12.89 -23.64 -3.27
C ARG A 1 -13.69 -24.80 -2.66
N THR A 2 -13.01 -25.60 -1.86
CA THR A 2 -13.65 -26.65 -1.09
C THR A 2 -13.08 -26.64 0.34
N PHE A 3 -13.78 -27.27 1.29
CA PHE A 3 -13.21 -27.49 2.61
C PHE A 3 -11.96 -28.39 2.46
N LEU A 4 -10.86 -27.99 3.11
CA LEU A 4 -9.68 -28.82 3.22
C LEU A 4 -10.00 -30.10 4.04
N ASN A 5 -9.48 -31.24 3.58
CA ASN A 5 -9.37 -32.41 4.48
C ASN A 5 -7.92 -32.87 4.64
N LEU A 6 -7.67 -33.65 5.68
CA LEU A 6 -6.30 -33.92 6.10
C LEU A 6 -5.87 -35.34 5.76
N THR A 7 -6.42 -35.89 4.68
CA THR A 7 -6.18 -37.30 4.40
C THR A 7 -4.69 -37.60 4.06
N LYS A 8 -3.97 -36.65 3.45
CA LYS A 8 -2.57 -36.87 3.02
C LYS A 8 -1.59 -37.22 4.17
N PRO A 9 -0.53 -37.99 3.86
CA PRO A 9 0.49 -38.28 4.88
C PRO A 9 1.50 -37.13 4.98
N LEU A 10 2.31 -37.08 6.03
CA LEU A 10 3.42 -36.13 6.10
C LEU A 10 4.51 -36.55 5.11
N CYS A 11 5.10 -35.57 4.43
CA CYS A 11 6.29 -35.79 3.60
C CYS A 11 7.46 -36.24 4.42
N GLU A 12 8.33 -37.04 3.81
CA GLU A 12 9.63 -37.37 4.40
C GLU A 12 10.47 -36.10 4.57
N VAL A 13 11.12 -35.94 5.72
CA VAL A 13 11.97 -34.77 5.99
C VAL A 13 13.35 -35.24 6.46
N ASN A 14 14.37 -34.84 5.70
CA ASN A 14 15.77 -35.13 6.02
C ASN A 14 16.57 -33.90 6.42
N SER A 15 16.10 -32.73 6.00
CA SER A 15 16.67 -31.46 6.46
C SER A 15 15.61 -30.36 6.26
N TRP A 16 16.00 -29.12 6.56
CA TRP A 16 15.05 -27.99 6.53
C TRP A 16 15.57 -26.86 5.62
N HIS A 17 14.71 -26.41 4.70
CA HIS A 17 15.03 -25.30 3.78
C HIS A 17 14.44 -23.96 4.26
N ILE A 18 15.12 -22.85 3.97
CA ILE A 18 14.60 -21.53 4.35
C ILE A 18 13.31 -21.22 3.56
N LEU A 19 12.24 -20.83 4.26
CA LEU A 19 10.99 -20.40 3.63
C LEU A 19 10.84 -18.87 3.65
N SER A 20 11.03 -18.26 4.83
CA SER A 20 10.88 -16.82 4.96
C SER A 20 11.66 -16.28 6.14
N LYS A 21 12.00 -15.00 6.07
CA LYS A 21 12.58 -14.28 7.20
C LYS A 21 12.20 -12.81 7.00
N ASP A 22 11.73 -12.15 8.05
CA ASP A 22 11.28 -10.75 7.88
C ASP A 22 12.27 -9.67 8.34
N ASN A 23 13.29 -10.05 9.10
CA ASN A 23 14.30 -9.07 9.53
C ASN A 23 13.67 -7.81 10.16
N ALA A 24 12.61 -8.03 10.95
CA ALA A 24 11.76 -6.94 11.40
C ALA A 24 12.50 -5.93 12.28
N ILE A 25 13.35 -6.42 13.18
CA ILE A 25 14.07 -5.55 14.12
C ILE A 25 15.16 -4.73 13.40
N ARG A 26 15.90 -5.36 12.48
CA ARG A 26 16.86 -4.64 11.66
C ARG A 26 16.20 -3.45 10.93
N ILE A 27 15.12 -3.76 10.22
CA ILE A 27 14.40 -2.78 9.43
C ILE A 27 13.74 -1.74 10.34
N GLY A 28 13.08 -2.21 11.39
CA GLY A 28 12.36 -1.34 12.35
C GLY A 28 13.21 -0.38 13.17
N GLU A 29 14.54 -0.55 13.10
CA GLU A 29 15.46 0.43 13.69
C GLU A 29 15.26 1.84 13.07
N ASP A 30 14.78 1.89 11.82
CA ASP A 30 14.63 3.18 11.14
C ASP A 30 13.39 3.30 10.23
N ALA A 31 12.59 2.26 10.17
CA ALA A 31 11.35 2.31 9.40
C ALA A 31 10.22 2.15 10.43
N HIS A 32 8.98 2.41 10.02
CA HIS A 32 7.86 2.35 10.96
C HIS A 32 7.39 0.91 11.07
N ILE A 33 7.92 0.17 12.05
CA ILE A 33 7.58 -1.24 12.24
C ILE A 33 6.95 -1.42 13.63
N LEU A 34 5.83 -2.13 13.65
CA LEU A 34 5.06 -2.37 14.86
C LEU A 34 5.81 -3.32 15.80
N VAL A 35 5.74 -3.02 17.11
CA VAL A 35 6.20 -3.94 18.14
C VAL A 35 5.24 -5.13 18.17
N THR A 36 5.81 -6.33 18.19
CA THR A 36 5.04 -7.54 18.25
C THR A 36 5.63 -8.51 19.27
N ARG A 37 4.93 -9.64 19.43
CA ARG A 37 5.48 -10.91 19.97
C ARG A 37 4.42 -11.97 19.67
N GLU A 38 4.70 -13.22 20.04
CA GLU A 38 3.82 -14.37 19.78
C GLU A 38 3.47 -14.52 18.29
N PRO A 39 4.48 -14.57 17.40
CA PRO A 39 4.16 -14.67 16.00
C PRO A 39 3.86 -16.09 15.55
N TYR A 40 3.39 -16.21 14.32
CA TYR A 40 3.27 -17.49 13.63
C TYR A 40 3.03 -17.27 12.15
N LEU A 41 2.87 -18.37 11.39
CA LEU A 41 2.45 -18.31 10.01
C LEU A 41 1.24 -19.19 9.84
N SER A 42 0.40 -18.84 8.86
CA SER A 42 -0.74 -19.69 8.49
C SER A 42 -1.00 -19.49 6.99
N CYS A 43 -1.37 -20.58 6.33
CA CYS A 43 -1.55 -20.58 4.89
C CYS A 43 -3.01 -20.71 4.47
N ASP A 44 -3.27 -20.48 3.19
CA ASP A 44 -4.58 -20.67 2.60
C ASP A 44 -4.40 -21.06 1.13
N PRO A 45 -5.49 -21.27 0.40
CA PRO A 45 -5.31 -21.70 -1.01
C PRO A 45 -4.41 -20.78 -1.86
N GLN A 46 -4.27 -19.50 -1.49
CA GLN A 46 -3.47 -18.55 -2.29
C GLN A 46 -2.00 -18.42 -1.87
N GLY A 47 -1.68 -18.76 -0.64
CA GLY A 47 -0.30 -18.61 -0.19
C GLY A 47 -0.21 -18.71 1.31
N CYS A 48 0.80 -18.07 1.87
CA CYS A 48 0.98 -18.08 3.32
C CYS A 48 1.15 -16.67 3.81
N ARG A 49 0.72 -16.44 5.06
CA ARG A 49 0.87 -15.12 5.68
C ARG A 49 1.53 -15.21 7.05
N MET A 50 2.18 -14.12 7.46
CA MET A 50 2.69 -14.03 8.82
C MET A 50 1.65 -13.40 9.74
N PHE A 51 1.65 -13.83 10.99
CA PHE A 51 0.72 -13.39 12.05
C PHE A 51 1.51 -13.05 13.30
N ALA A 52 1.00 -12.11 14.10
CA ALA A 52 1.57 -11.79 15.43
C ALA A 52 0.64 -10.91 16.22
N LEU A 53 0.90 -10.82 17.52
CA LEU A 53 0.20 -9.88 18.39
C LEU A 53 0.95 -8.55 18.45
N SER A 54 0.37 -7.56 17.78
CA SER A 54 0.87 -6.20 17.89
C SER A 54 0.72 -5.69 19.33
N GLN A 55 1.60 -4.75 19.68
CA GLN A 55 1.53 -3.98 20.93
C GLN A 55 0.93 -2.58 20.70
N GLY A 56 0.48 -2.30 19.47
CA GLY A 56 -0.13 -0.98 19.17
C GLY A 56 0.80 0.21 19.33
N THR A 57 2.03 0.05 18.84
CA THR A 57 3.06 1.10 18.85
C THR A 57 4.14 0.64 17.87
N THR A 58 4.88 1.60 17.31
CA THR A 58 6.10 1.28 16.56
C THR A 58 7.28 0.97 17.49
N LEU A 59 8.28 0.27 16.95
CA LEU A 59 9.48 -0.13 17.69
C LEU A 59 10.31 1.07 18.19
N ARG A 60 10.45 2.07 17.32
CA ARG A 60 11.22 3.29 17.66
C ARG A 60 10.39 4.33 18.42
N GLY A 61 9.07 4.13 18.47
CA GLY A 61 8.14 5.05 19.13
C GLY A 61 8.31 5.02 20.65
N ARG A 62 7.92 6.11 21.31
CA ARG A 62 8.06 6.16 22.78
C ARG A 62 7.17 5.17 23.50
N HIS A 63 6.06 4.77 22.87
CA HIS A 63 5.14 3.78 23.46
C HIS A 63 5.72 2.35 23.44
N ALA A 64 6.89 2.16 22.82
CA ALA A 64 7.53 0.83 22.87
C ALA A 64 8.04 0.55 24.29
N ASN A 65 8.28 1.63 25.04
CA ASN A 65 8.65 1.51 26.46
C ASN A 65 7.56 0.77 27.23
N GLY A 66 7.93 -0.36 27.85
CA GLY A 66 7.03 -1.15 28.67
C GLY A 66 6.36 -2.34 27.96
N THR A 67 6.81 -2.65 26.74
CA THR A 67 6.20 -3.71 25.94
C THR A 67 6.60 -5.14 26.36
N ILE A 68 7.39 -5.27 27.44
CA ILE A 68 7.55 -6.55 28.13
C ILE A 68 6.16 -7.07 28.59
N HIS A 69 5.27 -6.14 28.93
CA HIS A 69 3.95 -6.45 29.45
C HIS A 69 3.14 -7.22 28.40
N ASP A 70 2.58 -8.35 28.81
CA ASP A 70 1.88 -9.27 27.90
C ASP A 70 0.46 -8.85 27.47
N ARG A 71 -0.30 -8.23 28.37
CA ARG A 71 -1.71 -8.02 28.07
C ARG A 71 -2.11 -6.58 28.28
N SER A 72 -2.74 -5.98 27.25
CA SER A 72 -3.23 -4.60 27.34
C SER A 72 -4.40 -4.42 26.38
N PRO A 73 -5.19 -3.35 26.54
CA PRO A 73 -6.25 -3.09 25.54
C PRO A 73 -5.72 -2.60 24.18
N PHE A 74 -4.40 -2.52 24.02
CA PHE A 74 -3.75 -1.93 22.79
C PHE A 74 -3.15 -3.00 21.87
N ARG A 75 -3.33 -4.27 22.27
CA ARG A 75 -2.88 -5.41 21.45
C ARG A 75 -3.94 -5.91 20.48
N ALA A 76 -3.48 -6.44 19.35
CA ALA A 76 -4.38 -7.04 18.33
C ALA A 76 -3.63 -8.08 17.52
N LEU A 77 -4.35 -9.06 17.01
CA LEU A 77 -3.75 -10.01 16.07
C LEU A 77 -3.73 -9.33 14.68
N ILE A 78 -2.54 -9.21 14.12
CA ILE A 78 -2.32 -8.62 12.80
C ILE A 78 -1.74 -9.71 11.87
N SER A 79 -2.06 -9.64 10.58
CA SER A 79 -1.46 -10.51 9.60
C SER A 79 -0.90 -9.68 8.45
N TRP A 80 0.08 -10.24 7.76
CA TRP A 80 0.67 -9.54 6.62
C TRP A 80 1.31 -10.52 5.65
N GLU A 81 1.63 -10.04 4.44
CA GLU A 81 2.23 -10.89 3.39
C GLU A 81 3.57 -11.45 3.88
N MET A 82 3.72 -12.77 3.72
CA MET A 82 4.88 -13.48 4.24
C MET A 82 6.18 -12.83 3.76
N GLY A 83 7.09 -12.55 4.69
CA GLY A 83 8.43 -12.02 4.35
C GLY A 83 8.58 -10.52 4.53
N GLN A 84 7.50 -9.77 4.32
CA GLN A 84 7.51 -8.35 4.68
C GLN A 84 7.65 -8.21 6.21
N ALA A 85 8.11 -7.05 6.66
CA ALA A 85 8.05 -6.75 8.09
C ALA A 85 6.70 -6.08 8.41
N PRO A 86 6.22 -6.23 9.67
CA PRO A 86 4.89 -5.68 10.00
C PRO A 86 4.90 -4.17 10.27
N SER A 87 4.26 -3.39 9.39
CA SER A 87 4.18 -1.94 9.58
C SER A 87 2.70 -1.56 9.78
N PRO A 88 2.42 -0.30 10.18
CA PRO A 88 1.03 0.17 10.24
C PRO A 88 0.36 0.25 8.88
N TYR A 89 1.14 0.11 7.81
CA TYR A 89 0.66 0.36 6.46
C TYR A 89 0.40 -0.94 5.67
N ASN A 90 0.92 -2.07 6.13
CA ASN A 90 0.77 -3.33 5.36
C ASN A 90 0.13 -4.48 6.13
N THR A 91 -0.47 -4.17 7.28
CA THR A 91 -0.96 -5.20 8.18
C THR A 91 -2.48 -5.19 8.26
N ARG A 92 -3.07 -6.38 8.36
CA ARG A 92 -4.51 -6.54 8.51
C ARG A 92 -4.82 -6.89 9.96
N VAL A 93 -5.74 -6.15 10.60
CA VAL A 93 -6.21 -6.51 11.94
C VAL A 93 -7.22 -7.65 11.82
N GLU A 94 -6.83 -8.80 12.36
CA GLU A 94 -7.64 -10.01 12.37
C GLU A 94 -8.69 -9.98 13.47
N CYS A 95 -8.28 -9.49 14.65
CA CYS A 95 -9.13 -9.40 15.82
C CYS A 95 -8.38 -8.63 16.91
N ILE A 96 -9.11 -8.20 17.95
CA ILE A 96 -8.52 -7.44 19.06
C ILE A 96 -8.28 -8.31 20.27
N GLY A 97 -7.04 -8.26 20.78
CA GLY A 97 -6.71 -8.99 21.99
C GLY A 97 -5.25 -9.39 22.14
N TRP A 98 -5.00 -10.26 23.13
CA TRP A 98 -3.66 -10.57 23.58
C TRP A 98 -3.31 -12.06 23.66
N SER A 99 -4.14 -12.91 23.03
CA SER A 99 -3.83 -14.30 22.81
C SER A 99 -4.65 -14.69 21.56
N SER A 100 -4.10 -15.52 20.66
CA SER A 100 -4.81 -15.80 19.41
C SER A 100 -4.53 -17.17 18.81
N THR A 101 -5.37 -17.54 17.84
CA THR A 101 -5.06 -18.57 16.89
C THR A 101 -5.79 -18.18 15.60
N SER A 102 -5.45 -18.87 14.50
CA SER A 102 -6.10 -18.62 13.22
C SER A 102 -5.84 -19.81 12.28
N CYS A 103 -6.78 -20.10 11.39
CA CYS A 103 -6.62 -21.15 10.39
C CYS A 103 -7.66 -21.01 9.29
N HIS A 104 -7.32 -21.50 8.10
CA HIS A 104 -8.20 -21.43 6.95
C HIS A 104 -8.78 -22.82 6.72
N ASP A 105 -10.10 -22.89 6.53
CA ASP A 105 -10.74 -24.21 6.34
C ASP A 105 -10.82 -24.65 4.88
N GLY A 106 -10.17 -23.88 3.99
CA GLY A 106 -10.29 -24.06 2.54
C GLY A 106 -11.24 -23.07 1.88
N MET A 107 -12.25 -22.63 2.64
CA MET A 107 -13.26 -21.67 2.17
C MET A 107 -12.96 -20.26 2.67
N SER A 108 -12.87 -20.13 4.00
CA SER A 108 -12.54 -18.86 4.67
C SER A 108 -11.61 -19.04 5.86
N ARG A 109 -11.05 -17.93 6.34
CA ARG A 109 -10.19 -17.94 7.52
C ARG A 109 -10.98 -17.70 8.81
N MET A 110 -10.74 -18.56 9.80
CA MET A 110 -11.19 -18.33 11.17
C MET A 110 -10.03 -17.73 11.99
N SER A 111 -10.32 -16.62 12.68
CA SER A 111 -9.37 -16.02 13.63
C SER A 111 -10.05 -15.80 14.99
N ILE A 112 -9.30 -16.08 16.06
CA ILE A 112 -9.81 -15.96 17.43
C ILE A 112 -8.83 -15.17 18.28
N CYS A 113 -9.34 -14.17 19.00
CA CYS A 113 -8.57 -13.36 19.93
C CYS A 113 -9.27 -13.32 21.30
N MET A 114 -8.51 -13.54 22.36
CA MET A 114 -8.96 -13.23 23.73
C MET A 114 -8.55 -11.82 24.17
N SER A 115 -9.46 -11.11 24.84
CA SER A 115 -9.13 -9.83 25.43
C SER A 115 -9.86 -9.67 26.76
N GLY A 116 -9.60 -8.57 27.46
CA GLY A 116 -10.28 -8.26 28.72
C GLY A 116 -9.32 -8.39 29.89
N PRO A 117 -9.82 -8.19 31.13
CA PRO A 117 -9.01 -8.29 32.33
C PRO A 117 -8.78 -9.76 32.68
N ASN A 118 -7.81 -10.03 33.55
CA ASN A 118 -7.44 -11.41 33.87
C ASN A 118 -8.62 -12.23 34.37
N ASN A 119 -9.47 -11.60 35.17
CA ASN A 119 -10.55 -12.32 35.84
C ASN A 119 -11.85 -12.39 35.04
N ASN A 120 -11.84 -11.87 33.81
CA ASN A 120 -13.08 -11.70 33.06
C ASN A 120 -12.82 -11.60 31.56
N ALA A 121 -11.90 -12.42 31.05
CA ALA A 121 -11.52 -12.31 29.64
C ALA A 121 -12.58 -12.98 28.78
N SER A 122 -12.51 -12.74 27.47
CA SER A 122 -13.45 -13.39 26.56
C SER A 122 -12.80 -13.55 25.20
N ALA A 123 -13.20 -14.61 24.50
CA ALA A 123 -12.78 -14.83 23.12
C ALA A 123 -13.85 -14.34 22.13
N VAL A 124 -13.40 -13.69 21.06
CA VAL A 124 -14.25 -13.39 19.93
C VAL A 124 -13.75 -14.20 18.72
N VAL A 125 -14.66 -14.96 18.12
CA VAL A 125 -14.36 -15.89 17.03
C VAL A 125 -14.84 -15.28 15.72
N TRP A 126 -13.90 -15.05 14.79
CA TRP A 126 -14.19 -14.40 13.54
C TRP A 126 -14.11 -15.43 12.43
N TYR A 127 -14.92 -15.29 11.38
CA TYR A 127 -14.87 -16.15 10.20
C TYR A 127 -15.14 -15.32 8.94
N GLY A 128 -14.23 -15.40 7.96
CA GLY A 128 -14.39 -14.61 6.75
C GLY A 128 -14.37 -13.11 7.04
N GLY A 129 -13.66 -12.71 8.08
CA GLY A 129 -13.52 -11.29 8.45
C GLY A 129 -14.69 -10.66 9.20
N ARG A 130 -15.62 -11.48 9.68
CA ARG A 130 -16.79 -11.03 10.44
C ARG A 130 -16.81 -11.75 11.80
N PRO A 131 -17.25 -11.06 12.89
CA PRO A 131 -17.39 -11.78 14.18
C PRO A 131 -18.60 -12.74 14.17
N ILE A 132 -18.40 -13.96 14.67
CA ILE A 132 -19.44 -14.99 14.63
C ILE A 132 -19.92 -15.40 16.03
N THR A 133 -18.97 -15.68 16.91
CA THR A 133 -19.23 -16.26 18.22
C THR A 133 -18.38 -15.56 19.28
N GLU A 134 -18.90 -15.47 20.51
CA GLU A 134 -18.13 -15.00 21.66
C GLU A 134 -18.16 -16.07 22.76
N ILE A 135 -17.06 -16.17 23.50
CA ILE A 135 -16.89 -17.18 24.57
C ILE A 135 -16.35 -16.53 25.83
N PRO A 136 -17.17 -16.48 26.89
CA PRO A 136 -16.71 -15.95 28.15
C PRO A 136 -15.76 -16.92 28.89
N SER A 137 -14.85 -16.34 29.65
CA SER A 137 -13.99 -17.08 30.56
C SER A 137 -14.81 -18.03 31.41
N TRP A 138 -14.34 -19.27 31.54
CA TRP A 138 -14.98 -20.27 32.39
C TRP A 138 -14.34 -20.47 33.77
N ALA A 139 -13.09 -20.06 33.91
CA ALA A 139 -12.39 -20.25 35.17
C ALA A 139 -11.89 -18.92 35.75
N GLY A 140 -12.18 -17.82 35.08
CA GLY A 140 -11.81 -16.48 35.60
C GLY A 140 -10.33 -16.18 35.77
N ASN A 141 -9.48 -16.76 34.91
CA ASN A 141 -8.03 -16.60 35.04
C ASN A 141 -7.31 -16.69 33.71
N ILE A 142 -7.40 -15.59 32.94
CA ILE A 142 -6.68 -15.43 31.67
C ILE A 142 -7.05 -16.53 30.66
N LEU A 143 -8.30 -16.54 30.23
CA LEU A 143 -8.71 -17.37 29.09
C LEU A 143 -7.74 -17.12 27.93
N ARG A 144 -7.24 -18.21 27.31
CA ARG A 144 -6.08 -18.11 26.41
C ARG A 144 -5.96 -19.30 25.48
N THR A 145 -5.14 -19.16 24.42
CA THR A 145 -5.11 -20.19 23.39
C THR A 145 -3.71 -20.39 22.79
N GLN A 146 -3.66 -20.91 21.56
CA GLN A 146 -2.45 -21.54 21.03
C GLN A 146 -1.22 -20.62 20.76
N GLU A 147 -1.48 -19.42 20.25
CA GLU A 147 -0.44 -18.54 19.67
C GLU A 147 0.26 -19.14 18.44
N SER A 148 -0.39 -20.11 17.78
CA SER A 148 0.00 -20.53 16.41
C SER A 148 -1.23 -21.10 15.74
N GLU A 149 -1.08 -21.52 14.48
CA GLU A 149 -2.26 -21.83 13.67
C GLU A 149 -3.06 -23.05 14.20
N CYS A 150 -4.38 -22.96 14.07
CA CYS A 150 -5.21 -24.14 14.26
C CYS A 150 -5.19 -24.94 12.95
N VAL A 151 -6.00 -25.99 12.86
CA VAL A 151 -6.00 -26.89 11.69
C VAL A 151 -7.46 -27.32 11.43
N CYS A 152 -7.88 -27.42 10.17
CA CYS A 152 -9.27 -27.75 9.82
C CYS A 152 -9.39 -29.03 8.99
N HIS A 153 -10.50 -29.75 9.22
CA HIS A 153 -10.80 -30.98 8.48
C HIS A 153 -12.29 -31.06 8.19
N LYS A 154 -12.62 -31.02 6.89
CA LYS A 154 -13.98 -31.07 6.37
C LYS A 154 -14.90 -30.06 7.06
N GLY A 155 -14.39 -28.85 7.24
CA GLY A 155 -15.12 -27.76 7.89
C GLY A 155 -14.92 -27.60 9.39
N VAL A 156 -14.41 -28.65 10.05
CA VAL A 156 -14.23 -28.64 11.51
C VAL A 156 -12.80 -28.27 11.91
N CYS A 157 -12.70 -27.18 12.67
CA CYS A 157 -11.41 -26.67 13.11
C CYS A 157 -11.37 -26.73 14.65
N PRO A 158 -10.68 -27.74 15.21
CA PRO A 158 -10.52 -27.75 16.68
C PRO A 158 -9.50 -26.73 17.17
N VAL A 159 -9.75 -26.17 18.35
CA VAL A 159 -8.87 -25.21 18.98
C VAL A 159 -8.70 -25.59 20.46
N VAL A 160 -7.46 -25.60 20.95
CA VAL A 160 -7.18 -25.87 22.38
C VAL A 160 -7.08 -24.54 23.14
N MET A 161 -7.85 -24.43 24.23
CA MET A 161 -7.88 -23.24 25.07
C MET A 161 -7.66 -23.61 26.54
N THR A 162 -7.06 -22.71 27.32
CA THR A 162 -6.80 -22.94 28.73
C THR A 162 -7.32 -21.70 29.51
N ASP A 163 -7.93 -21.95 30.67
CA ASP A 163 -8.36 -20.89 31.58
C ASP A 163 -8.02 -21.41 32.99
N GLY A 164 -7.33 -20.61 33.79
CA GLY A 164 -6.85 -21.05 35.11
C GLY A 164 -5.38 -20.76 35.35
N PRO A 165 -4.83 -21.23 36.49
CA PRO A 165 -3.44 -20.95 36.88
C PRO A 165 -2.44 -21.41 35.81
N ALA A 166 -1.38 -20.63 35.66
CA ALA A 166 -0.22 -20.98 34.82
C ALA A 166 0.75 -21.93 35.54
N ASN A 167 0.59 -22.05 36.86
CA ASN A 167 1.57 -22.70 37.73
C ASN A 167 0.96 -23.83 38.57
N ASN A 168 -0.20 -24.32 38.13
CA ASN A 168 -0.89 -25.41 38.79
C ASN A 168 -1.98 -25.93 37.86
N ARG A 169 -2.80 -26.88 38.32
CA ARG A 169 -3.87 -27.44 37.51
C ARG A 169 -4.80 -26.34 36.99
N ALA A 170 -5.14 -26.41 35.70
CA ALA A 170 -5.96 -25.40 35.07
C ALA A 170 -7.09 -26.08 34.30
N ALA A 171 -8.04 -25.31 33.77
CA ALA A 171 -9.16 -25.86 32.98
C ALA A 171 -8.97 -25.71 31.45
N THR A 172 -8.53 -26.78 30.81
CA THR A 172 -8.27 -26.78 29.39
C THR A 172 -9.45 -27.44 28.67
N LYS A 173 -9.83 -26.86 27.55
CA LYS A 173 -10.93 -27.34 26.72
C LYS A 173 -10.54 -27.40 25.24
N ILE A 174 -11.11 -28.37 24.55
CA ILE A 174 -11.04 -28.41 23.10
C ILE A 174 -12.38 -27.99 22.54
N ILE A 175 -12.36 -26.93 21.73
CA ILE A 175 -13.58 -26.47 21.10
C ILE A 175 -13.51 -26.66 19.59
N TYR A 176 -14.56 -27.26 19.06
CA TYR A 176 -14.61 -27.65 17.67
C TYR A 176 -15.51 -26.65 16.94
N PHE A 177 -14.91 -25.91 16.00
CA PHE A 177 -15.65 -24.86 15.27
C PHE A 177 -15.94 -25.27 13.83
N LYS A 178 -17.09 -24.81 13.32
CA LYS A 178 -17.35 -24.85 11.89
C LYS A 178 -18.00 -23.54 11.46
N GLU A 179 -17.40 -22.88 10.46
CA GLU A 179 -17.82 -21.53 10.03
C GLU A 179 -17.93 -20.57 11.22
N GLY A 180 -17.02 -20.75 12.17
CA GLY A 180 -16.94 -19.93 13.38
C GLY A 180 -17.98 -20.21 14.46
N LYS A 181 -18.81 -21.24 14.22
CA LYS A 181 -19.85 -21.70 15.15
C LYS A 181 -19.39 -22.90 15.97
N ILE A 182 -19.70 -22.88 17.27
CA ILE A 182 -19.30 -23.97 18.17
C ILE A 182 -20.11 -25.24 17.85
N GLN A 183 -19.40 -26.32 17.48
CA GLN A 183 -19.99 -27.65 17.24
C GLN A 183 -20.00 -28.53 18.49
N LYS A 184 -19.00 -28.36 19.35
CA LYS A 184 -18.78 -29.23 20.50
C LYS A 184 -17.71 -28.59 21.38
N ILE A 185 -17.84 -28.79 22.69
CA ILE A 185 -16.83 -28.38 23.67
C ILE A 185 -16.51 -29.60 24.53
N GLU A 186 -15.21 -29.90 24.70
CA GLU A 186 -14.76 -31.01 25.52
C GLU A 186 -13.77 -30.51 26.52
N GLU A 187 -13.87 -31.02 27.75
CA GLU A 187 -12.81 -30.84 28.73
C GLU A 187 -11.62 -31.70 28.36
N LEU A 188 -10.41 -31.25 28.70
CA LEU A 188 -9.18 -32.02 28.46
C LEU A 188 -9.30 -33.40 29.15
N ALA A 189 -8.96 -34.45 28.41
CA ALA A 189 -8.92 -35.81 28.93
C ALA A 189 -7.50 -36.36 28.80
N GLY A 190 -7.24 -37.48 29.46
CA GLY A 190 -5.95 -38.17 29.38
C GLY A 190 -4.88 -37.81 30.40
N ASN A 191 -3.64 -38.16 30.09
CA ASN A 191 -2.53 -38.02 31.03
C ASN A 191 -1.70 -36.73 31.01
N ALA A 192 -1.95 -35.80 30.07
CA ALA A 192 -1.29 -34.48 30.16
C ALA A 192 -1.83 -33.75 31.38
N GLN A 193 -0.94 -33.23 32.22
CA GLN A 193 -1.35 -32.63 33.50
C GLN A 193 -1.59 -31.11 33.45
N HIS A 194 -1.14 -30.50 32.35
CA HIS A 194 -1.25 -29.05 32.19
C HIS A 194 -0.94 -28.72 30.75
N ILE A 195 -1.70 -27.78 30.19
CA ILE A 195 -1.62 -27.46 28.77
C ILE A 195 -1.56 -25.96 28.51
N GLU A 196 -0.53 -25.54 27.78
CA GLU A 196 -0.42 -24.15 27.29
C GLU A 196 0.01 -24.17 25.83
N GLU A 197 -0.51 -23.22 25.05
CA GLU A 197 0.12 -22.78 23.79
C GLU A 197 0.42 -23.92 22.81
N CYS A 198 -0.60 -24.70 22.48
CA CYS A 198 -0.42 -25.86 21.62
C CYS A 198 0.03 -25.51 20.18
N SER A 199 1.01 -26.27 19.67
CA SER A 199 1.39 -26.18 18.26
C SER A 199 0.86 -27.39 17.51
N CYS A 200 0.00 -27.14 16.52
CA CYS A 200 -0.81 -28.22 15.94
C CYS A 200 -0.62 -28.37 14.45
N TYR A 201 -0.72 -29.62 13.98
CA TYR A 201 -0.69 -29.91 12.53
C TYR A 201 -1.50 -31.16 12.23
N GLY A 202 -1.93 -31.28 10.97
CA GLY A 202 -2.71 -32.41 10.51
C GLY A 202 -2.05 -33.31 9.46
N ALA A 203 -2.33 -34.60 9.57
CA ALA A 203 -1.88 -35.59 8.58
C ALA A 203 -2.62 -36.90 8.83
N GLY A 204 -2.98 -37.60 7.76
CA GLY A 204 -3.65 -38.89 7.88
C GLY A 204 -4.97 -38.82 8.65
N GLY A 205 -5.71 -37.72 8.46
CA GLY A 205 -7.00 -37.53 9.14
C GLY A 205 -6.93 -37.21 10.63
N VAL A 206 -5.72 -37.07 11.16
CA VAL A 206 -5.52 -36.85 12.58
C VAL A 206 -4.80 -35.51 12.83
N ILE A 207 -5.19 -34.79 13.89
CA ILE A 207 -4.49 -33.56 14.32
C ILE A 207 -3.66 -33.85 15.58
N LYS A 208 -2.37 -33.52 15.52
CA LYS A 208 -1.53 -33.62 16.69
C LYS A 208 -1.17 -32.22 17.19
N CYS A 209 -1.33 -32.02 18.50
CA CYS A 209 -0.97 -30.76 19.15
C CYS A 209 0.11 -31.04 20.17
N ILE A 210 1.26 -30.36 20.01
CA ILE A 210 2.40 -30.54 20.88
C ILE A 210 2.49 -29.26 21.72
N CYS A 211 2.38 -29.40 23.04
CA CYS A 211 2.04 -28.25 23.87
C CYS A 211 3.12 -27.96 24.90
N ARG A 212 2.78 -27.12 25.88
CA ARG A 212 3.72 -26.67 26.89
C ARG A 212 3.05 -27.01 28.22
N ASP A 213 3.72 -27.82 29.03
CA ASP A 213 3.30 -28.04 30.42
C ASP A 213 4.05 -27.02 31.26
N ASN A 214 3.34 -25.98 31.70
CA ASN A 214 3.96 -24.92 32.49
C ASN A 214 4.04 -25.21 34.00
N TRP A 215 3.40 -26.31 34.41
CA TRP A 215 3.34 -26.70 35.81
C TRP A 215 4.55 -27.53 36.23
N LYS A 216 4.72 -28.70 35.62
CA LYS A 216 5.71 -29.67 36.07
C LYS A 216 6.75 -30.14 35.04
N GLY A 217 6.28 -30.42 33.82
CA GLY A 217 7.03 -31.18 32.84
C GLY A 217 7.98 -30.41 31.94
N ALA A 218 9.18 -30.96 31.79
CA ALA A 218 10.17 -30.46 30.84
C ALA A 218 10.02 -31.26 29.55
N ASN A 219 9.29 -32.38 29.62
CA ASN A 219 8.77 -33.06 28.43
C ASN A 219 7.44 -32.43 27.99
N ARG A 220 7.15 -32.44 26.68
CA ARG A 220 5.96 -31.75 26.16
C ARG A 220 4.73 -32.65 26.07
N PRO A 221 3.57 -32.13 26.53
CA PRO A 221 2.31 -32.84 26.34
C PRO A 221 1.99 -32.96 24.86
N VAL A 222 1.31 -34.03 24.51
CA VAL A 222 0.84 -34.25 23.15
C VAL A 222 -0.64 -34.61 23.23
N ILE A 223 -1.47 -33.84 22.52
CA ILE A 223 -2.91 -34.06 22.42
C ILE A 223 -3.21 -34.56 21.00
N THR A 224 -3.89 -35.69 20.89
CA THR A 224 -4.24 -36.24 19.58
C THR A 224 -5.73 -36.09 19.37
N ILE A 225 -6.10 -35.41 18.29
CA ILE A 225 -7.50 -35.02 18.06
C ILE A 225 -8.03 -35.64 16.77
N ASP A 226 -9.18 -36.30 16.91
CA ASP A 226 -9.91 -36.76 15.74
C ASP A 226 -10.99 -35.73 15.36
N PRO A 227 -10.80 -34.96 14.25
CA PRO A 227 -11.75 -33.88 13.91
C PRO A 227 -13.06 -34.36 13.30
N GLU A 228 -13.14 -35.64 12.93
CA GLU A 228 -14.40 -36.23 12.42
C GLU A 228 -15.29 -36.69 13.59
N MET A 229 -14.73 -37.49 14.48
CA MET A 229 -15.43 -37.90 15.70
C MET A 229 -15.56 -36.78 16.76
N MET A 230 -14.70 -35.76 16.61
CA MET A 230 -14.54 -34.66 17.59
C MET A 230 -14.22 -35.16 19.00
N THR A 231 -13.19 -35.99 19.10
CA THR A 231 -12.73 -36.54 20.36
C THR A 231 -11.20 -36.44 20.41
N HIS A 232 -10.63 -36.51 21.61
CA HIS A 232 -9.19 -36.42 21.75
C HIS A 232 -8.67 -37.34 22.85
N THR A 233 -7.37 -37.58 22.78
CA THR A 233 -6.61 -38.21 23.87
C THR A 233 -5.40 -37.32 24.18
N SER A 234 -4.78 -37.52 25.33
CA SER A 234 -3.56 -36.79 25.70
C SER A 234 -2.56 -37.63 26.50
N LYS A 235 -1.28 -37.32 26.27
CA LYS A 235 -0.17 -37.87 27.06
C LYS A 235 1.04 -36.94 26.91
N TYR A 236 2.26 -37.47 27.12
CA TYR A 236 3.50 -36.73 26.93
C TYR A 236 4.32 -37.37 25.82
N LEU A 237 5.16 -36.57 25.17
CA LEU A 237 6.19 -37.09 24.27
C LEU A 237 7.02 -38.13 25.04
N CYS A 238 7.18 -39.32 24.47
CA CYS A 238 7.90 -40.43 25.16
C CYS A 238 9.42 -40.22 25.24
N SER A 239 10.00 -39.58 24.22
CA SER A 239 11.46 -39.47 24.09
C SER A 239 12.16 -38.90 25.33
N LYS A 240 13.34 -39.45 25.61
CA LYS A 240 14.26 -38.89 26.60
C LYS A 240 14.81 -37.51 26.20
N VAL A 241 14.67 -37.16 24.92
CA VAL A 241 15.12 -35.85 24.43
C VAL A 241 14.07 -34.81 24.84
N LEU A 242 14.36 -34.07 25.91
CA LEU A 242 13.41 -33.12 26.51
C LEU A 242 13.42 -31.81 25.72
N THR A 243 12.24 -31.23 25.46
CA THR A 243 12.19 -30.11 24.53
C THR A 243 11.51 -28.83 25.02
N ASP A 244 11.10 -28.81 26.29
CA ASP A 244 10.70 -27.53 26.90
C ASP A 244 11.92 -26.74 27.39
N THR A 245 11.71 -25.50 27.81
CA THR A 245 12.75 -24.64 28.39
C THR A 245 12.10 -23.89 29.56
N SER A 246 12.63 -23.98 30.78
CA SER A 246 13.88 -24.64 31.12
C SER A 246 13.72 -26.16 31.27
N ARG A 247 14.84 -26.88 31.18
CA ARG A 247 14.80 -28.33 31.30
C ARG A 247 16.10 -28.82 31.95
N PRO A 248 16.06 -30.02 32.58
CA PRO A 248 17.34 -30.55 33.06
C PRO A 248 18.09 -31.19 31.89
N ASN A 249 19.27 -31.78 32.14
CA ASN A 249 19.94 -32.63 31.14
C ASN A 249 19.00 -33.76 30.73
N ASP A 250 19.06 -34.20 29.47
CA ASP A 250 18.25 -35.35 29.02
C ASP A 250 18.55 -36.60 29.86
N PRO A 251 17.50 -37.29 30.34
CA PRO A 251 17.68 -38.52 31.12
C PRO A 251 17.93 -39.71 30.21
N THR A 252 18.18 -40.87 30.81
CA THR A 252 18.37 -42.09 30.04
C THR A 252 17.06 -42.59 29.43
N ASN A 253 15.93 -42.31 30.09
CA ASN A 253 14.60 -42.65 29.55
C ASN A 253 13.62 -41.49 29.74
N GLY A 254 12.79 -41.25 28.75
CA GLY A 254 11.69 -40.30 28.93
C GLY A 254 10.52 -40.96 29.65
N ASN A 255 9.38 -40.28 29.62
CA ASN A 255 8.16 -40.73 30.29
C ASN A 255 6.93 -40.32 29.46
N CYS A 256 6.20 -41.32 28.92
CA CYS A 256 5.03 -41.10 28.06
C CYS A 256 3.80 -40.57 28.81
N ASP A 257 3.75 -40.75 30.13
CA ASP A 257 2.49 -40.59 30.84
C ASP A 257 2.55 -39.77 32.11
N ALA A 258 3.66 -39.06 32.30
CA ALA A 258 3.86 -38.17 33.42
C ALA A 258 4.93 -37.15 33.07
N PRO A 259 4.83 -35.95 33.67
CA PRO A 259 5.84 -34.90 33.54
C PRO A 259 7.18 -35.27 34.18
N ILE A 260 8.26 -34.94 33.49
CA ILE A 260 9.61 -35.08 34.01
C ILE A 260 9.99 -33.70 34.51
N THR A 261 10.30 -33.61 35.80
CA THR A 261 10.53 -32.34 36.48
C THR A 261 12.00 -31.93 36.39
N GLY A 262 12.32 -30.72 36.86
CA GLY A 262 13.67 -30.21 36.77
C GLY A 262 13.81 -29.04 35.80
N GLY A 263 14.95 -28.37 35.87
CA GLY A 263 15.24 -27.22 35.03
C GLY A 263 15.03 -25.93 35.79
N SER A 264 15.77 -24.91 35.41
CA SER A 264 15.73 -23.61 36.07
C SER A 264 16.26 -22.54 35.12
N PRO A 265 15.74 -21.31 35.17
CA PRO A 265 14.71 -20.76 36.06
C PRO A 265 13.29 -20.64 35.49
N ASP A 266 13.08 -21.02 34.21
CA ASP A 266 11.79 -20.80 33.49
C ASP A 266 10.91 -22.06 33.53
N PRO A 267 9.58 -21.91 33.77
CA PRO A 267 8.65 -23.04 33.75
C PRO A 267 8.25 -23.55 32.36
N GLY A 268 8.50 -22.78 31.31
CA GLY A 268 8.12 -23.23 29.97
C GLY A 268 8.31 -22.23 28.85
N VAL A 269 8.17 -22.77 27.64
CA VAL A 269 8.20 -21.99 26.38
C VAL A 269 7.31 -22.73 25.38
N LYS A 270 6.59 -21.98 24.55
CA LYS A 270 5.85 -22.61 23.43
C LYS A 270 6.84 -23.28 22.45
N GLY A 271 6.52 -24.50 22.04
CA GLY A 271 7.38 -25.26 21.09
C GLY A 271 6.52 -26.19 20.27
N PHE A 272 7.16 -27.12 19.57
CA PHE A 272 6.43 -27.99 18.63
C PHE A 272 7.27 -29.23 18.32
N ALA A 273 6.63 -30.18 17.62
CA ALA A 273 7.26 -31.35 17.03
C ALA A 273 6.38 -31.94 15.93
N PHE A 274 6.98 -32.68 15.01
CA PHE A 274 6.27 -33.43 13.99
C PHE A 274 6.56 -34.89 14.33
N LEU A 275 5.48 -35.63 14.54
CA LEU A 275 5.58 -37.00 15.04
C LEU A 275 4.99 -37.96 14.02
N ASP A 276 5.87 -38.77 13.43
CA ASP A 276 5.48 -39.61 12.30
C ASP A 276 6.40 -40.83 12.21
N GLY A 277 6.40 -41.64 13.26
CA GLY A 277 7.24 -42.84 13.32
C GLY A 277 8.72 -42.51 13.14
N GLU A 278 9.37 -43.16 12.16
CA GLU A 278 10.79 -42.88 11.89
C GLU A 278 11.00 -41.44 11.40
N ASN A 279 9.96 -40.89 10.76
CA ASN A 279 9.95 -39.52 10.23
C ASN A 279 9.57 -38.46 11.28
N SER A 280 10.24 -38.46 12.43
CA SER A 280 9.85 -37.57 13.54
C SER A 280 10.94 -36.55 13.82
N TRP A 281 10.53 -35.29 14.00
CA TRP A 281 11.46 -34.20 14.31
C TRP A 281 10.99 -33.40 15.51
N LEU A 282 11.91 -33.13 16.44
CA LEU A 282 11.70 -32.28 17.63
C LEU A 282 12.51 -31.00 17.54
N GLY A 283 11.85 -29.87 17.74
CA GLY A 283 12.58 -28.61 17.91
C GLY A 283 12.81 -28.30 19.40
N ARG A 284 13.90 -27.61 19.70
CA ARG A 284 14.06 -27.04 21.04
C ARG A 284 15.08 -25.93 21.01
N THR A 285 15.07 -25.09 22.04
CA THR A 285 16.16 -24.13 22.24
C THR A 285 17.45 -24.93 22.49
N ILE A 286 18.60 -24.36 22.10
CA ILE A 286 19.87 -25.05 22.36
C ILE A 286 20.23 -25.03 23.85
N SER A 287 20.09 -23.86 24.48
CA SER A 287 20.26 -23.76 25.91
C SER A 287 19.13 -24.50 26.63
N LYS A 288 19.51 -25.27 27.66
CA LYS A 288 18.58 -25.92 28.59
C LYS A 288 17.90 -24.95 29.56
N ASP A 289 18.54 -23.79 29.77
CA ASP A 289 18.08 -22.81 30.78
C ASP A 289 17.24 -21.70 30.18
N SER A 290 17.72 -21.18 29.05
CA SER A 290 17.25 -19.91 28.48
C SER A 290 16.72 -20.05 27.05
N ARG A 291 15.96 -19.06 26.63
CA ARG A 291 15.45 -18.97 25.27
C ARG A 291 16.54 -18.46 24.33
N SER A 292 17.58 -19.26 24.19
CA SER A 292 18.60 -18.93 23.21
C SER A 292 18.91 -20.14 22.32
N GLY A 293 19.21 -19.82 21.07
CA GLY A 293 19.54 -20.84 20.09
C GLY A 293 18.30 -21.63 19.72
N TYR A 294 18.40 -22.37 18.63
CA TYR A 294 17.32 -23.27 18.23
C TYR A 294 17.90 -24.38 17.39
N GLU A 295 17.47 -25.61 17.67
CA GLU A 295 17.96 -26.79 16.94
C GLU A 295 16.80 -27.70 16.56
N MET A 296 16.91 -28.34 15.39
CA MET A 296 15.97 -29.38 14.97
C MET A 296 16.69 -30.72 15.12
N LEU A 297 16.04 -31.66 15.80
CA LEU A 297 16.60 -32.99 16.03
C LEU A 297 15.69 -34.08 15.46
N LYS A 298 16.25 -34.94 14.63
CA LYS A 298 15.46 -36.05 14.08
C LYS A 298 15.53 -37.21 15.07
N VAL A 299 14.38 -37.52 15.66
CA VAL A 299 14.29 -38.48 16.75
C VAL A 299 13.25 -39.55 16.39
N PRO A 300 13.70 -40.60 15.67
CA PRO A 300 12.79 -41.65 15.23
C PRO A 300 11.99 -42.23 16.42
N ASN A 301 10.66 -42.33 16.24
CA ASN A 301 9.77 -42.91 17.26
C ASN A 301 9.73 -42.14 18.60
N ALA A 302 9.97 -40.83 18.52
CA ALA A 302 9.91 -39.94 19.68
C ALA A 302 8.56 -40.05 20.41
N GLU A 303 7.50 -40.34 19.65
CA GLU A 303 6.15 -40.40 20.21
C GLU A 303 5.87 -41.67 21.03
N THR A 304 6.70 -42.69 20.86
CA THR A 304 6.36 -44.00 21.40
C THR A 304 7.51 -44.69 22.15
N ASP A 305 8.74 -44.26 21.90
CA ASP A 305 9.91 -44.92 22.49
C ASP A 305 10.62 -44.03 23.52
N ILE A 306 10.58 -44.45 24.79
CA ILE A 306 11.23 -43.67 25.86
C ILE A 306 12.74 -43.53 25.71
N GLN A 307 13.36 -44.47 24.99
CA GLN A 307 14.81 -44.51 24.80
C GLN A 307 15.25 -43.79 23.51
N SER A 308 14.28 -43.28 22.75
CA SER A 308 14.56 -42.62 21.46
C SER A 308 15.47 -41.40 21.57
N GLY A 309 16.53 -41.42 20.77
CA GLY A 309 17.47 -40.29 20.67
C GLY A 309 17.67 -39.80 19.24
N PRO A 310 18.41 -38.70 19.07
CA PRO A 310 18.58 -38.08 17.75
C PRO A 310 19.51 -38.87 16.85
N ILE A 311 19.18 -38.87 15.55
CA ILE A 311 20.02 -39.46 14.52
C ILE A 311 20.53 -38.41 13.53
N SER A 312 20.04 -37.19 13.67
CA SER A 312 20.54 -36.04 12.89
C SER A 312 20.13 -34.74 13.56
N ASN A 313 20.78 -33.67 13.16
CA ASN A 313 20.53 -32.36 13.74
C ASN A 313 20.65 -31.27 12.69
N GLN A 314 19.96 -30.16 12.92
CA GLN A 314 20.20 -28.95 12.15
C GLN A 314 20.12 -27.76 13.10
N VAL A 315 21.21 -27.00 13.23
CA VAL A 315 21.14 -25.73 13.97
C VAL A 315 20.38 -24.68 13.14
N ILE A 316 19.29 -24.15 13.71
CA ILE A 316 18.45 -23.14 13.06
C ILE A 316 18.87 -21.71 13.48
N VAL A 317 19.22 -21.55 14.75
CA VAL A 317 19.68 -20.28 15.31
C VAL A 317 20.82 -20.65 16.25
N ASN A 318 22.00 -20.07 16.06
CA ASN A 318 23.14 -20.47 16.92
C ASN A 318 22.93 -20.09 18.39
N ASN A 319 23.63 -20.76 19.30
CA ASN A 319 23.39 -20.53 20.74
C ASN A 319 23.95 -19.19 21.27
N GLN A 320 24.54 -18.37 20.40
CA GLN A 320 24.94 -17.00 20.81
C GLN A 320 23.84 -16.00 20.49
N ASN A 321 22.71 -16.52 20.00
CA ASN A 321 21.58 -15.67 19.63
C ASN A 321 20.26 -16.07 20.30
N TRP A 322 19.42 -15.07 20.54
CA TRP A 322 18.13 -15.24 21.17
C TRP A 322 17.10 -15.89 20.24
N SER A 323 16.34 -16.82 20.80
CA SER A 323 15.20 -17.38 20.12
C SER A 323 13.93 -16.94 20.88
N GLY A 324 13.03 -17.88 21.14
CA GLY A 324 11.70 -17.52 21.69
C GLY A 324 10.73 -18.64 21.41
N TYR A 325 9.45 -18.30 21.24
CA TYR A 325 8.43 -19.29 20.88
C TYR A 325 8.72 -19.92 19.53
N SER A 326 8.20 -21.12 19.33
CA SER A 326 8.24 -21.79 18.02
C SER A 326 6.95 -22.58 17.82
N GLY A 327 6.57 -22.79 16.57
CA GLY A 327 5.32 -23.52 16.31
C GLY A 327 5.26 -24.10 14.93
N ALA A 328 4.24 -24.93 14.73
CA ALA A 328 4.06 -25.69 13.52
C ALA A 328 3.08 -24.98 12.58
N PHE A 329 3.33 -25.11 11.27
CA PHE A 329 2.30 -24.88 10.25
C PHE A 329 2.61 -25.70 9.01
N ILE A 330 1.63 -25.86 8.15
CA ILE A 330 1.81 -26.54 6.87
C ILE A 330 1.04 -25.78 5.79
N ASP A 331 1.62 -25.72 4.60
CA ASP A 331 0.85 -25.29 3.44
C ASP A 331 0.03 -26.48 2.91
N TYR A 332 -1.17 -26.68 3.49
CA TYR A 332 -2.08 -27.79 3.14
C TYR A 332 -2.57 -27.75 1.70
N TRP A 333 -2.30 -26.64 1.02
CA TRP A 333 -2.80 -26.43 -0.35
C TRP A 333 -1.66 -26.52 -1.39
N ALA A 334 -0.48 -26.95 -0.95
CA ALA A 334 0.62 -27.18 -1.90
C ALA A 334 0.25 -28.26 -2.95
N ASN A 335 0.91 -28.19 -4.09
CA ASN A 335 0.72 -29.16 -5.14
C ASN A 335 1.70 -30.33 -4.89
N LYS A 336 1.33 -31.15 -3.91
CA LYS A 336 2.12 -32.29 -3.46
C LYS A 336 1.20 -33.40 -2.98
N GLU A 337 1.69 -34.63 -3.01
CA GLU A 337 0.92 -35.80 -2.58
C GLU A 337 0.95 -36.00 -1.06
N CYS A 338 1.82 -35.24 -0.40
CA CYS A 338 2.00 -35.30 1.05
C CYS A 338 2.00 -33.87 1.60
N PHE A 339 1.74 -33.73 2.89
CA PHE A 339 1.81 -32.46 3.63
C PHE A 339 3.23 -32.25 4.14
N ASN A 340 3.86 -31.18 3.70
CA ASN A 340 5.24 -30.93 4.10
C ASN A 340 5.32 -30.11 5.40
N PRO A 341 5.91 -30.68 6.47
CA PRO A 341 6.08 -29.89 7.71
C PRO A 341 6.79 -28.54 7.52
N CYS A 342 6.25 -27.49 8.14
CA CYS A 342 6.98 -26.23 8.28
C CYS A 342 6.95 -25.80 9.74
N PHE A 343 7.87 -24.92 10.10
CA PHE A 343 7.85 -24.30 11.44
C PHE A 343 8.40 -22.86 11.40
N TYR A 344 8.16 -22.12 12.48
CA TYR A 344 8.79 -20.82 12.64
C TYR A 344 9.48 -20.78 14.00
N VAL A 345 10.42 -19.85 14.15
CA VAL A 345 11.01 -19.48 15.42
C VAL A 345 10.84 -17.97 15.60
N GLU A 346 10.31 -17.60 16.75
CA GLU A 346 10.24 -16.20 17.17
C GLU A 346 11.61 -15.78 17.68
N LEU A 347 12.15 -14.67 17.16
CA LEU A 347 13.48 -14.23 17.53
C LEU A 347 13.30 -13.00 18.42
N ILE A 348 13.26 -13.22 19.74
CA ILE A 348 12.95 -12.14 20.68
C ILE A 348 14.16 -11.21 20.90
N ARG A 349 13.94 -9.92 20.76
CA ARG A 349 14.93 -8.90 21.13
C ARG A 349 14.41 -7.99 22.24
N GLY A 350 15.34 -7.41 23.00
CA GLY A 350 15.00 -6.47 24.06
C GLY A 350 14.80 -7.22 25.36
N ARG A 351 13.87 -6.71 26.19
CA ARG A 351 13.67 -7.24 27.55
C ARG A 351 13.03 -8.64 27.62
N PRO A 352 13.35 -9.42 28.67
CA PRO A 352 14.27 -9.12 29.79
C PRO A 352 15.77 -9.39 29.53
N LYS A 353 16.11 -10.14 28.48
CA LYS A 353 17.49 -10.56 28.28
C LYS A 353 18.42 -9.41 27.83
N GLU A 354 17.85 -8.43 27.13
CA GLU A 354 18.59 -7.27 26.67
C GLU A 354 17.99 -6.03 27.32
N SER A 355 18.49 -5.72 28.51
CA SER A 355 17.88 -4.70 29.37
C SER A 355 18.32 -3.25 29.02
N SER A 356 19.20 -3.08 28.04
CA SER A 356 19.72 -1.77 27.66
C SER A 356 18.70 -1.00 26.82
N VAL A 357 17.62 -1.67 26.45
CA VAL A 357 16.49 -0.99 25.79
C VAL A 357 15.24 -1.11 26.67
N LEU A 358 14.21 -0.33 26.36
CA LEU A 358 13.00 -0.24 27.17
C LEU A 358 11.86 -1.17 26.68
N TRP A 359 12.10 -1.81 25.53
CA TRP A 359 11.05 -2.55 24.81
C TRP A 359 11.32 -4.05 24.72
N THR A 360 10.31 -4.79 24.27
CA THR A 360 10.42 -6.20 23.91
C THR A 360 9.71 -6.35 22.57
N SER A 361 10.40 -6.96 21.61
CA SER A 361 9.77 -7.29 20.33
C SER A 361 10.40 -8.57 19.76
N ASN A 362 10.16 -8.83 18.48
CA ASN A 362 10.75 -9.98 17.81
C ASN A 362 10.81 -9.80 16.30
N SER A 363 11.57 -10.68 15.65
CA SER A 363 11.40 -10.92 14.23
C SER A 363 11.07 -12.41 14.05
N ILE A 364 10.96 -12.84 12.80
CA ILE A 364 10.49 -14.19 12.45
C ILE A 364 11.45 -14.86 11.45
N VAL A 365 11.67 -16.17 11.63
CA VAL A 365 12.23 -17.01 10.58
C VAL A 365 11.33 -18.26 10.46
N ALA A 366 11.18 -18.76 9.24
CA ALA A 366 10.36 -19.92 8.96
C ALA A 366 11.08 -20.83 7.96
N LEU A 367 10.96 -22.14 8.19
CA LEU A 367 11.59 -23.17 7.36
C LEU A 367 10.61 -24.31 7.11
N CYS A 368 10.81 -25.03 6.02
CA CYS A 368 9.98 -26.22 5.71
C CYS A 368 10.88 -27.41 5.42
N GLY A 369 10.31 -28.60 5.44
CA GLY A 369 11.07 -29.83 5.18
C GLY A 369 11.64 -29.96 3.77
N SER A 370 12.76 -30.67 3.70
CA SER A 370 13.30 -31.16 2.45
C SER A 370 13.64 -32.65 2.58
N LYS A 371 13.46 -33.39 1.50
CA LYS A 371 13.94 -34.77 1.40
C LYS A 371 15.43 -34.77 1.07
N LYS A 372 15.94 -33.66 0.52
CA LYS A 372 17.37 -33.52 0.26
C LYS A 372 18.17 -33.32 1.57
N ARG A 373 19.49 -33.45 1.46
CA ARG A 373 20.41 -33.14 2.55
C ARG A 373 20.99 -31.76 2.26
N LEU A 374 20.37 -30.74 2.84
CA LEU A 374 20.77 -29.36 2.55
C LEU A 374 21.71 -28.88 3.63
N GLY A 375 22.70 -28.09 3.23
CA GLY A 375 23.56 -27.40 4.18
C GLY A 375 22.75 -26.40 4.96
N SER A 376 23.33 -25.90 6.05
CA SER A 376 22.59 -24.95 6.90
C SER A 376 23.48 -23.88 7.51
N TRP A 377 22.89 -22.73 7.83
CA TRP A 377 23.52 -21.77 8.73
C TRP A 377 22.48 -21.16 9.67
N SER A 378 22.96 -20.34 10.59
CA SER A 378 22.14 -19.71 11.61
C SER A 378 21.33 -18.55 11.04
N TRP A 379 20.02 -18.58 11.29
CA TRP A 379 19.07 -17.54 10.84
C TRP A 379 18.67 -16.64 12.03
N HIS A 380 19.66 -16.11 12.74
CA HIS A 380 19.39 -15.26 13.89
C HIS A 380 18.78 -13.92 13.47
N ASP A 381 18.32 -13.16 14.44
CA ASP A 381 17.64 -11.90 14.17
C ASP A 381 18.47 -10.91 13.31
N GLY A 382 19.70 -10.66 13.72
CA GLY A 382 20.57 -9.81 12.92
C GLY A 382 20.68 -8.33 13.30
N ALA A 383 19.87 -7.86 14.25
CA ALA A 383 19.96 -6.45 14.68
C ALA A 383 21.07 -6.27 15.70
N GLU A 384 21.65 -5.07 15.73
CA GLU A 384 22.65 -4.70 16.74
C GLU A 384 21.97 -3.89 17.84
N ILE A 385 21.86 -4.47 19.02
CA ILE A 385 21.15 -3.80 20.09
C ILE A 385 21.78 -2.41 20.41
N ILE A 386 23.07 -2.27 20.16
CA ILE A 386 23.78 -1.00 20.44
C ILE A 386 23.16 0.15 19.66
N TYR A 387 22.66 -0.16 18.46
CA TYR A 387 22.07 0.84 17.60
C TYR A 387 20.80 1.44 18.20
N PHE A 388 20.20 0.74 19.15
CA PHE A 388 18.94 1.14 19.80
C PHE A 388 19.18 1.81 21.17
N GLU A 389 20.46 1.96 21.53
CA GLU A 389 20.84 2.54 22.81
C GLU A 389 21.07 4.04 22.63
N ARG B 1 -2.56 -16.84 -19.66
CA ARG B 1 -3.42 -17.98 -20.05
C ARG B 1 -2.66 -19.14 -20.73
N THR B 2 -1.46 -18.89 -21.27
CA THR B 2 -0.71 -19.87 -22.05
C THR B 2 0.82 -19.81 -21.79
N PHE B 3 1.52 -20.93 -21.95
CA PHE B 3 3.00 -20.90 -21.88
C PHE B 3 3.57 -20.02 -23.00
N LEU B 4 4.47 -19.11 -22.63
CA LEU B 4 5.22 -18.33 -23.60
C LEU B 4 6.04 -19.21 -24.56
N ASN B 5 5.94 -18.90 -25.85
CA ASN B 5 6.80 -19.52 -26.86
C ASN B 5 7.71 -18.46 -27.47
N LEU B 6 8.97 -18.79 -27.67
CA LEU B 6 9.99 -17.82 -28.12
C LEU B 6 10.02 -17.68 -29.64
N THR B 7 8.84 -17.58 -30.22
CA THR B 7 8.70 -17.70 -31.68
C THR B 7 9.20 -16.48 -32.45
N LYS B 8 9.05 -15.30 -31.86
CA LYS B 8 9.28 -14.04 -32.56
C LYS B 8 10.78 -13.73 -32.73
N PRO B 9 11.14 -12.99 -33.81
CA PRO B 9 12.54 -12.55 -33.96
C PRO B 9 12.82 -11.30 -33.09
N LEU B 10 14.10 -10.96 -32.89
CA LEU B 10 14.43 -9.68 -32.23
C LEU B 10 14.05 -8.49 -33.13
N CYS B 11 13.53 -7.43 -32.52
CA CYS B 11 13.27 -6.18 -33.25
C CYS B 11 14.57 -5.55 -33.68
N GLU B 12 14.53 -4.82 -34.79
CA GLU B 12 15.63 -3.94 -35.20
C GLU B 12 15.87 -2.84 -34.15
N VAL B 13 17.13 -2.64 -33.81
CA VAL B 13 17.51 -1.60 -32.82
C VAL B 13 18.57 -0.64 -33.38
N ASN B 14 18.22 0.65 -33.40
CA ASN B 14 19.10 1.70 -33.85
C ASN B 14 19.53 2.71 -32.76
N SER B 15 18.75 2.79 -31.68
CA SER B 15 19.08 3.62 -30.50
C SER B 15 18.27 3.07 -29.32
N TRP B 16 18.44 3.66 -28.13
CA TRP B 16 17.80 3.13 -26.92
C TRP B 16 16.94 4.22 -26.28
N HIS B 17 15.68 3.89 -25.96
CA HIS B 17 14.81 4.86 -25.28
C HIS B 17 14.69 4.54 -23.79
N ILE B 18 14.49 5.57 -22.96
CA ILE B 18 14.31 5.38 -21.51
C ILE B 18 13.01 4.58 -21.22
N LEU B 19 13.11 3.54 -20.38
CA LEU B 19 11.94 2.75 -19.94
C LEU B 19 11.56 3.09 -18.51
N SER B 20 12.53 3.02 -17.60
CA SER B 20 12.26 3.29 -16.20
C SER B 20 13.53 3.74 -15.46
N LYS B 21 13.32 4.43 -14.35
CA LYS B 21 14.41 4.85 -13.45
C LYS B 21 13.79 5.05 -12.09
N ASP B 22 14.38 4.46 -11.06
CA ASP B 22 13.73 4.50 -9.75
C ASP B 22 14.28 5.57 -8.80
N ASN B 23 15.46 6.10 -9.09
CA ASN B 23 16.04 7.19 -8.28
C ASN B 23 16.07 6.81 -6.79
N ALA B 24 16.39 5.54 -6.51
CA ALA B 24 16.23 5.01 -5.15
C ALA B 24 17.09 5.71 -4.08
N ILE B 25 18.32 6.08 -4.47
CA ILE B 25 19.28 6.69 -3.51
C ILE B 25 18.87 8.11 -3.17
N ARG B 26 18.52 8.88 -4.19
CA ARG B 26 17.97 10.23 -3.99
C ARG B 26 16.76 10.21 -3.01
N ILE B 27 15.79 9.35 -3.33
CA ILE B 27 14.56 9.22 -2.53
C ILE B 27 14.87 8.70 -1.11
N GLY B 28 15.71 7.67 -1.04
CA GLY B 28 16.07 6.98 0.22
C GLY B 28 16.95 7.77 1.17
N GLU B 29 17.48 8.91 0.71
CA GLU B 29 18.12 9.86 1.61
C GLU B 29 17.16 10.30 2.73
N ASP B 30 15.86 10.29 2.46
CA ASP B 30 14.89 10.70 3.46
C ASP B 30 13.74 9.70 3.70
N ALA B 31 13.28 9.04 2.65
CA ALA B 31 12.21 8.07 2.78
C ALA B 31 12.75 6.70 3.19
N HIS B 32 11.86 5.79 3.58
CA HIS B 32 12.27 4.46 4.05
C HIS B 32 12.52 3.55 2.82
N ILE B 33 13.77 3.48 2.36
CA ILE B 33 14.13 2.74 1.14
C ILE B 33 15.13 1.68 1.55
N LEU B 34 14.89 0.45 1.11
CA LEU B 34 15.75 -0.69 1.48
C LEU B 34 17.11 -0.57 0.77
N VAL B 35 18.18 -0.96 1.48
CA VAL B 35 19.48 -1.20 0.85
C VAL B 35 19.40 -2.44 -0.05
N THR B 36 19.88 -2.32 -1.28
CA THR B 36 19.87 -3.41 -2.26
C THR B 36 21.23 -3.51 -2.96
N ARG B 37 21.36 -4.50 -3.84
CA ARG B 37 22.39 -4.59 -4.92
C ARG B 37 21.95 -5.74 -5.81
N GLU B 38 22.63 -5.97 -6.94
CA GLU B 38 22.27 -7.06 -7.87
C GLU B 38 20.80 -6.97 -8.36
N PRO B 39 20.41 -5.81 -8.92
CA PRO B 39 19.02 -5.60 -9.38
C PRO B 39 18.84 -6.14 -10.78
N TYR B 40 17.58 -6.29 -11.18
CA TYR B 40 17.23 -6.57 -12.56
C TYR B 40 15.75 -6.25 -12.78
N LEU B 41 15.25 -6.55 -13.97
CA LEU B 41 13.82 -6.41 -14.27
C LEU B 41 13.37 -7.70 -14.92
N SER B 42 12.11 -8.04 -14.75
CA SER B 42 11.49 -9.20 -15.41
C SER B 42 10.02 -8.87 -15.61
N CYS B 43 9.48 -9.30 -16.74
CA CYS B 43 8.08 -9.01 -17.08
C CYS B 43 7.20 -10.26 -17.06
N ASP B 44 5.90 -10.02 -17.13
CA ASP B 44 4.89 -11.07 -17.16
C ASP B 44 3.74 -10.54 -18.04
N PRO B 45 2.68 -11.35 -18.30
CA PRO B 45 1.59 -10.92 -19.19
C PRO B 45 0.96 -9.58 -18.81
N GLN B 46 1.06 -9.20 -17.53
CA GLN B 46 0.43 -7.97 -17.02
C GLN B 46 1.35 -6.74 -17.04
N GLY B 47 2.63 -6.94 -16.84
CA GLY B 47 3.55 -5.79 -16.81
C GLY B 47 4.94 -6.20 -16.38
N CYS B 48 5.78 -5.19 -16.09
CA CYS B 48 7.18 -5.46 -15.75
C CYS B 48 7.43 -5.02 -14.31
N ARG B 49 8.35 -5.72 -13.64
CA ARG B 49 8.66 -5.44 -12.24
C ARG B 49 10.17 -5.31 -12.07
N MET B 50 10.57 -4.53 -11.07
CA MET B 50 11.96 -4.45 -10.68
C MET B 50 12.24 -5.49 -9.61
N PHE B 51 13.45 -6.04 -9.63
CA PHE B 51 13.91 -7.07 -8.69
C PHE B 51 15.29 -6.67 -8.12
N ALA B 52 15.60 -7.06 -6.90
CA ALA B 52 16.97 -6.89 -6.37
C ALA B 52 17.16 -7.73 -5.11
N LEU B 53 18.41 -7.90 -4.69
CA LEU B 53 18.66 -8.54 -3.41
C LEU B 53 18.68 -7.46 -2.31
N SER B 54 17.65 -7.45 -1.48
CA SER B 54 17.67 -6.60 -0.28
C SER B 54 18.82 -7.01 0.65
N GLN B 55 19.29 -6.04 1.44
CA GLN B 55 20.19 -6.28 2.58
C GLN B 55 19.47 -6.32 3.94
N GLY B 56 18.14 -6.23 3.94
CA GLY B 56 17.37 -6.35 5.19
C GLY B 56 17.59 -5.20 6.15
N THR B 57 17.61 -3.99 5.60
CA THR B 57 17.79 -2.72 6.33
C THR B 57 17.43 -1.60 5.38
N THR B 58 17.01 -0.45 5.92
CA THR B 58 16.88 0.76 5.10
C THR B 58 18.23 1.45 4.93
N LEU B 59 18.28 2.36 3.96
CA LEU B 59 19.51 3.05 3.58
C LEU B 59 20.01 4.03 4.66
N ARG B 60 19.08 4.73 5.30
CA ARG B 60 19.39 5.68 6.39
C ARG B 60 19.48 4.99 7.75
N GLY B 61 19.13 3.71 7.78
CA GLY B 61 19.20 2.91 9.02
C GLY B 61 20.64 2.64 9.44
N ARG B 62 20.86 2.49 10.74
CA ARG B 62 22.19 2.17 11.26
C ARG B 62 22.68 0.82 10.76
N HIS B 63 21.75 -0.10 10.44
CA HIS B 63 22.16 -1.40 9.87
C HIS B 63 22.67 -1.32 8.43
N ALA B 64 22.58 -0.16 7.79
CA ALA B 64 23.17 -0.02 6.44
C ALA B 64 24.70 -0.10 6.54
N ASN B 65 25.21 0.14 7.74
CA ASN B 65 26.65 -0.01 7.99
C ASN B 65 27.12 -1.46 7.79
N GLY B 66 28.05 -1.63 6.86
CA GLY B 66 28.67 -2.94 6.56
C GLY B 66 28.04 -3.66 5.36
N THR B 67 27.15 -2.97 4.65
CA THR B 67 26.44 -3.56 3.51
C THR B 67 27.26 -3.72 2.22
N ILE B 68 28.56 -3.43 2.28
CA ILE B 68 29.45 -3.89 1.20
C ILE B 68 29.47 -5.44 1.13
N HIS B 69 29.23 -6.09 2.27
CA HIS B 69 29.30 -7.54 2.41
C HIS B 69 28.20 -8.19 1.53
N ASP B 70 28.61 -9.17 0.72
CA ASP B 70 27.71 -9.81 -0.27
C ASP B 70 26.73 -10.86 0.28
N ARG B 71 27.15 -11.61 1.29
CA ARG B 71 26.31 -12.75 1.71
C ARG B 71 26.01 -12.72 3.21
N SER B 72 24.72 -12.75 3.55
CA SER B 72 24.27 -12.78 4.95
C SER B 72 22.91 -13.48 5.04
N PRO B 73 22.52 -13.89 6.25
CA PRO B 73 21.18 -14.44 6.45
C PRO B 73 20.07 -13.40 6.36
N PHE B 74 20.43 -12.12 6.13
CA PHE B 74 19.44 -11.01 6.14
C PHE B 74 19.05 -10.51 4.75
N ARG B 75 19.58 -11.18 3.74
CA ARG B 75 19.28 -10.84 2.35
C ARG B 75 18.11 -11.66 1.80
N ALA B 76 17.40 -11.08 0.84
CA ALA B 76 16.24 -11.72 0.20
C ALA B 76 16.02 -11.16 -1.21
N LEU B 77 15.49 -11.96 -2.13
CA LEU B 77 15.09 -11.39 -3.41
C LEU B 77 13.78 -10.72 -3.17
N ILE B 78 13.70 -9.44 -3.54
CA ILE B 78 12.45 -8.67 -3.50
C ILE B 78 12.08 -8.19 -4.90
N SER B 79 10.78 -7.96 -5.12
CA SER B 79 10.30 -7.42 -6.39
C SER B 79 9.30 -6.33 -6.06
N TRP B 80 9.14 -5.41 -7.01
CA TRP B 80 8.24 -4.28 -6.83
C TRP B 80 7.84 -3.69 -8.18
N GLU B 81 6.79 -2.88 -8.19
CA GLU B 81 6.25 -2.31 -9.42
C GLU B 81 7.29 -1.42 -10.09
N MET B 82 7.52 -1.64 -11.38
CA MET B 82 8.58 -0.95 -12.11
C MET B 82 8.44 0.57 -11.97
N GLY B 83 9.55 1.21 -11.57
CA GLY B 83 9.57 2.67 -11.47
C GLY B 83 9.56 3.18 -10.04
N GLN B 84 8.83 2.51 -9.14
CA GLN B 84 8.92 2.85 -7.72
C GLN B 84 10.30 2.47 -7.17
N ALA B 85 10.68 3.11 -6.07
CA ALA B 85 11.88 2.73 -5.32
C ALA B 85 11.48 1.62 -4.32
N PRO B 86 12.43 0.73 -3.95
CA PRO B 86 12.08 -0.38 -3.06
C PRO B 86 12.02 0.00 -1.58
N SER B 87 10.80 -0.01 -1.02
CA SER B 87 10.62 0.27 0.42
C SER B 87 10.15 -1.02 1.13
N PRO B 88 10.18 -1.02 2.48
CA PRO B 88 9.58 -2.12 3.24
C PRO B 88 8.07 -2.26 3.01
N TYR B 89 7.44 -1.25 2.42
CA TYR B 89 5.97 -1.18 2.26
C TYR B 89 5.43 -1.59 0.88
N ASN B 90 6.28 -1.61 -0.15
CA ASN B 90 5.80 -1.88 -1.52
C ASN B 90 6.52 -3.05 -2.18
N THR B 91 7.22 -3.88 -1.39
CA THR B 91 8.08 -4.93 -1.97
C THR B 91 7.54 -6.33 -1.64
N ARG B 92 7.59 -7.23 -2.61
CA ARG B 92 7.24 -8.64 -2.40
C ARG B 92 8.51 -9.47 -2.21
N VAL B 93 8.58 -10.26 -1.12
CA VAL B 93 9.70 -11.18 -0.94
C VAL B 93 9.45 -12.45 -1.80
N GLU B 94 10.34 -12.64 -2.77
CA GLU B 94 10.26 -13.70 -3.76
C GLU B 94 10.88 -15.00 -3.19
N CYS B 95 11.95 -14.84 -2.39
CA CYS B 95 12.66 -15.95 -1.78
C CYS B 95 13.79 -15.38 -0.91
N ILE B 96 14.37 -16.23 -0.08
CA ILE B 96 15.39 -15.79 0.87
C ILE B 96 16.78 -16.24 0.37
N GLY B 97 17.73 -15.30 0.33
CA GLY B 97 19.10 -15.61 -0.08
C GLY B 97 19.86 -14.45 -0.69
N TRP B 98 21.00 -14.79 -1.30
CA TRP B 98 22.01 -13.78 -1.68
C TRP B 98 22.53 -13.98 -3.12
N SER B 99 21.83 -14.81 -3.89
CA SER B 99 22.01 -14.92 -5.35
C SER B 99 20.68 -15.37 -5.88
N SER B 100 20.29 -14.86 -7.05
CA SER B 100 18.94 -15.13 -7.55
C SER B 100 18.79 -15.07 -9.06
N THR B 101 17.70 -15.66 -9.51
CA THR B 101 17.14 -15.42 -10.83
C THR B 101 15.62 -15.51 -10.73
N SER B 102 14.93 -15.00 -11.75
CA SER B 102 13.47 -15.08 -11.81
C SER B 102 13.02 -14.99 -13.26
N CYS B 103 11.93 -15.68 -13.59
CA CYS B 103 11.27 -15.51 -14.89
C CYS B 103 9.83 -16.03 -14.87
N HIS B 104 9.03 -15.51 -15.81
CA HIS B 104 7.64 -15.92 -15.93
C HIS B 104 7.48 -16.79 -17.18
N ASP B 105 6.81 -17.93 -17.04
CA ASP B 105 6.65 -18.81 -18.21
C ASP B 105 5.39 -18.54 -19.02
N GLY B 106 4.65 -17.50 -18.64
CA GLY B 106 3.37 -17.18 -19.31
C GLY B 106 2.19 -17.53 -18.43
N MET B 107 2.37 -18.54 -17.60
CA MET B 107 1.40 -18.97 -16.59
C MET B 107 1.70 -18.41 -15.19
N SER B 108 2.91 -18.71 -14.70
CA SER B 108 3.33 -18.27 -13.38
C SER B 108 4.81 -17.92 -13.35
N ARG B 109 5.22 -17.27 -12.25
CA ARG B 109 6.61 -16.84 -12.04
C ARG B 109 7.43 -17.88 -11.27
N MET B 110 8.60 -18.20 -11.80
CA MET B 110 9.57 -19.00 -11.07
C MET B 110 10.60 -18.05 -10.48
N SER B 111 10.93 -18.25 -9.20
CA SER B 111 12.02 -17.49 -8.56
C SER B 111 12.93 -18.43 -7.83
N ILE B 112 14.24 -18.19 -7.95
CA ILE B 112 15.24 -19.04 -7.31
C ILE B 112 16.19 -18.18 -6.49
N CYS B 113 16.43 -18.59 -5.23
CA CYS B 113 17.42 -17.95 -4.35
C CYS B 113 18.36 -18.98 -3.78
N MET B 114 19.65 -18.67 -3.76
CA MET B 114 20.65 -19.47 -3.05
C MET B 114 20.89 -18.84 -1.70
N SER B 115 21.04 -19.65 -0.67
CA SER B 115 21.41 -19.11 0.63
C SER B 115 22.28 -20.12 1.39
N GLY B 116 22.78 -19.72 2.55
CA GLY B 116 23.56 -20.63 3.39
C GLY B 116 25.03 -20.23 3.43
N PRO B 117 25.87 -21.08 4.07
CA PRO B 117 27.29 -20.76 4.20
C PRO B 117 28.02 -21.05 2.87
N ASN B 118 29.21 -20.48 2.71
CA ASN B 118 30.01 -20.66 1.46
C ASN B 118 30.23 -22.10 1.10
N ASN B 119 30.53 -22.92 2.10
CA ASN B 119 30.86 -24.33 1.87
C ASN B 119 29.64 -25.25 1.76
N ASN B 120 28.43 -24.70 1.87
CA ASN B 120 27.24 -25.54 1.97
C ASN B 120 25.94 -24.81 1.64
N ALA B 121 25.96 -24.04 0.55
CA ALA B 121 24.79 -23.28 0.15
C ALA B 121 23.76 -24.17 -0.53
N SER B 122 22.55 -23.66 -0.67
CA SER B 122 21.49 -24.42 -1.33
C SER B 122 20.53 -23.47 -2.03
N ALA B 123 19.99 -23.91 -3.16
CA ALA B 123 18.95 -23.15 -3.86
C ALA B 123 17.59 -23.67 -3.46
N VAL B 124 16.62 -22.75 -3.36
CA VAL B 124 15.22 -23.12 -3.25
C VAL B 124 14.54 -22.51 -4.47
N VAL B 125 13.80 -23.36 -5.20
CA VAL B 125 13.13 -22.98 -6.45
C VAL B 125 11.63 -22.80 -6.15
N TRP B 126 11.14 -21.59 -6.37
CA TRP B 126 9.74 -21.25 -6.11
C TRP B 126 8.98 -21.13 -7.43
N TYR B 127 7.70 -21.49 -7.41
CA TYR B 127 6.84 -21.37 -8.60
C TYR B 127 5.46 -20.94 -8.14
N GLY B 128 4.97 -19.84 -8.73
CA GLY B 128 3.69 -19.25 -8.35
C GLY B 128 3.57 -18.95 -6.88
N GLY B 129 4.69 -18.57 -6.25
CA GLY B 129 4.70 -18.16 -4.85
C GLY B 129 4.87 -19.26 -3.80
N ARG B 130 5.07 -20.51 -4.25
CA ARG B 130 5.26 -21.66 -3.35
C ARG B 130 6.62 -22.34 -3.64
N PRO B 131 7.30 -22.86 -2.59
CA PRO B 131 8.57 -23.58 -2.80
C PRO B 131 8.35 -24.96 -3.41
N ILE B 132 9.10 -25.28 -4.46
CA ILE B 132 8.86 -26.53 -5.21
C ILE B 132 9.99 -27.55 -5.07
N THR B 133 11.21 -27.06 -5.13
CA THR B 133 12.42 -27.90 -5.27
C THR B 133 13.56 -27.25 -4.49
N GLU B 134 14.46 -28.07 -3.95
CA GLU B 134 15.68 -27.58 -3.31
C GLU B 134 16.90 -28.25 -3.97
N ILE B 135 17.97 -27.50 -4.16
CA ILE B 135 19.20 -28.03 -4.77
C ILE B 135 20.41 -27.76 -3.86
N PRO B 136 21.04 -28.83 -3.30
CA PRO B 136 22.24 -28.59 -2.52
C PRO B 136 23.44 -28.29 -3.41
N SER B 137 24.38 -27.52 -2.85
CA SER B 137 25.69 -27.24 -3.47
C SER B 137 26.33 -28.56 -3.96
N TRP B 138 26.87 -28.55 -5.17
CA TRP B 138 27.59 -29.71 -5.71
C TRP B 138 29.13 -29.58 -5.60
N ALA B 139 29.64 -28.38 -5.37
CA ALA B 139 31.09 -28.18 -5.33
C ALA B 139 31.61 -27.54 -4.03
N GLY B 140 30.67 -27.25 -3.11
CA GLY B 140 30.99 -26.69 -1.78
C GLY B 140 31.66 -25.35 -1.80
N ASN B 141 31.33 -24.51 -2.78
CA ASN B 141 31.93 -23.17 -2.92
C ASN B 141 30.97 -22.17 -3.55
N ILE B 142 30.04 -21.66 -2.73
CA ILE B 142 29.13 -20.57 -3.12
C ILE B 142 28.31 -20.90 -4.38
N LEU B 143 27.46 -21.92 -4.28
CA LEU B 143 26.43 -22.13 -5.30
C LEU B 143 25.70 -20.82 -5.56
N ARG B 144 25.54 -20.48 -6.84
CA ARG B 144 25.15 -19.12 -7.25
C ARG B 144 24.59 -19.12 -8.66
N THR B 145 23.95 -18.02 -9.06
CA THR B 145 23.29 -17.98 -10.34
C THR B 145 23.30 -16.56 -11.00
N GLN B 146 22.35 -16.34 -11.91
CA GLN B 146 22.41 -15.27 -12.89
C GLN B 146 22.46 -13.81 -12.42
N GLU B 147 21.66 -13.47 -11.40
CA GLU B 147 21.42 -12.07 -10.96
C GLU B 147 20.71 -11.23 -12.03
N SER B 148 20.02 -11.89 -12.95
CA SER B 148 19.03 -11.26 -13.84
C SER B 148 18.08 -12.36 -14.34
N GLU B 149 17.11 -11.98 -15.15
CA GLU B 149 16.03 -12.91 -15.50
C GLU B 149 16.46 -14.13 -16.30
N CYS B 150 15.79 -15.25 -16.02
CA CYS B 150 15.82 -16.42 -16.88
C CYS B 150 14.81 -16.27 -18.04
N VAL B 151 14.67 -17.29 -18.88
CA VAL B 151 13.81 -17.21 -20.07
C VAL B 151 13.12 -18.56 -20.21
N CYS B 152 11.85 -18.54 -20.62
CA CYS B 152 11.05 -19.77 -20.72
C CYS B 152 10.49 -19.96 -22.12
N HIS B 153 10.38 -21.21 -22.53
CA HIS B 153 9.82 -21.57 -23.83
C HIS B 153 8.99 -22.85 -23.64
N LYS B 154 7.69 -22.77 -23.96
CA LYS B 154 6.79 -23.94 -23.81
C LYS B 154 6.82 -24.54 -22.40
N GLY B 155 6.99 -23.66 -21.42
CA GLY B 155 7.06 -24.07 -20.01
C GLY B 155 8.41 -24.49 -19.47
N VAL B 156 9.41 -24.63 -20.34
CA VAL B 156 10.78 -24.97 -19.93
C VAL B 156 11.64 -23.71 -19.77
N CYS B 157 12.20 -23.53 -18.58
CA CYS B 157 12.98 -22.34 -18.23
C CYS B 157 14.40 -22.78 -17.84
N PRO B 158 15.37 -22.69 -18.77
CA PRO B 158 16.76 -23.00 -18.40
C PRO B 158 17.36 -21.94 -17.47
N VAL B 159 18.22 -22.37 -16.55
CA VAL B 159 18.90 -21.50 -15.60
C VAL B 159 20.36 -21.95 -15.52
N VAL B 160 21.27 -20.98 -15.63
CA VAL B 160 22.70 -21.28 -15.56
C VAL B 160 23.13 -21.04 -14.12
N MET B 161 23.77 -22.05 -13.52
CA MET B 161 24.29 -21.96 -12.15
C MET B 161 25.76 -22.35 -12.08
N THR B 162 26.50 -21.76 -11.14
CA THR B 162 27.91 -22.08 -10.92
C THR B 162 28.17 -22.42 -9.45
N ASP B 163 29.10 -23.34 -9.21
CA ASP B 163 29.53 -23.71 -7.87
C ASP B 163 31.01 -24.02 -8.02
N GLY B 164 31.86 -23.43 -7.18
CA GLY B 164 33.31 -23.55 -7.34
C GLY B 164 34.02 -22.20 -7.21
N PRO B 165 35.36 -22.20 -7.36
CA PRO B 165 36.12 -20.95 -7.19
C PRO B 165 35.72 -19.87 -8.20
N ALA B 166 35.83 -18.62 -7.77
CA ALA B 166 35.62 -17.45 -8.63
C ALA B 166 36.84 -17.16 -9.49
N ASN B 167 37.98 -17.76 -9.14
CA ASN B 167 39.28 -17.38 -9.72
C ASN B 167 40.05 -18.58 -10.28
N ASN B 168 39.30 -19.64 -10.57
CA ASN B 168 39.84 -20.81 -11.20
C ASN B 168 38.68 -21.57 -11.84
N ARG B 169 38.97 -22.74 -12.40
CA ARG B 169 37.96 -23.57 -13.03
C ARG B 169 36.85 -23.91 -11.99
N ALA B 170 35.59 -23.86 -12.42
CA ALA B 170 34.46 -24.11 -11.52
C ALA B 170 33.49 -25.07 -12.18
N ALA B 171 32.41 -25.43 -11.49
CA ALA B 171 31.48 -26.42 -11.99
C ALA B 171 30.16 -25.74 -12.30
N THR B 172 29.94 -25.47 -13.58
CA THR B 172 28.76 -24.78 -14.06
C THR B 172 27.77 -25.83 -14.60
N LYS B 173 26.50 -25.63 -14.27
CA LYS B 173 25.44 -26.45 -14.83
C LYS B 173 24.29 -25.63 -15.43
N ILE B 174 23.63 -26.22 -16.42
CA ILE B 174 22.37 -25.66 -16.95
C ILE B 174 21.27 -26.56 -16.46
N ILE B 175 20.32 -25.98 -15.73
CA ILE B 175 19.21 -26.76 -15.18
C ILE B 175 17.91 -26.27 -15.81
N TYR B 176 17.18 -27.23 -16.40
CA TYR B 176 15.96 -26.97 -17.15
C TYR B 176 14.79 -27.23 -16.21
N PHE B 177 14.00 -26.19 -15.97
CA PHE B 177 12.83 -26.29 -15.09
C PHE B 177 11.51 -26.22 -15.85
N LYS B 178 10.50 -26.90 -15.33
CA LYS B 178 9.10 -26.71 -15.74
C LYS B 178 8.21 -26.72 -14.49
N GLU B 179 7.47 -25.64 -14.26
CA GLU B 179 6.67 -25.47 -13.05
C GLU B 179 7.49 -25.70 -11.78
N GLY B 180 8.75 -25.23 -11.83
CA GLY B 180 9.69 -25.34 -10.71
C GLY B 180 10.29 -26.73 -10.48
N LYS B 181 9.98 -27.69 -11.34
CA LYS B 181 10.52 -29.07 -11.19
C LYS B 181 11.67 -29.29 -12.18
N ILE B 182 12.72 -29.99 -11.75
CA ILE B 182 13.89 -30.24 -12.62
C ILE B 182 13.53 -31.24 -13.74
N GLN B 183 13.73 -30.82 -14.99
CA GLN B 183 13.44 -31.67 -16.14
C GLN B 183 14.72 -32.36 -16.62
N LYS B 184 15.86 -31.66 -16.46
CA LYS B 184 17.16 -32.11 -16.97
C LYS B 184 18.24 -31.23 -16.37
N ILE B 185 19.41 -31.82 -16.14
CA ILE B 185 20.60 -31.10 -15.66
C ILE B 185 21.73 -31.43 -16.63
N GLU B 186 22.39 -30.39 -17.16
CA GLU B 186 23.60 -30.58 -17.99
C GLU B 186 24.84 -29.90 -17.38
N GLU B 187 25.98 -30.58 -17.48
CA GLU B 187 27.26 -29.96 -17.15
C GLU B 187 27.62 -29.05 -18.29
N LEU B 188 28.24 -27.90 -18.00
CA LEU B 188 28.63 -26.95 -19.04
C LEU B 188 29.60 -27.65 -20.00
N ALA B 189 29.36 -27.49 -21.30
CA ALA B 189 30.22 -28.05 -22.35
C ALA B 189 30.65 -26.90 -23.24
N GLY B 190 31.61 -27.16 -24.13
CA GLY B 190 32.05 -26.15 -25.10
C GLY B 190 33.29 -25.41 -24.67
N ASN B 191 33.51 -24.24 -25.27
CA ASN B 191 34.79 -23.52 -25.13
C ASN B 191 34.83 -22.43 -24.05
N ALA B 192 33.69 -22.10 -23.45
CA ALA B 192 33.70 -21.15 -22.34
C ALA B 192 34.46 -21.75 -21.15
N GLN B 193 35.47 -21.04 -20.63
CA GLN B 193 36.34 -21.61 -19.60
C GLN B 193 35.90 -21.34 -18.16
N HIS B 194 35.02 -20.35 -18.00
CA HIS B 194 34.47 -20.02 -16.69
C HIS B 194 33.19 -19.20 -16.91
N ILE B 195 32.17 -19.48 -16.10
CA ILE B 195 30.87 -18.87 -16.28
C ILE B 195 30.33 -18.27 -14.96
N GLU B 196 29.98 -16.98 -15.00
CA GLU B 196 29.27 -16.33 -13.90
C GLU B 196 28.13 -15.47 -14.43
N GLU B 197 27.08 -15.34 -13.64
CA GLU B 197 26.14 -14.21 -13.79
C GLU B 197 25.62 -14.01 -15.23
N CYS B 198 25.05 -15.08 -15.81
CA CYS B 198 24.59 -15.01 -17.21
C CYS B 198 23.40 -14.06 -17.40
N SER B 199 23.47 -13.24 -18.44
CA SER B 199 22.35 -12.40 -18.90
C SER B 199 21.76 -13.01 -20.16
N CYS B 200 20.50 -13.44 -20.06
CA CYS B 200 19.86 -14.28 -21.09
C CYS B 200 18.60 -13.66 -21.70
N TYR B 201 18.39 -13.94 -22.98
CA TYR B 201 17.16 -13.52 -23.68
C TYR B 201 16.87 -14.54 -24.77
N GLY B 202 15.63 -14.59 -25.24
CA GLY B 202 15.26 -15.51 -26.30
C GLY B 202 14.68 -14.83 -27.54
N ALA B 203 14.82 -15.49 -28.68
CA ALA B 203 14.29 -15.05 -29.97
C ALA B 203 14.38 -16.22 -30.94
N GLY B 204 13.34 -16.41 -31.74
CA GLY B 204 13.31 -17.50 -32.74
C GLY B 204 13.67 -18.88 -32.20
N GLY B 205 13.13 -19.21 -31.04
CA GLY B 205 13.30 -20.50 -30.38
C GLY B 205 14.67 -20.79 -29.78
N VAL B 206 15.54 -19.78 -29.73
CA VAL B 206 16.89 -19.93 -29.23
C VAL B 206 17.09 -18.97 -28.03
N ILE B 207 17.68 -19.47 -26.95
CA ILE B 207 18.09 -18.65 -25.84
C ILE B 207 19.61 -18.42 -25.85
N LYS B 208 20.02 -17.15 -25.78
CA LYS B 208 21.44 -16.81 -25.73
C LYS B 208 21.80 -16.15 -24.40
N CYS B 209 22.79 -16.70 -23.73
CA CYS B 209 23.20 -16.22 -22.40
C CYS B 209 24.59 -15.62 -22.52
N ILE B 210 24.71 -14.34 -22.18
CA ILE B 210 25.98 -13.63 -22.29
C ILE B 210 26.49 -13.43 -20.87
N CYS B 211 27.66 -14.00 -20.57
CA CYS B 211 28.07 -14.21 -19.17
C CYS B 211 29.35 -13.46 -18.78
N ARG B 212 29.85 -13.76 -17.59
CA ARG B 212 31.10 -13.17 -17.06
C ARG B 212 32.13 -14.27 -16.82
N ASP B 213 33.26 -14.20 -17.53
CA ASP B 213 34.37 -15.13 -17.27
C ASP B 213 35.21 -14.45 -16.21
N ASN B 214 35.11 -14.93 -14.97
CA ASN B 214 35.86 -14.29 -13.87
C ASN B 214 37.30 -14.82 -13.71
N TRP B 215 37.63 -15.83 -14.51
CA TRP B 215 38.94 -16.48 -14.38
C TRP B 215 39.99 -15.89 -15.35
N LYS B 216 39.64 -15.80 -16.62
CA LYS B 216 40.57 -15.36 -17.67
C LYS B 216 40.09 -14.21 -18.57
N GLY B 217 38.96 -14.43 -19.23
CA GLY B 217 38.55 -13.57 -20.34
C GLY B 217 37.99 -12.19 -20.00
N ALA B 218 38.49 -11.19 -20.73
CA ALA B 218 37.87 -9.86 -20.79
C ALA B 218 36.82 -9.81 -21.91
N ASN B 219 36.84 -10.80 -22.79
CA ASN B 219 35.72 -11.06 -23.70
C ASN B 219 34.68 -11.92 -22.94
N ARG B 220 33.40 -11.80 -23.29
CA ARG B 220 32.35 -12.50 -22.54
C ARG B 220 31.99 -13.85 -23.13
N PRO B 221 31.84 -14.85 -22.26
CA PRO B 221 31.33 -16.12 -22.76
C PRO B 221 29.89 -16.02 -23.23
N VAL B 222 29.53 -16.87 -24.20
CA VAL B 222 28.18 -16.92 -24.79
C VAL B 222 27.74 -18.39 -24.79
N ILE B 223 26.67 -18.65 -24.03
CA ILE B 223 26.06 -19.96 -24.01
C ILE B 223 24.80 -19.89 -24.85
N THR B 224 24.69 -20.80 -25.83
CA THR B 224 23.50 -20.90 -26.71
C THR B 224 22.66 -22.13 -26.35
N ILE B 225 21.41 -21.91 -25.97
CA ILE B 225 20.56 -22.97 -25.42
C ILE B 225 19.34 -23.21 -26.29
N ASP B 226 19.10 -24.49 -26.59
CA ASP B 226 17.89 -24.96 -27.24
C ASP B 226 16.95 -25.46 -26.15
N PRO B 227 15.89 -24.69 -25.86
CA PRO B 227 15.01 -25.03 -24.74
C PRO B 227 14.04 -26.19 -25.03
N GLU B 228 13.91 -26.60 -26.30
CA GLU B 228 13.09 -27.76 -26.65
C GLU B 228 13.88 -29.07 -26.56
N MET B 229 15.05 -29.09 -27.18
CA MET B 229 15.96 -30.24 -27.12
C MET B 229 16.62 -30.31 -25.75
N MET B 230 16.60 -29.19 -25.04
CA MET B 230 17.33 -28.99 -23.77
C MET B 230 18.81 -29.34 -23.92
N THR B 231 19.46 -28.70 -24.88
CA THR B 231 20.88 -28.87 -25.13
C THR B 231 21.53 -27.49 -25.28
N HIS B 232 22.86 -27.43 -25.23
CA HIS B 232 23.56 -26.14 -25.33
C HIS B 232 24.94 -26.29 -25.94
N THR B 233 25.47 -25.16 -26.39
CA THR B 233 26.88 -25.05 -26.76
C THR B 233 27.44 -23.79 -26.07
N SER B 234 28.75 -23.67 -25.96
CA SER B 234 29.34 -22.43 -25.45
C SER B 234 30.59 -22.03 -26.23
N LYS B 235 30.89 -20.72 -26.19
CA LYS B 235 32.14 -20.16 -26.73
C LYS B 235 32.25 -18.75 -26.19
N TYR B 236 33.05 -17.91 -26.85
CA TYR B 236 33.16 -16.51 -26.47
C TYR B 236 32.59 -15.61 -27.56
N LEU B 237 32.17 -14.40 -27.19
CA LEU B 237 31.91 -13.34 -28.18
C LEU B 237 33.14 -13.21 -29.08
N CYS B 238 32.95 -13.25 -30.41
CA CYS B 238 34.08 -13.14 -31.36
C CYS B 238 34.77 -11.76 -31.40
N SER B 239 33.97 -10.70 -31.19
CA SER B 239 34.41 -9.32 -31.45
C SER B 239 35.64 -8.89 -30.67
N LYS B 240 36.51 -8.11 -31.33
CA LYS B 240 37.65 -7.47 -30.68
C LYS B 240 37.21 -6.43 -29.62
N VAL B 241 35.92 -6.05 -29.67
CA VAL B 241 35.38 -5.09 -28.70
C VAL B 241 35.14 -5.83 -27.38
N LEU B 242 36.07 -5.66 -26.45
CA LEU B 242 36.02 -6.38 -25.17
C LEU B 242 35.04 -5.70 -24.21
N THR B 243 34.24 -6.49 -23.49
CA THR B 243 33.10 -5.88 -22.76
C THR B 243 33.01 -6.26 -21.26
N ASP B 244 33.97 -7.02 -20.75
CA ASP B 244 34.05 -7.21 -19.29
C ASP B 244 34.83 -6.03 -18.65
N THR B 245 34.87 -6.01 -17.33
CA THR B 245 35.63 -5.00 -16.56
C THR B 245 36.24 -5.72 -15.36
N SER B 246 37.55 -5.64 -15.12
CA SER B 246 38.52 -4.84 -15.86
C SER B 246 38.93 -5.56 -17.17
N ARG B 247 39.37 -4.77 -18.13
CA ARG B 247 39.78 -5.28 -19.45
C ARG B 247 41.02 -4.52 -19.97
N PRO B 248 41.81 -5.15 -20.87
CA PRO B 248 42.85 -4.37 -21.56
C PRO B 248 42.23 -3.56 -22.71
N ASN B 249 43.05 -2.77 -23.41
CA ASN B 249 42.64 -2.16 -24.69
C ASN B 249 42.15 -3.24 -25.66
N ASP B 250 41.17 -2.89 -26.49
CA ASP B 250 40.64 -3.80 -27.51
C ASP B 250 41.79 -4.19 -28.45
N PRO B 251 42.02 -5.50 -28.66
CA PRO B 251 43.04 -5.97 -29.59
C PRO B 251 42.64 -5.76 -31.06
N THR B 252 43.56 -6.08 -31.98
CA THR B 252 43.26 -6.07 -33.41
C THR B 252 42.17 -7.09 -33.76
N ASN B 253 42.22 -8.29 -33.15
CA ASN B 253 41.23 -9.33 -33.39
C ASN B 253 40.75 -9.87 -32.05
N GLY B 254 39.46 -10.16 -31.94
CA GLY B 254 38.96 -10.99 -30.84
C GLY B 254 39.25 -12.47 -31.06
N ASN B 255 38.62 -13.32 -30.25
CA ASN B 255 38.78 -14.76 -30.31
C ASN B 255 37.47 -15.40 -29.93
N CYS B 256 36.85 -16.11 -30.89
CA CYS B 256 35.60 -16.83 -30.69
C CYS B 256 35.70 -17.98 -29.68
N ASP B 257 36.87 -18.58 -29.53
CA ASP B 257 36.94 -19.87 -28.85
C ASP B 257 37.86 -19.95 -27.65
N ALA B 258 38.37 -18.81 -27.21
CA ALA B 258 39.26 -18.77 -26.07
C ALA B 258 39.27 -17.37 -25.47
N PRO B 259 39.55 -17.27 -24.16
CA PRO B 259 39.56 -15.95 -23.52
C PRO B 259 40.66 -15.02 -24.02
N ILE B 260 40.32 -13.75 -24.17
CA ILE B 260 41.29 -12.65 -24.26
C ILE B 260 41.53 -12.11 -22.85
N THR B 261 42.75 -12.31 -22.34
CA THR B 261 43.06 -11.99 -20.96
C THR B 261 43.67 -10.60 -20.81
N GLY B 262 43.85 -10.19 -19.56
CA GLY B 262 44.45 -8.89 -19.26
C GLY B 262 43.51 -7.96 -18.53
N GLY B 263 43.99 -6.74 -18.29
CA GLY B 263 43.25 -5.75 -17.54
C GLY B 263 43.53 -5.80 -16.04
N SER B 264 43.24 -4.69 -15.38
CA SER B 264 43.56 -4.50 -13.97
C SER B 264 42.62 -3.46 -13.38
N PRO B 265 42.25 -3.58 -12.09
CA PRO B 265 42.58 -4.59 -11.09
C PRO B 265 41.56 -5.70 -10.86
N ASP B 266 40.40 -5.63 -11.51
CA ASP B 266 39.28 -6.53 -11.23
C ASP B 266 39.01 -7.59 -12.30
N PRO B 267 38.66 -8.81 -11.85
CA PRO B 267 38.49 -9.93 -12.78
C PRO B 267 37.17 -9.98 -13.57
N GLY B 268 36.17 -9.16 -13.22
CA GLY B 268 34.89 -9.24 -13.94
C GLY B 268 33.75 -8.40 -13.39
N VAL B 269 32.69 -8.28 -14.20
CA VAL B 269 31.45 -7.62 -13.81
C VAL B 269 30.35 -8.27 -14.63
N LYS B 270 29.15 -8.37 -14.04
CA LYS B 270 28.00 -8.86 -14.80
C LYS B 270 27.68 -7.92 -15.95
N GLY B 271 27.44 -8.48 -17.13
CA GLY B 271 27.12 -7.71 -18.33
C GLY B 271 26.23 -8.46 -19.27
N PHE B 272 26.05 -7.92 -20.48
CA PHE B 272 25.08 -8.48 -21.40
C PHE B 272 25.38 -8.03 -22.83
N ALA B 273 24.73 -8.69 -23.78
CA ALA B 273 24.73 -8.26 -25.19
C ALA B 273 23.50 -8.83 -25.89
N PHE B 274 23.10 -8.18 -26.97
CA PHE B 274 22.09 -8.75 -27.89
C PHE B 274 22.77 -9.07 -29.20
N LEU B 275 22.59 -10.30 -29.65
CA LEU B 275 23.37 -10.83 -30.78
C LEU B 275 22.42 -11.33 -31.90
N ASP B 276 22.39 -10.58 -33.01
CA ASP B 276 21.44 -10.83 -34.10
C ASP B 276 22.06 -10.32 -35.42
N GLY B 277 23.21 -10.90 -35.79
CA GLY B 277 23.90 -10.51 -37.02
C GLY B 277 24.28 -9.03 -37.02
N GLU B 278 23.87 -8.32 -38.06
CA GLU B 278 24.05 -6.87 -38.15
C GLU B 278 23.39 -6.11 -36.98
N ASN B 279 22.28 -6.66 -36.51
CA ASN B 279 21.47 -6.08 -35.42
C ASN B 279 22.03 -6.49 -34.05
N SER B 280 23.30 -6.20 -33.79
CA SER B 280 23.98 -6.65 -32.56
C SER B 280 24.48 -5.47 -31.75
N TRP B 281 24.19 -5.51 -30.44
CA TRP B 281 24.58 -4.46 -29.48
C TRP B 281 25.30 -5.03 -28.25
N LEU B 282 26.44 -4.42 -27.92
CA LEU B 282 27.22 -4.79 -26.74
C LEU B 282 27.20 -3.65 -25.74
N GLY B 283 26.84 -3.96 -24.50
CA GLY B 283 27.00 -2.97 -23.42
C GLY B 283 28.36 -3.14 -22.76
N ARG B 284 28.91 -2.06 -22.21
CA ARG B 284 30.08 -2.15 -21.31
C ARG B 284 30.26 -0.87 -20.50
N THR B 285 31.01 -0.95 -19.40
CA THR B 285 31.43 0.24 -18.66
C THR B 285 32.32 1.06 -19.59
N ILE B 286 32.26 2.38 -19.47
CA ILE B 286 33.14 3.24 -20.29
C ILE B 286 34.60 3.05 -19.86
N SER B 287 34.86 3.13 -18.55
CA SER B 287 36.19 2.81 -18.03
C SER B 287 36.56 1.36 -18.28
N LYS B 288 37.77 1.13 -18.72
CA LYS B 288 38.23 -0.24 -18.87
C LYS B 288 38.74 -0.82 -17.54
N ASP B 289 38.94 0.02 -16.53
CA ASP B 289 39.43 -0.43 -15.23
C ASP B 289 38.31 -0.60 -14.20
N SER B 290 37.40 0.37 -14.14
CA SER B 290 36.45 0.43 -13.03
C SER B 290 34.99 0.45 -13.49
N ARG B 291 34.09 0.22 -12.54
CA ARG B 291 32.65 0.22 -12.80
C ARG B 291 32.11 1.66 -12.87
N SER B 292 32.60 2.42 -13.85
CA SER B 292 32.12 3.79 -14.11
C SER B 292 31.73 3.98 -15.57
N GLY B 293 30.68 4.75 -15.78
CA GLY B 293 30.12 4.97 -17.10
C GLY B 293 29.42 3.74 -17.65
N TYR B 294 28.61 3.95 -18.69
CA TYR B 294 28.02 2.82 -19.40
C TYR B 294 27.73 3.27 -20.82
N GLU B 295 28.12 2.44 -21.79
CA GLU B 295 27.92 2.72 -23.21
C GLU B 295 27.32 1.50 -23.95
N MET B 296 26.45 1.76 -24.92
CA MET B 296 25.96 0.74 -25.82
C MET B 296 26.64 0.94 -27.17
N LEU B 297 27.13 -0.15 -27.72
CA LEU B 297 27.92 -0.14 -28.96
C LEU B 297 27.26 -1.08 -29.96
N LYS B 298 26.86 -0.54 -31.11
CA LYS B 298 26.32 -1.39 -32.18
C LYS B 298 27.50 -2.01 -32.93
N VAL B 299 27.63 -3.32 -32.81
CA VAL B 299 28.81 -4.02 -33.32
C VAL B 299 28.30 -5.14 -34.24
N PRO B 300 28.09 -4.82 -35.52
CA PRO B 300 27.56 -5.83 -36.44
C PRO B 300 28.39 -7.13 -36.45
N ASN B 301 27.71 -8.28 -36.35
CA ASN B 301 28.34 -9.60 -36.39
C ASN B 301 29.33 -9.88 -35.23
N ALA B 302 29.12 -9.19 -34.10
CA ALA B 302 29.93 -9.40 -32.89
C ALA B 302 30.02 -10.87 -32.50
N GLU B 303 28.97 -11.64 -32.79
CA GLU B 303 28.94 -13.05 -32.41
C GLU B 303 29.77 -13.97 -33.31
N THR B 304 30.15 -13.48 -34.50
CA THR B 304 30.79 -14.35 -35.50
C THR B 304 32.09 -13.83 -36.11
N ASP B 305 32.37 -12.55 -35.94
CA ASP B 305 33.45 -11.87 -36.66
C ASP B 305 34.49 -11.26 -35.71
N ILE B 306 35.69 -11.83 -35.69
CA ILE B 306 36.75 -11.36 -34.77
C ILE B 306 37.24 -9.94 -35.07
N GLN B 307 36.93 -9.42 -36.26
CA GLN B 307 37.36 -8.08 -36.59
C GLN B 307 36.26 -7.04 -36.40
N SER B 308 35.09 -7.47 -35.96
CA SER B 308 33.93 -6.58 -35.84
C SER B 308 34.16 -5.46 -34.82
N GLY B 309 33.89 -4.23 -35.26
CA GLY B 309 33.96 -3.02 -34.43
C GLY B 309 32.65 -2.24 -34.42
N PRO B 310 32.57 -1.18 -33.58
CA PRO B 310 31.32 -0.39 -33.43
C PRO B 310 31.08 0.55 -34.61
N ILE B 311 29.80 0.70 -34.99
CA ILE B 311 29.37 1.60 -36.05
C ILE B 311 28.47 2.71 -35.47
N SER B 312 28.02 2.53 -34.23
CA SER B 312 27.34 3.59 -33.49
C SER B 312 27.56 3.38 -31.99
N ASN B 313 27.33 4.42 -31.21
CA ASN B 313 27.43 4.33 -29.76
C ASN B 313 26.37 5.19 -29.09
N GLN B 314 25.96 4.78 -27.91
CA GLN B 314 25.08 5.62 -27.08
C GLN B 314 25.58 5.58 -25.66
N VAL B 315 25.92 6.75 -25.10
CA VAL B 315 26.30 6.87 -23.71
C VAL B 315 25.02 6.78 -22.86
N ILE B 316 25.00 5.81 -21.95
CA ILE B 316 23.85 5.58 -21.07
C ILE B 316 24.09 6.23 -19.70
N VAL B 317 25.34 6.15 -19.24
CA VAL B 317 25.79 6.78 -17.99
C VAL B 317 27.14 7.41 -18.28
N ASN B 318 27.30 8.70 -17.98
CA ASN B 318 28.61 9.32 -18.26
C ASN B 318 29.76 8.78 -17.40
N ASN B 319 30.98 8.90 -17.90
CA ASN B 319 32.12 8.26 -17.23
C ASN B 319 32.54 9.00 -15.95
N GLN B 320 31.83 10.06 -15.60
CA GLN B 320 32.05 10.70 -14.29
C GLN B 320 31.10 10.14 -13.25
N ASN B 321 30.31 9.15 -13.64
CA ASN B 321 29.35 8.54 -12.72
C ASN B 321 29.54 7.05 -12.57
N TRP B 322 29.15 6.52 -11.40
CA TRP B 322 29.32 5.09 -11.11
C TRP B 322 28.24 4.24 -11.78
N SER B 323 28.63 3.09 -12.31
CA SER B 323 27.68 2.15 -12.86
C SER B 323 27.73 0.87 -12.01
N GLY B 324 27.82 -0.29 -12.64
CA GLY B 324 27.72 -1.56 -11.88
C GLY B 324 27.31 -2.70 -12.81
N TYR B 325 26.59 -3.66 -12.25
CA TYR B 325 26.04 -4.78 -13.06
C TYR B 325 25.09 -4.29 -14.16
N SER B 326 24.99 -5.04 -15.25
CA SER B 326 23.97 -4.78 -16.26
C SER B 326 23.46 -6.14 -16.76
N GLY B 327 22.22 -6.15 -17.26
CA GLY B 327 21.58 -7.37 -17.70
C GLY B 327 20.49 -7.16 -18.72
N ALA B 328 20.14 -8.25 -19.38
CA ALA B 328 19.09 -8.28 -20.39
C ALA B 328 17.74 -8.68 -19.83
N PHE B 329 16.68 -8.11 -20.39
CA PHE B 329 15.29 -8.59 -20.21
C PHE B 329 14.49 -8.18 -21.44
N ILE B 330 13.36 -8.85 -21.65
CA ILE B 330 12.45 -8.47 -22.73
C ILE B 330 11.03 -8.56 -22.19
N ASP B 331 10.18 -7.61 -22.59
CA ASP B 331 8.74 -7.79 -22.39
C ASP B 331 8.23 -8.73 -23.49
N TYR B 332 8.28 -10.05 -23.22
CA TYR B 332 7.84 -11.07 -24.18
C TYR B 332 6.34 -11.04 -24.47
N TRP B 333 5.60 -10.23 -23.72
CA TRP B 333 4.13 -10.16 -23.82
C TRP B 333 3.64 -8.87 -24.45
N ALA B 334 4.57 -8.10 -25.02
CA ALA B 334 4.24 -6.88 -25.74
C ALA B 334 3.39 -7.19 -26.97
N ASN B 335 2.57 -6.22 -27.39
CA ASN B 335 1.73 -6.32 -28.58
C ASN B 335 2.53 -5.83 -29.77
N LYS B 336 3.54 -6.61 -30.14
CA LYS B 336 4.46 -6.27 -31.23
C LYS B 336 4.82 -7.57 -31.94
N GLU B 337 5.24 -7.48 -33.19
CA GLU B 337 5.57 -8.65 -34.01
C GLU B 337 6.97 -9.20 -33.74
N CYS B 338 7.78 -8.45 -33.01
CA CYS B 338 9.14 -8.87 -32.70
C CYS B 338 9.38 -8.65 -31.20
N PHE B 339 10.37 -9.36 -30.65
CA PHE B 339 10.78 -9.16 -29.25
C PHE B 339 11.77 -8.01 -29.19
N ASN B 340 11.47 -6.99 -28.38
CA ASN B 340 12.31 -5.79 -28.29
C ASN B 340 13.33 -5.90 -27.14
N PRO B 341 14.64 -5.90 -27.46
CA PRO B 341 15.65 -5.89 -26.41
C PRO B 341 15.43 -4.78 -25.38
N CYS B 342 15.58 -5.11 -24.09
CA CYS B 342 15.72 -4.10 -23.02
C CYS B 342 16.92 -4.48 -22.17
N PHE B 343 17.38 -3.51 -21.37
CA PHE B 343 18.47 -3.74 -20.45
C PHE B 343 18.37 -2.78 -19.28
N TYR B 344 19.05 -3.11 -18.19
CA TYR B 344 19.14 -2.20 -17.04
C TYR B 344 20.61 -2.03 -16.71
N VAL B 345 20.91 -0.92 -16.03
CA VAL B 345 22.23 -0.71 -15.45
C VAL B 345 21.99 -0.44 -13.97
N GLU B 346 22.76 -1.14 -13.15
CA GLU B 346 22.78 -0.94 -11.70
C GLU B 346 23.72 0.22 -11.42
N LEU B 347 23.25 1.20 -10.66
CA LEU B 347 24.03 2.39 -10.42
C LEU B 347 24.48 2.32 -8.97
N ILE B 348 25.68 1.77 -8.74
CA ILE B 348 26.16 1.52 -7.37
C ILE B 348 26.67 2.81 -6.70
N ARG B 349 26.19 3.04 -5.47
CA ARG B 349 26.61 4.16 -4.65
C ARG B 349 27.19 3.65 -3.33
N GLY B 350 28.11 4.41 -2.74
CA GLY B 350 28.69 3.97 -1.50
C GLY B 350 29.94 3.15 -1.74
N ARG B 351 30.24 2.24 -0.82
CA ARG B 351 31.53 1.53 -0.82
C ARG B 351 31.67 0.52 -1.96
N PRO B 352 32.93 0.26 -2.42
CA PRO B 352 34.18 0.85 -1.90
C PRO B 352 34.60 2.15 -2.57
N LYS B 353 33.94 2.51 -3.67
CA LYS B 353 34.37 3.70 -4.44
C LYS B 353 34.10 5.01 -3.72
N GLU B 354 33.04 5.05 -2.91
CA GLU B 354 32.70 6.23 -2.10
C GLU B 354 32.74 5.86 -0.63
N SER B 355 33.91 6.05 -0.01
CA SER B 355 34.13 5.54 1.34
C SER B 355 33.78 6.53 2.45
N SER B 356 33.23 7.70 2.07
CA SER B 356 32.73 8.68 3.05
C SER B 356 31.40 8.27 3.72
N VAL B 357 30.82 7.15 3.26
CA VAL B 357 29.65 6.53 3.86
C VAL B 357 29.97 5.08 4.24
N LEU B 358 29.15 4.50 5.12
CA LEU B 358 29.42 3.17 5.65
C LEU B 358 28.71 2.04 4.89
N TRP B 359 27.92 2.43 3.89
CA TRP B 359 27.01 1.51 3.21
C TRP B 359 27.36 1.35 1.74
N THR B 360 26.75 0.33 1.13
CA THR B 360 26.77 0.11 -0.30
C THR B 360 25.35 -0.20 -0.71
N SER B 361 24.87 0.49 -1.74
CA SER B 361 23.54 0.22 -2.31
C SER B 361 23.56 0.64 -3.79
N ASN B 362 22.39 0.74 -4.41
CA ASN B 362 22.27 1.13 -5.82
C ASN B 362 20.90 1.72 -6.13
N SER B 363 20.80 2.37 -7.30
CA SER B 363 19.50 2.59 -7.92
C SER B 363 19.53 1.89 -9.28
N ILE B 364 18.44 2.05 -10.03
CA ILE B 364 18.28 1.34 -11.31
C ILE B 364 17.89 2.30 -12.43
N VAL B 365 18.47 2.11 -13.62
CA VAL B 365 17.90 2.65 -14.86
C VAL B 365 17.70 1.50 -15.86
N ALA B 366 16.64 1.60 -16.67
CA ALA B 366 16.33 0.61 -17.70
C ALA B 366 15.92 1.32 -19.02
N LEU B 367 16.35 0.72 -20.12
CA LEU B 367 16.09 1.25 -21.48
C LEU B 367 15.71 0.10 -22.41
N CYS B 368 14.97 0.40 -23.48
CA CYS B 368 14.66 -0.60 -24.51
C CYS B 368 15.01 -0.05 -25.89
N GLY B 369 15.08 -0.93 -26.87
CA GLY B 369 15.44 -0.53 -28.24
C GLY B 369 14.41 0.37 -28.93
N SER B 370 14.90 1.23 -29.79
CA SER B 370 14.06 1.98 -30.71
C SER B 370 14.61 1.80 -32.11
N LYS B 371 13.71 1.70 -33.10
CA LYS B 371 14.10 1.70 -34.51
C LYS B 371 14.48 3.11 -34.97
N LYS B 372 14.03 4.12 -34.22
CA LYS B 372 14.35 5.52 -34.51
C LYS B 372 15.77 5.87 -34.08
N ARG B 373 16.24 7.03 -34.53
CA ARG B 373 17.51 7.58 -34.07
C ARG B 373 17.26 8.65 -33.00
N LEU B 374 17.17 8.21 -31.75
CA LEU B 374 16.80 9.11 -30.65
C LEU B 374 18.02 9.77 -30.05
N GLY B 375 17.84 11.01 -29.58
CA GLY B 375 18.86 11.71 -28.79
C GLY B 375 19.10 11.04 -27.45
N SER B 376 20.22 11.34 -26.82
CA SER B 376 20.53 10.66 -25.56
C SER B 376 21.02 11.59 -24.47
N TRP B 377 20.86 11.11 -23.24
CA TRP B 377 21.22 11.74 -22.00
C TRP B 377 21.86 10.73 -21.08
N SER B 378 22.73 11.19 -20.18
CA SER B 378 23.23 10.36 -19.07
C SER B 378 22.16 10.17 -17.98
N TRP B 379 21.94 8.92 -17.60
CA TRP B 379 20.91 8.53 -16.64
C TRP B 379 21.59 8.03 -15.37
N HIS B 380 22.51 8.85 -14.86
CA HIS B 380 23.22 8.54 -13.61
C HIS B 380 22.31 8.56 -12.38
N ASP B 381 22.82 8.02 -11.29
CA ASP B 381 22.11 8.01 -10.01
C ASP B 381 22.15 9.44 -9.54
N GLY B 382 21.06 10.11 -9.36
CA GLY B 382 21.32 11.55 -9.11
C GLY B 382 21.58 12.02 -7.69
N ALA B 383 22.08 11.14 -6.82
CA ALA B 383 22.22 11.52 -5.41
C ALA B 383 23.54 12.22 -5.12
N GLU B 384 23.49 13.09 -4.11
CA GLU B 384 24.66 13.83 -3.62
C GLU B 384 25.19 13.12 -2.40
N ILE B 385 26.36 12.51 -2.55
CA ILE B 385 26.95 11.73 -1.45
C ILE B 385 27.15 12.61 -0.20
N ILE B 386 27.42 13.91 -0.38
CA ILE B 386 27.66 14.82 0.78
C ILE B 386 26.44 14.86 1.71
N TYR B 387 25.25 14.70 1.14
CA TYR B 387 24.02 14.69 1.94
C TYR B 387 23.97 13.54 2.95
N PHE B 388 24.67 12.46 2.63
CA PHE B 388 24.78 11.26 3.47
C PHE B 388 25.95 11.30 4.46
N GLU B 389 26.75 12.36 4.40
CA GLU B 389 27.88 12.53 5.33
C GLU B 389 27.49 13.21 6.64
N ARG C 1 -24.91 -8.86 -6.39
CA ARG C 1 -25.24 -7.58 -5.68
C ARG C 1 -26.64 -7.05 -5.94
N THR C 2 -27.35 -6.76 -4.85
CA THR C 2 -28.69 -6.17 -4.90
C THR C 2 -28.75 -5.10 -3.83
N PHE C 3 -29.78 -4.25 -3.92
CA PHE C 3 -30.04 -3.28 -2.84
C PHE C 3 -30.32 -3.98 -1.52
N LEU C 4 -29.74 -3.43 -0.45
CA LEU C 4 -30.05 -3.87 0.89
C LEU C 4 -31.51 -3.51 1.25
N ASN C 5 -32.23 -4.51 1.78
CA ASN C 5 -33.55 -4.29 2.38
C ASN C 5 -33.48 -4.55 3.87
N LEU C 6 -34.08 -3.65 4.65
CA LEU C 6 -34.09 -3.75 6.11
C LEU C 6 -35.14 -4.75 6.61
N THR C 7 -34.99 -5.99 6.18
CA THR C 7 -35.99 -7.04 6.44
C THR C 7 -35.83 -7.75 7.79
N LYS C 8 -34.74 -7.49 8.49
CA LYS C 8 -34.42 -8.25 9.71
C LYS C 8 -34.69 -7.46 10.97
N PRO C 9 -35.03 -8.16 12.08
CA PRO C 9 -35.13 -7.48 13.37
C PRO C 9 -33.74 -7.28 13.99
N LEU C 10 -33.63 -6.49 15.06
CA LEU C 10 -32.35 -6.38 15.79
C LEU C 10 -32.12 -7.65 16.60
N CYS C 11 -30.86 -8.06 16.68
CA CYS C 11 -30.47 -9.16 17.56
C CYS C 11 -30.63 -8.78 19.04
N GLU C 12 -30.94 -9.78 19.85
CA GLU C 12 -30.92 -9.63 21.28
C GLU C 12 -29.51 -9.28 21.73
N VAL C 13 -29.39 -8.25 22.55
CA VAL C 13 -28.09 -7.85 23.11
C VAL C 13 -28.08 -7.84 24.65
N ASN C 14 -27.16 -8.63 25.22
CA ASN C 14 -26.96 -8.73 26.68
C ASN C 14 -25.61 -8.21 27.18
N SER C 15 -24.67 -8.08 26.24
CA SER C 15 -23.28 -7.74 26.50
C SER C 15 -22.74 -7.08 25.21
N TRP C 16 -21.59 -6.40 25.30
CA TRP C 16 -20.89 -5.86 24.12
C TRP C 16 -19.46 -6.45 24.00
N HIS C 17 -19.13 -7.00 22.83
CA HIS C 17 -17.78 -7.56 22.57
C HIS C 17 -16.97 -6.58 21.72
N ILE C 18 -15.65 -6.67 21.85
CA ILE C 18 -14.75 -5.80 21.08
C ILE C 18 -14.76 -6.21 19.59
N LEU C 19 -14.98 -5.21 18.70
CA LEU C 19 -14.92 -5.37 17.23
C LEU C 19 -13.57 -4.88 16.66
N SER C 20 -13.21 -3.65 17.01
CA SER C 20 -11.99 -3.04 16.49
C SER C 20 -11.50 -1.88 17.37
N LYS C 21 -10.21 -1.58 17.23
CA LYS C 21 -9.54 -0.48 17.93
C LYS C 21 -8.31 -0.17 17.09
N ASP C 22 -8.09 1.10 16.78
CA ASP C 22 -7.00 1.45 15.87
C ASP C 22 -5.74 2.00 16.56
N ASN C 23 -5.87 2.38 17.85
CA ASN C 23 -4.71 2.85 18.63
C ASN C 23 -3.93 3.94 17.89
N ALA C 24 -4.67 4.87 17.27
CA ALA C 24 -4.08 5.81 16.30
C ALA C 24 -3.10 6.79 16.94
N ILE C 25 -3.42 7.25 18.16
CA ILE C 25 -2.57 8.25 18.84
C ILE C 25 -1.25 7.60 19.30
N ARG C 26 -1.34 6.40 19.88
CA ARG C 26 -0.14 5.64 20.26
C ARG C 26 0.78 5.47 19.04
N ILE C 27 0.23 4.93 17.96
CA ILE C 27 1.00 4.66 16.75
C ILE C 27 1.52 5.98 16.13
N GLY C 28 0.61 6.96 16.01
CA GLY C 28 0.91 8.28 15.42
C GLY C 28 1.95 9.13 16.15
N GLU C 29 2.31 8.74 17.38
CA GLU C 29 3.44 9.37 18.09
C GLU C 29 4.76 9.24 17.28
N ASP C 30 4.89 8.20 16.47
CA ASP C 30 6.10 8.00 15.69
C ASP C 30 5.82 7.81 14.19
N ALA C 31 4.73 7.15 13.85
CA ALA C 31 4.42 6.81 12.45
C ALA C 31 3.63 7.95 11.79
N HIS C 32 3.51 7.94 10.47
CA HIS C 32 2.85 9.05 9.76
C HIS C 32 1.33 8.82 9.84
N ILE C 33 0.70 9.38 10.86
CA ILE C 33 -0.73 9.19 11.11
C ILE C 33 -1.41 10.52 10.98
N LEU C 34 -2.46 10.58 10.17
CA LEU C 34 -3.23 11.81 9.96
C LEU C 34 -3.97 12.27 11.23
N VAL C 35 -3.99 13.58 11.50
CA VAL C 35 -4.89 14.15 12.50
C VAL C 35 -6.33 14.05 12.01
N THR C 36 -7.23 13.58 12.90
CA THR C 36 -8.66 13.41 12.56
C THR C 36 -9.56 13.95 13.69
N ARG C 37 -10.86 13.93 13.45
CA ARG C 37 -11.93 13.92 14.46
C ARG C 37 -13.22 13.49 13.73
N GLU C 38 -14.32 13.41 14.47
CA GLU C 38 -15.63 13.00 13.95
C GLU C 38 -15.58 11.67 13.14
N PRO C 39 -15.05 10.61 13.76
CA PRO C 39 -14.93 9.31 13.09
C PRO C 39 -16.24 8.53 13.16
N TYR C 40 -16.26 7.45 12.41
CA TYR C 40 -17.32 6.44 12.48
C TYR C 40 -16.89 5.19 11.74
N LEU C 41 -17.79 4.21 11.68
CA LEU C 41 -17.56 3.04 10.84
C LEU C 41 -18.79 2.87 9.99
N SER C 42 -18.59 2.25 8.82
CA SER C 42 -19.65 1.90 7.92
C SER C 42 -19.23 0.63 7.15
N CYS C 43 -20.20 -0.25 6.90
CA CYS C 43 -19.93 -1.55 6.27
C CYS C 43 -20.52 -1.60 4.87
N ASP C 44 -20.15 -2.67 4.15
CA ASP C 44 -20.66 -2.95 2.81
C ASP C 44 -20.64 -4.49 2.63
N PRO C 45 -21.09 -5.00 1.48
CA PRO C 45 -21.10 -6.47 1.34
C PRO C 45 -19.76 -7.19 1.62
N GLN C 46 -18.65 -6.49 1.44
CA GLN C 46 -17.34 -7.10 1.54
C GLN C 46 -16.72 -6.98 2.95
N GLY C 47 -17.20 -6.03 3.74
CA GLY C 47 -16.63 -5.85 5.07
C GLY C 47 -16.92 -4.46 5.60
N CYS C 48 -16.16 -4.05 6.60
CA CYS C 48 -16.40 -2.78 7.28
C CYS C 48 -15.18 -1.88 7.22
N ARG C 49 -15.41 -0.57 7.20
CA ARG C 49 -14.34 0.41 7.10
C ARG C 49 -14.49 1.48 8.19
N MET C 50 -13.37 2.04 8.60
CA MET C 50 -13.36 3.22 9.45
C MET C 50 -13.40 4.50 8.60
N PHE C 51 -14.06 5.54 9.12
CA PHE C 51 -14.24 6.84 8.44
C PHE C 51 -13.89 7.94 9.45
N ALA C 52 -13.38 9.08 8.97
CA ALA C 52 -13.16 10.27 9.84
C ALA C 52 -12.91 11.51 8.99
N LEU C 53 -13.02 12.68 9.60
CA LEU C 53 -12.65 13.90 8.92
C LEU C 53 -11.15 14.18 9.21
N SER C 54 -10.33 13.97 8.19
CA SER C 54 -8.91 14.39 8.28
C SER C 54 -8.79 15.90 8.51
N GLN C 55 -7.67 16.32 9.10
CA GLN C 55 -7.31 17.76 9.17
C GLN C 55 -6.22 18.11 8.15
N GLY C 56 -5.87 17.16 7.26
CA GLY C 56 -4.89 17.44 6.18
C GLY C 56 -3.49 17.73 6.74
N THR C 57 -3.07 16.91 7.70
CA THR C 57 -1.77 17.00 8.38
C THR C 57 -1.55 15.72 9.16
N THR C 58 -0.29 15.35 9.38
CA THR C 58 -0.01 14.28 10.34
C THR C 58 0.02 14.79 11.80
N LEU C 59 -0.10 13.84 12.74
CA LEU C 59 -0.20 14.13 14.15
C LEU C 59 1.08 14.80 14.72
N ARG C 60 2.24 14.30 14.30
CA ARG C 60 3.55 14.85 14.68
C ARG C 60 3.99 16.02 13.78
N GLY C 61 3.26 16.27 12.69
CA GLY C 61 3.58 17.37 11.79
C GLY C 61 3.38 18.73 12.47
N ARG C 62 4.13 19.73 12.03
CA ARG C 62 3.96 21.09 12.56
C ARG C 62 2.57 21.67 12.31
N HIS C 63 1.91 21.22 11.23
CA HIS C 63 0.54 21.67 10.93
C HIS C 63 -0.56 21.05 11.83
N ALA C 64 -0.18 20.16 12.74
CA ALA C 64 -1.13 19.69 13.75
C ALA C 64 -1.48 20.84 14.73
N ASN C 65 -0.60 21.83 14.80
CA ASN C 65 -0.86 23.02 15.60
C ASN C 65 -2.11 23.76 15.07
N GLY C 66 -3.12 23.87 15.93
CA GLY C 66 -4.36 24.62 15.64
C GLY C 66 -5.53 23.72 15.26
N THR C 67 -5.32 22.40 15.34
CA THR C 67 -6.35 21.44 14.88
C THR C 67 -7.55 21.29 15.82
N ILE C 68 -7.60 22.06 16.92
CA ILE C 68 -8.88 22.25 17.62
C ILE C 68 -9.99 22.82 16.69
N HIS C 69 -9.58 23.65 15.73
CA HIS C 69 -10.51 24.33 14.82
C HIS C 69 -11.29 23.29 13.99
N ASP C 70 -12.61 23.42 13.94
CA ASP C 70 -13.49 22.42 13.29
C ASP C 70 -13.56 22.51 11.76
N ARG C 71 -13.46 23.72 11.19
CA ARG C 71 -13.75 23.89 9.76
C ARG C 71 -12.61 24.61 9.07
N SER C 72 -12.05 23.95 8.06
CA SER C 72 -10.99 24.51 7.22
C SER C 72 -11.10 23.94 5.80
N PRO C 73 -10.45 24.60 4.82
CA PRO C 73 -10.38 24.01 3.46
C PRO C 73 -9.44 22.80 3.35
N PHE C 74 -8.87 22.34 4.47
CA PHE C 74 -7.85 21.27 4.45
C PHE C 74 -8.41 19.97 4.98
N ARG C 75 -9.71 19.97 5.28
CA ARG C 75 -10.39 18.80 5.83
C ARG C 75 -11.01 17.95 4.72
N ALA C 76 -11.10 16.65 4.97
CA ALA C 76 -11.72 15.72 4.00
C ALA C 76 -12.26 14.48 4.72
N LEU C 77 -13.33 13.90 4.17
CA LEU C 77 -13.76 12.58 4.65
C LEU C 77 -12.80 11.56 4.05
N ILE C 78 -12.22 10.73 4.92
CA ILE C 78 -11.33 9.65 4.51
C ILE C 78 -11.84 8.35 5.11
N SER C 79 -11.58 7.25 4.41
CA SER C 79 -11.95 5.93 4.88
C SER C 79 -10.75 4.97 4.74
N TRP C 80 -10.75 3.94 5.57
CA TRP C 80 -9.66 2.99 5.59
C TRP C 80 -10.11 1.64 6.14
N GLU C 81 -9.31 0.60 5.88
CA GLU C 81 -9.62 -0.75 6.36
C GLU C 81 -9.73 -0.76 7.90
N MET C 82 -10.85 -1.27 8.40
CA MET C 82 -11.12 -1.32 9.84
C MET C 82 -9.93 -1.91 10.61
N GLY C 83 -9.48 -1.20 11.65
CA GLY C 83 -8.42 -1.72 12.54
C GLY C 83 -7.09 -1.02 12.33
N GLN C 84 -6.78 -0.68 11.08
CA GLN C 84 -5.61 0.15 10.78
C GLN C 84 -5.79 1.55 11.34
N ALA C 85 -4.67 2.22 11.64
CA ALA C 85 -4.70 3.65 11.91
C ALA C 85 -4.67 4.41 10.56
N PRO C 86 -5.24 5.64 10.53
CA PRO C 86 -5.30 6.40 9.29
C PRO C 86 -4.00 7.15 8.94
N SER C 87 -3.31 6.71 7.88
CA SER C 87 -2.10 7.35 7.40
C SER C 87 -2.33 7.98 6.00
N PRO C 88 -1.39 8.82 5.53
CA PRO C 88 -1.48 9.32 4.15
C PRO C 88 -1.36 8.19 3.11
N TYR C 89 -0.98 6.99 3.56
CA TYR C 89 -0.67 5.88 2.63
C TYR C 89 -1.75 4.83 2.50
N ASN C 90 -2.69 4.77 3.45
CA ASN C 90 -3.73 3.70 3.42
C ASN C 90 -5.18 4.22 3.41
N THR C 91 -5.35 5.51 3.16
CA THR C 91 -6.65 6.16 3.27
C THR C 91 -7.19 6.59 1.89
N ARG C 92 -8.50 6.40 1.70
CA ARG C 92 -9.21 6.81 0.48
C ARG C 92 -9.96 8.10 0.80
N VAL C 93 -9.80 9.13 -0.03
CA VAL C 93 -10.57 10.37 0.13
C VAL C 93 -11.96 10.18 -0.47
N GLU C 94 -12.97 10.31 0.37
CA GLU C 94 -14.37 10.05 -0.01
C GLU C 94 -14.99 11.32 -0.58
N CYS C 95 -14.61 12.47 -0.02
CA CYS C 95 -15.12 13.78 -0.44
C CYS C 95 -14.40 14.85 0.41
N ILE C 96 -14.55 16.10 0.00
CA ILE C 96 -13.83 17.21 0.62
C ILE C 96 -14.80 18.06 1.47
N GLY C 97 -14.42 18.33 2.71
CA GLY C 97 -15.24 19.14 3.61
C GLY C 97 -15.08 18.80 5.08
N TRP C 98 -15.99 19.35 5.90
CA TRP C 98 -15.83 19.39 7.36
C TRP C 98 -17.06 18.89 8.13
N SER C 99 -17.98 18.25 7.41
CA SER C 99 -19.11 17.54 8.01
C SER C 99 -19.49 16.46 7.00
N SER C 100 -19.81 15.25 7.47
CA SER C 100 -20.05 14.18 6.51
C SER C 100 -21.05 13.12 6.97
N THR C 101 -21.46 12.32 6.00
CA THR C 101 -22.10 11.01 6.24
C THR C 101 -21.74 10.07 5.08
N SER C 102 -21.99 8.78 5.27
CA SER C 102 -21.70 7.81 4.25
C SER C 102 -22.50 6.54 4.54
N CYS C 103 -22.94 5.86 3.48
CA CYS C 103 -23.59 4.55 3.59
C CYS C 103 -23.57 3.76 2.29
N HIS C 104 -23.59 2.44 2.41
CA HIS C 104 -23.68 1.55 1.25
C HIS C 104 -25.12 1.03 1.09
N ASP C 105 -25.64 1.08 -0.13
CA ASP C 105 -27.01 0.66 -0.38
C ASP C 105 -27.11 -0.81 -0.82
N GLY C 106 -25.98 -1.52 -0.78
CA GLY C 106 -25.92 -2.88 -1.31
C GLY C 106 -25.26 -2.97 -2.69
N MET C 107 -25.37 -1.89 -3.47
CA MET C 107 -24.71 -1.78 -4.79
C MET C 107 -23.42 -0.93 -4.77
N SER C 108 -23.55 0.33 -4.32
CA SER C 108 -22.41 1.24 -4.17
C SER C 108 -22.56 2.11 -2.93
N ARG C 109 -21.47 2.81 -2.62
CA ARG C 109 -21.39 3.67 -1.46
C ARG C 109 -21.73 5.13 -1.80
N MET C 110 -22.66 5.71 -1.04
CA MET C 110 -22.95 7.14 -1.11
C MET C 110 -22.13 7.85 -0.02
N SER C 111 -21.43 8.91 -0.40
CA SER C 111 -20.73 9.74 0.61
C SER C 111 -21.06 11.19 0.39
N ILE C 112 -21.26 11.92 1.48
CA ILE C 112 -21.65 13.33 1.44
C ILE C 112 -20.75 14.17 2.35
N CYS C 113 -20.21 15.27 1.82
CA CYS C 113 -19.38 16.20 2.58
C CYS C 113 -19.87 17.62 2.37
N MET C 114 -19.97 18.37 3.47
CA MET C 114 -20.25 19.80 3.37
C MET C 114 -18.93 20.55 3.42
N SER C 115 -18.80 21.60 2.63
CA SER C 115 -17.64 22.48 2.81
C SER C 115 -18.03 23.93 2.53
N GLY C 116 -17.07 24.85 2.70
CA GLY C 116 -17.30 26.25 2.38
C GLY C 116 -17.30 27.10 3.64
N PRO C 117 -17.55 28.42 3.49
CA PRO C 117 -17.59 29.30 4.66
C PRO C 117 -18.93 29.13 5.37
N ASN C 118 -18.99 29.58 6.63
CA ASN C 118 -20.16 29.40 7.47
C ASN C 118 -21.45 29.91 6.84
N ASN C 119 -21.36 31.05 6.15
CA ASN C 119 -22.57 31.67 5.61
C ASN C 119 -22.89 31.20 4.19
N ASN C 120 -22.14 30.22 3.70
CA ASN C 120 -22.28 29.86 2.30
C ASN C 120 -21.76 28.46 1.98
N ALA C 121 -22.06 27.52 2.87
CA ALA C 121 -21.62 26.13 2.70
C ALA C 121 -22.44 25.41 1.63
N SER C 122 -21.93 24.27 1.18
CA SER C 122 -22.62 23.45 0.19
C SER C 122 -22.26 21.98 0.44
N ALA C 123 -23.22 21.09 0.16
CA ALA C 123 -22.97 19.65 0.25
C ALA C 123 -22.66 19.13 -1.15
N VAL C 124 -21.68 18.23 -1.26
CA VAL C 124 -21.52 17.43 -2.48
C VAL C 124 -21.82 15.96 -2.16
N VAL C 125 -22.68 15.37 -2.98
CA VAL C 125 -23.19 14.00 -2.79
C VAL C 125 -22.53 13.11 -3.83
N TRP C 126 -21.76 12.14 -3.34
CA TRP C 126 -21.02 11.18 -4.17
C TRP C 126 -21.68 9.82 -4.16
N TYR C 127 -21.59 9.09 -5.27
CA TYR C 127 -22.10 7.71 -5.39
C TYR C 127 -21.17 6.88 -6.28
N GLY C 128 -20.72 5.74 -5.76
CA GLY C 128 -19.75 4.90 -6.47
C GLY C 128 -18.47 5.63 -6.83
N GLY C 129 -18.07 6.58 -5.96
CA GLY C 129 -16.84 7.36 -6.12
C GLY C 129 -16.89 8.53 -7.11
N ARG C 130 -18.09 8.90 -7.59
CA ARG C 130 -18.30 10.02 -8.50
C ARG C 130 -19.26 11.02 -7.89
N PRO C 131 -19.06 12.35 -8.14
CA PRO C 131 -20.00 13.35 -7.66
C PRO C 131 -21.31 13.34 -8.48
N ILE C 132 -22.45 13.35 -7.79
CA ILE C 132 -23.77 13.24 -8.44
C ILE C 132 -24.61 14.49 -8.30
N THR C 133 -24.69 15.02 -7.08
CA THR C 133 -25.56 16.14 -6.71
C THR C 133 -24.84 17.15 -5.82
N GLU C 134 -25.23 18.42 -5.95
CA GLU C 134 -24.74 19.49 -5.06
C GLU C 134 -25.94 20.16 -4.41
N ILE C 135 -25.81 20.52 -3.14
CA ILE C 135 -26.91 21.12 -2.40
C ILE C 135 -26.41 22.38 -1.70
N PRO C 136 -26.94 23.55 -2.12
CA PRO C 136 -26.52 24.78 -1.46
C PRO C 136 -27.18 24.95 -0.08
N SER C 137 -26.48 25.60 0.83
CA SER C 137 -27.01 26.00 2.14
C SER C 137 -28.36 26.71 1.97
N TRP C 138 -29.36 26.28 2.74
CA TRP C 138 -30.69 26.92 2.71
C TRP C 138 -30.95 27.96 3.81
N ALA C 139 -30.10 28.02 4.84
CA ALA C 139 -30.33 28.95 5.94
C ALA C 139 -29.09 29.84 6.19
N GLY C 140 -28.05 29.60 5.40
CA GLY C 140 -26.81 30.39 5.48
C GLY C 140 -26.07 30.33 6.81
N ASN C 141 -26.10 29.17 7.48
CA ASN C 141 -25.41 29.03 8.76
C ASN C 141 -24.92 27.60 9.02
N ILE C 142 -23.76 27.27 8.42
CA ILE C 142 -23.09 25.97 8.57
C ILE C 142 -23.99 24.77 8.24
N LEU C 143 -24.38 24.65 6.97
CA LEU C 143 -25.04 23.43 6.49
C LEU C 143 -24.19 22.22 6.91
N ARG C 144 -24.82 21.21 7.53
CA ARG C 144 -24.07 20.17 8.24
C ARG C 144 -24.88 18.88 8.42
N THR C 145 -24.22 17.77 8.73
CA THR C 145 -24.93 16.48 8.77
C THR C 145 -24.48 15.55 9.91
N GLN C 146 -24.65 14.24 9.70
CA GLN C 146 -24.70 13.25 10.78
C GLN C 146 -23.38 12.99 11.53
N GLU C 147 -22.26 12.91 10.81
CA GLU C 147 -20.96 12.50 11.39
C GLU C 147 -20.97 11.01 11.80
N SER C 148 -21.91 10.25 11.26
CA SER C 148 -21.87 8.78 11.26
C SER C 148 -22.71 8.28 10.10
N GLU C 149 -22.83 6.96 9.95
CA GLU C 149 -23.41 6.42 8.73
C GLU C 149 -24.91 6.67 8.58
N CYS C 150 -25.30 6.85 7.33
CA CYS C 150 -26.70 6.79 6.94
C CYS C 150 -27.12 5.31 6.73
N VAL C 151 -28.39 5.10 6.37
CA VAL C 151 -28.91 3.73 6.27
C VAL C 151 -29.78 3.72 5.01
N CYS C 152 -29.74 2.61 4.27
CA CYS C 152 -30.48 2.47 3.03
C CYS C 152 -31.46 1.29 3.05
N HIS C 153 -32.55 1.45 2.28
CA HIS C 153 -33.59 0.42 2.13
C HIS C 153 -34.16 0.49 0.71
N LYS C 154 -34.06 -0.62 -0.01
CA LYS C 154 -34.54 -0.71 -1.40
C LYS C 154 -33.95 0.39 -2.27
N GLY C 155 -32.71 0.79 -1.96
CA GLY C 155 -32.01 1.84 -2.69
C GLY C 155 -32.22 3.27 -2.20
N VAL C 156 -33.15 3.46 -1.25
CA VAL C 156 -33.45 4.80 -0.74
C VAL C 156 -32.67 5.00 0.56
N CYS C 157 -31.83 6.04 0.61
CA CYS C 157 -30.98 6.34 1.79
C CYS C 157 -31.32 7.71 2.35
N PRO C 158 -32.09 7.74 3.46
CA PRO C 158 -32.40 9.03 4.05
C PRO C 158 -31.17 9.59 4.80
N VAL C 159 -31.00 10.91 4.71
CA VAL C 159 -29.95 11.64 5.44
C VAL C 159 -30.55 12.85 6.17
N VAL C 160 -30.19 13.02 7.46
CA VAL C 160 -30.68 14.16 8.24
C VAL C 160 -29.64 15.28 8.15
N MET C 161 -30.08 16.47 7.79
CA MET C 161 -29.19 17.64 7.71
C MET C 161 -29.78 18.85 8.44
N THR C 162 -28.89 19.70 8.92
CA THR C 162 -29.29 20.91 9.64
C THR C 162 -28.54 22.12 9.06
N ASP C 163 -29.21 23.26 9.02
CA ASP C 163 -28.63 24.53 8.61
C ASP C 163 -29.28 25.59 9.52
N GLY C 164 -28.48 26.43 10.15
CA GLY C 164 -28.99 27.48 11.06
C GLY C 164 -28.25 27.43 12.39
N PRO C 165 -28.71 28.19 13.39
CA PRO C 165 -27.98 28.34 14.65
C PRO C 165 -27.82 27.02 15.40
N ALA C 166 -26.72 26.90 16.14
CA ALA C 166 -26.49 25.77 17.06
C ALA C 166 -27.21 25.97 18.40
N ASN C 167 -27.68 27.20 18.66
CA ASN C 167 -28.18 27.59 19.98
C ASN C 167 -29.62 28.16 19.97
N ASN C 168 -30.38 27.78 18.95
CA ASN C 168 -31.72 28.32 18.72
C ASN C 168 -32.41 27.45 17.69
N ARG C 169 -33.63 27.81 17.31
CA ARG C 169 -34.32 27.09 16.25
C ARG C 169 -33.52 27.15 14.93
N ALA C 170 -33.38 25.98 14.30
CA ALA C 170 -32.65 25.82 13.06
C ALA C 170 -33.56 25.15 12.03
N ALA C 171 -33.05 24.98 10.81
CA ALA C 171 -33.84 24.40 9.72
C ALA C 171 -33.28 23.03 9.38
N THR C 172 -33.92 22.00 9.91
CA THR C 172 -33.50 20.62 9.68
C THR C 172 -34.33 20.02 8.55
N LYS C 173 -33.68 19.23 7.70
CA LYS C 173 -34.36 18.51 6.62
C LYS C 173 -33.94 17.06 6.56
N ILE C 174 -34.87 16.23 6.10
CA ILE C 174 -34.60 14.84 5.75
C ILE C 174 -34.60 14.76 4.24
N ILE C 175 -33.46 14.34 3.68
CA ILE C 175 -33.33 14.26 2.23
C ILE C 175 -33.14 12.80 1.88
N TYR C 176 -33.98 12.33 0.98
CA TYR C 176 -34.03 10.92 0.62
C TYR C 176 -33.32 10.75 -0.71
N PHE C 177 -32.23 9.99 -0.70
CA PHE C 177 -31.39 9.77 -1.90
C PHE C 177 -31.55 8.39 -2.50
N LYS C 178 -31.38 8.31 -3.82
CA LYS C 178 -31.23 7.04 -4.52
C LYS C 178 -30.20 7.23 -5.61
N GLU C 179 -29.13 6.43 -5.53
CA GLU C 179 -27.97 6.49 -6.43
C GLU C 179 -27.38 7.93 -6.45
N GLY C 180 -27.43 8.58 -5.29
CA GLY C 180 -26.94 9.94 -5.11
C GLY C 180 -27.86 11.05 -5.57
N LYS C 181 -29.03 10.67 -6.10
CA LYS C 181 -30.01 11.66 -6.60
C LYS C 181 -31.14 11.88 -5.62
N ILE C 182 -31.59 13.13 -5.52
CA ILE C 182 -32.62 13.49 -4.53
C ILE C 182 -33.98 12.98 -5.02
N GLN C 183 -34.62 12.16 -4.19
CA GLN C 183 -35.96 11.63 -4.46
C GLN C 183 -37.06 12.48 -3.84
N LYS C 184 -36.75 13.11 -2.70
CA LYS C 184 -37.72 13.85 -1.89
C LYS C 184 -36.97 14.61 -0.80
N ILE C 185 -37.48 15.78 -0.44
CA ILE C 185 -37.00 16.59 0.68
C ILE C 185 -38.17 16.93 1.62
N GLU C 186 -38.02 16.62 2.91
CA GLU C 186 -39.03 17.00 3.91
C GLU C 186 -38.43 17.95 4.93
N GLU C 187 -39.20 18.95 5.35
CA GLU C 187 -38.82 19.73 6.52
C GLU C 187 -39.07 18.87 7.75
N LEU C 188 -38.22 19.02 8.76
CA LEU C 188 -38.41 18.32 10.03
C LEU C 188 -39.81 18.61 10.59
N ALA C 189 -40.50 17.55 10.99
CA ALA C 189 -41.81 17.65 11.62
C ALA C 189 -41.76 17.02 13.01
N GLY C 190 -42.83 17.19 13.78
CA GLY C 190 -42.88 16.57 15.10
C GLY C 190 -42.38 17.42 16.25
N ASN C 191 -42.13 16.76 17.36
CA ASN C 191 -41.83 17.45 18.61
C ASN C 191 -40.36 17.65 18.99
N ALA C 192 -39.43 17.12 18.19
CA ALA C 192 -38.02 17.42 18.42
C ALA C 192 -37.76 18.92 18.11
N GLN C 193 -37.16 19.66 19.04
CA GLN C 193 -37.07 21.13 18.88
C GLN C 193 -35.78 21.61 18.20
N HIS C 194 -34.76 20.75 18.22
CA HIS C 194 -33.44 21.02 17.63
C HIS C 194 -32.75 19.69 17.29
N ILE C 195 -32.08 19.64 16.13
CA ILE C 195 -31.49 18.40 15.63
C ILE C 195 -30.05 18.60 15.16
N GLU C 196 -29.12 17.83 15.72
CA GLU C 196 -27.73 17.76 15.21
C GLU C 196 -27.27 16.32 15.17
N GLU C 197 -26.36 16.00 14.23
CA GLU C 197 -25.48 14.82 14.31
C GLU C 197 -26.22 13.51 14.63
N CYS C 198 -27.26 13.20 13.84
CA CYS C 198 -28.04 11.98 14.03
C CYS C 198 -27.25 10.70 13.86
N SER C 199 -27.44 9.76 14.78
CA SER C 199 -26.90 8.39 14.66
C SER C 199 -28.08 7.48 14.35
N CYS C 200 -27.99 6.77 13.22
CA CYS C 200 -29.13 6.07 12.64
C CYS C 200 -28.83 4.59 12.36
N TYR C 201 -29.87 3.76 12.47
CA TYR C 201 -29.77 2.33 12.13
C TYR C 201 -31.14 1.87 11.66
N GLY C 202 -31.18 0.74 10.97
CA GLY C 202 -32.43 0.18 10.48
C GLY C 202 -32.74 -1.21 10.97
N ALA C 203 -34.03 -1.51 11.09
CA ALA C 203 -34.54 -2.84 11.50
C ALA C 203 -36.01 -2.90 11.14
N GLY C 204 -36.47 -4.04 10.64
CA GLY C 204 -37.88 -4.21 10.31
C GLY C 204 -38.50 -3.06 9.52
N GLY C 205 -37.77 -2.61 8.50
CA GLY C 205 -38.23 -1.60 7.56
C GLY C 205 -38.38 -0.21 8.11
N VAL C 206 -37.81 0.01 9.29
CA VAL C 206 -37.88 1.30 9.99
C VAL C 206 -36.46 1.77 10.28
N ILE C 207 -36.21 3.05 10.03
CA ILE C 207 -34.95 3.70 10.39
C ILE C 207 -35.14 4.62 11.58
N LYS C 208 -34.32 4.44 12.60
CA LYS C 208 -34.36 5.33 13.75
C LYS C 208 -33.06 6.10 13.90
N CYS C 209 -33.22 7.40 14.06
CA CYS C 209 -32.09 8.31 14.24
C CYS C 209 -32.16 8.93 15.62
N ILE C 210 -31.07 8.78 16.37
CA ILE C 210 -30.98 9.29 17.73
C ILE C 210 -29.95 10.42 17.68
N CYS C 211 -30.40 11.62 18.06
CA CYS C 211 -29.68 12.84 17.69
C CYS C 211 -29.24 13.68 18.90
N ARG C 212 -28.79 14.89 18.63
CA ARG C 212 -28.26 15.80 19.65
C ARG C 212 -29.08 17.10 19.58
N ASP C 213 -29.82 17.40 20.65
CA ASP C 213 -30.47 18.69 20.77
C ASP C 213 -29.46 19.65 21.39
N ASN C 214 -28.90 20.54 20.58
CA ASN C 214 -27.85 21.43 21.06
C ASN C 214 -28.41 22.70 21.68
N TRP C 215 -29.71 22.88 21.52
CA TRP C 215 -30.41 24.08 22.00
C TRP C 215 -30.86 23.98 23.48
N LYS C 216 -31.76 23.07 23.81
CA LYS C 216 -32.29 23.00 25.17
C LYS C 216 -32.08 21.64 25.86
N GLY C 217 -32.25 20.56 25.13
CA GLY C 217 -32.45 19.25 25.75
C GLY C 217 -31.21 18.44 26.11
N ALA C 218 -31.23 17.89 27.31
CA ALA C 218 -30.23 16.91 27.75
C ALA C 218 -30.74 15.49 27.49
N ASN C 219 -32.03 15.39 27.19
CA ASN C 219 -32.60 14.19 26.57
C ASN C 219 -32.45 14.26 25.04
N ARG C 220 -32.23 13.11 24.39
CA ARG C 220 -31.95 13.10 22.92
C ARG C 220 -33.18 12.99 22.04
N PRO C 221 -33.23 13.82 20.99
CA PRO C 221 -34.30 13.68 20.01
C PRO C 221 -34.23 12.32 19.32
N VAL C 222 -35.40 11.78 18.97
CA VAL C 222 -35.48 10.56 18.16
C VAL C 222 -36.34 10.82 16.92
N ILE C 223 -35.76 10.61 15.74
CA ILE C 223 -36.48 10.72 14.46
C ILE C 223 -36.76 9.32 13.92
N THR C 224 -38.02 9.01 13.65
CA THR C 224 -38.42 7.71 13.10
C THR C 224 -38.79 7.86 11.64
N ILE C 225 -38.08 7.15 10.76
CA ILE C 225 -38.21 7.33 9.32
C ILE C 225 -38.69 6.06 8.63
N ASP C 226 -39.72 6.22 7.81
CA ASP C 226 -40.21 5.22 6.88
C ASP C 226 -39.57 5.48 5.50
N PRO C 227 -38.54 4.67 5.13
CA PRO C 227 -37.83 4.92 3.87
C PRO C 227 -38.61 4.49 2.59
N GLU C 228 -39.72 3.77 2.76
CA GLU C 228 -40.58 3.39 1.63
C GLU C 228 -41.55 4.53 1.31
N MET C 229 -42.31 4.97 2.32
CA MET C 229 -43.22 6.13 2.21
C MET C 229 -42.46 7.46 2.14
N MET C 230 -41.21 7.45 2.61
CA MET C 230 -40.37 8.67 2.71
C MET C 230 -41.04 9.74 3.58
N THR C 231 -41.45 9.31 4.76
CA THR C 231 -42.08 10.16 5.73
C THR C 231 -41.38 9.94 7.06
N HIS C 232 -41.57 10.85 8.00
CA HIS C 232 -40.96 10.72 9.32
C HIS C 232 -41.82 11.34 10.40
N THR C 233 -41.49 11.01 11.64
CA THR C 233 -42.04 11.64 12.83
C THR C 233 -40.87 11.92 13.77
N SER C 234 -41.05 12.81 14.74
CA SER C 234 -40.00 13.10 15.72
C SER C 234 -40.53 13.38 17.12
N LYS C 235 -39.69 13.10 18.12
CA LYS C 235 -39.99 13.38 19.52
C LYS C 235 -38.68 13.25 20.29
N TYR C 236 -38.74 13.02 21.61
CA TYR C 236 -37.56 12.78 22.43
C TYR C 236 -37.58 11.39 22.99
N LEU C 237 -36.40 10.83 23.23
CA LEU C 237 -36.28 9.61 24.01
C LEU C 237 -37.07 9.82 25.33
N CYS C 238 -37.96 8.88 25.67
CA CYS C 238 -38.86 9.04 26.85
C CYS C 238 -38.17 8.85 28.19
N SER C 239 -37.12 8.03 28.22
CA SER C 239 -36.49 7.60 29.46
C SER C 239 -35.96 8.75 30.30
N LYS C 240 -36.09 8.59 31.62
CA LYS C 240 -35.47 9.44 32.61
C LYS C 240 -33.94 9.35 32.58
N VAL C 241 -33.39 8.31 31.97
CA VAL C 241 -31.92 8.15 31.87
C VAL C 241 -31.42 9.09 30.74
N LEU C 242 -30.89 10.23 31.14
CA LEU C 242 -30.59 11.31 30.20
C LEU C 242 -29.24 11.03 29.53
N THR C 243 -29.17 11.22 28.22
CA THR C 243 -27.96 10.73 27.51
C THR C 243 -27.10 11.72 26.71
N ASP C 244 -27.48 13.00 26.70
CA ASP C 244 -26.58 14.02 26.15
C ASP C 244 -25.54 14.40 27.19
N THR C 245 -24.58 15.24 26.77
CA THR C 245 -23.56 15.82 27.67
C THR C 245 -23.35 17.26 27.23
N SER C 246 -23.46 18.26 28.12
CA SER C 246 -23.69 18.09 29.56
C SER C 246 -25.16 17.79 29.87
N ARG C 247 -25.40 17.27 31.08
CA ARG C 247 -26.76 16.99 31.52
C ARG C 247 -26.85 17.17 33.03
N PRO C 248 -28.07 17.36 33.58
CA PRO C 248 -28.21 17.30 35.04
C PRO C 248 -28.31 15.84 35.49
N ASN C 249 -28.45 15.61 36.80
CA ASN C 249 -28.83 14.27 37.30
C ASN C 249 -30.10 13.79 36.65
N ASP C 250 -30.19 12.47 36.43
CA ASP C 250 -31.41 11.86 35.92
C ASP C 250 -32.58 12.20 36.83
N PRO C 251 -33.67 12.75 36.24
CA PRO C 251 -34.87 13.09 37.03
C PRO C 251 -35.71 11.85 37.37
N THR C 252 -36.79 12.06 38.13
CA THR C 252 -37.73 10.97 38.42
C THR C 252 -38.43 10.45 37.17
N ASN C 253 -38.67 11.35 36.21
CA ASN C 253 -39.32 10.99 34.96
C ASN C 253 -38.66 11.72 33.81
N GLY C 254 -38.57 11.03 32.68
CA GLY C 254 -38.16 11.66 31.43
C GLY C 254 -39.32 12.43 30.79
N ASN C 255 -39.12 12.82 29.55
CA ASN C 255 -40.12 13.60 28.83
C ASN C 255 -40.03 13.28 27.36
N CYS C 256 -41.07 12.64 26.83
CA CYS C 256 -41.11 12.17 25.45
C CYS C 256 -41.26 13.30 24.43
N ASP C 257 -41.72 14.48 24.86
CA ASP C 257 -42.26 15.47 23.93
C ASP C 257 -41.75 16.89 24.10
N ALA C 258 -40.69 17.04 24.89
CA ALA C 258 -40.08 18.32 25.23
C ALA C 258 -38.66 18.11 25.76
N PRO C 259 -37.77 19.07 25.52
CA PRO C 259 -36.43 18.96 26.04
C PRO C 259 -36.42 19.17 27.57
N ILE C 260 -35.58 18.40 28.24
CA ILE C 260 -35.28 18.57 29.66
C ILE C 260 -33.99 19.39 29.72
N THR C 261 -34.06 20.57 30.31
CA THR C 261 -32.95 21.53 30.19
C THR C 261 -31.69 21.09 30.94
N GLY C 262 -30.56 21.24 30.25
CA GLY C 262 -29.31 20.50 30.50
C GLY C 262 -28.46 20.88 31.69
N GLY C 263 -27.18 20.50 31.62
CA GLY C 263 -26.22 20.71 32.71
C GLY C 263 -25.22 21.79 32.36
N SER C 264 -23.94 21.50 32.59
CA SER C 264 -22.88 22.49 32.54
C SER C 264 -21.52 21.79 32.36
N PRO C 265 -20.66 22.28 31.46
CA PRO C 265 -20.71 23.47 30.63
C PRO C 265 -20.96 23.28 29.13
N ASP C 266 -21.22 22.05 28.66
CA ASP C 266 -21.35 21.73 27.21
C ASP C 266 -22.81 21.67 26.75
N PRO C 267 -23.15 22.31 25.60
CA PRO C 267 -24.54 22.18 25.09
C PRO C 267 -24.93 20.81 24.52
N GLY C 268 -23.95 19.99 24.15
CA GLY C 268 -24.27 18.68 23.61
C GLY C 268 -23.07 17.92 23.10
N VAL C 269 -23.33 16.66 22.75
CA VAL C 269 -22.34 15.77 22.12
C VAL C 269 -23.08 14.78 21.25
N LYS C 270 -22.44 14.36 20.15
CA LYS C 270 -23.08 13.35 19.30
C LYS C 270 -23.18 12.00 20.07
N GLY C 271 -24.32 11.34 19.98
CA GLY C 271 -24.56 10.09 20.71
C GLY C 271 -25.53 9.18 19.97
N PHE C 272 -25.95 8.10 20.63
CA PHE C 272 -26.74 7.09 19.94
C PHE C 272 -27.51 6.22 20.95
N ALA C 273 -28.46 5.45 20.43
CA ALA C 273 -29.12 4.43 21.23
C ALA C 273 -29.73 3.40 20.25
N PHE C 274 -29.94 2.17 20.73
CA PHE C 274 -30.69 1.18 20.00
C PHE C 274 -32.01 1.01 20.75
N LEU C 275 -33.13 1.24 20.05
CA LEU C 275 -34.43 1.25 20.69
C LEU C 275 -35.29 0.10 20.15
N ASP C 276 -35.50 -0.91 21.00
CA ASP C 276 -36.20 -2.14 20.59
C ASP C 276 -36.97 -2.80 21.77
N GLY C 277 -37.96 -2.07 22.32
CA GLY C 277 -38.71 -2.55 23.49
C GLY C 277 -37.81 -2.92 24.67
N GLU C 278 -37.95 -4.15 25.16
CA GLU C 278 -37.10 -4.67 26.22
C GLU C 278 -35.60 -4.65 25.85
N ASN C 279 -35.34 -4.86 24.57
CA ASN C 279 -33.98 -4.96 24.02
C ASN C 279 -33.43 -3.57 23.62
N SER C 280 -33.45 -2.62 24.56
CA SER C 280 -33.00 -1.25 24.32
C SER C 280 -31.76 -0.91 25.12
N TRP C 281 -30.82 -0.25 24.45
CA TRP C 281 -29.53 0.10 25.02
C TRP C 281 -29.18 1.57 24.72
N LEU C 282 -28.78 2.29 25.75
CA LEU C 282 -28.46 3.71 25.65
C LEU C 282 -26.98 3.87 25.95
N GLY C 283 -26.28 4.59 25.08
CA GLY C 283 -24.91 5.01 25.36
C GLY C 283 -24.89 6.40 25.96
N ARG C 284 -23.92 6.65 26.83
CA ARG C 284 -23.63 8.01 27.29
C ARG C 284 -22.25 8.11 27.90
N THR C 285 -21.71 9.33 27.98
CA THR C 285 -20.46 9.57 28.73
C THR C 285 -20.76 9.28 30.21
N ILE C 286 -19.76 8.77 30.94
CA ILE C 286 -19.96 8.56 32.40
C ILE C 286 -20.12 9.90 33.13
N SER C 287 -19.20 10.84 32.88
CA SER C 287 -19.36 12.23 33.36
C SER C 287 -20.66 12.84 32.83
N LYS C 288 -21.38 13.55 33.70
CA LYS C 288 -22.52 14.34 33.26
C LYS C 288 -22.10 15.72 32.73
N ASP C 289 -20.86 16.15 33.05
CA ASP C 289 -20.35 17.48 32.65
C ASP C 289 -19.60 17.43 31.33
N SER C 290 -18.78 16.40 31.18
CA SER C 290 -17.73 16.41 30.16
C SER C 290 -17.63 15.12 29.38
N ARG C 291 -16.92 15.23 28.27
CA ARG C 291 -16.64 14.10 27.40
C ARG C 291 -15.60 13.14 28.00
N SER C 292 -15.97 12.51 29.11
CA SER C 292 -15.11 11.50 29.71
C SER C 292 -15.89 10.28 30.13
N GLY C 293 -15.22 9.16 29.99
CA GLY C 293 -15.82 7.86 30.20
C GLY C 293 -16.86 7.55 29.15
N TYR C 294 -17.27 6.28 29.12
CA TYR C 294 -18.35 5.83 28.26
C TYR C 294 -18.98 4.58 28.82
N GLU C 295 -20.31 4.57 28.90
CA GLU C 295 -21.05 3.43 29.44
C GLU C 295 -22.21 3.04 28.54
N MET C 296 -22.53 1.75 28.52
CA MET C 296 -23.72 1.24 27.84
C MET C 296 -24.70 0.83 28.92
N LEU C 297 -25.94 1.31 28.81
CA LEU C 297 -27.02 0.97 29.77
C LEU C 297 -28.20 0.28 29.07
N LYS C 298 -28.58 -0.88 29.58
CA LYS C 298 -29.77 -1.56 29.06
C LYS C 298 -30.99 -1.00 29.79
N VAL C 299 -31.87 -0.32 29.03
CA VAL C 299 -33.01 0.43 29.60
C VAL C 299 -34.27 -0.02 28.86
N PRO C 300 -34.88 -1.11 29.36
CA PRO C 300 -36.05 -1.65 28.67
C PRO C 300 -37.10 -0.55 28.48
N ASN C 301 -37.65 -0.47 27.26
CA ASN C 301 -38.72 0.51 26.93
C ASN C 301 -38.35 1.99 27.08
N ALA C 302 -37.06 2.29 26.93
CA ALA C 302 -36.54 3.67 26.97
C ALA C 302 -37.28 4.60 25.99
N GLU C 303 -37.75 4.04 24.88
CA GLU C 303 -38.38 4.81 23.81
C GLU C 303 -39.82 5.23 24.16
N THR C 304 -40.46 4.51 25.08
CA THR C 304 -41.88 4.75 25.37
C THR C 304 -42.22 5.02 26.84
N ASP C 305 -41.29 4.75 27.75
CA ASP C 305 -41.62 4.78 29.20
C ASP C 305 -40.76 5.83 29.91
N ILE C 306 -41.40 6.90 30.40
CA ILE C 306 -40.68 7.99 31.10
C ILE C 306 -40.05 7.55 32.43
N GLN C 307 -40.51 6.42 32.95
CA GLN C 307 -39.98 5.86 34.20
C GLN C 307 -38.91 4.80 34.00
N SER C 308 -38.64 4.41 32.76
CA SER C 308 -37.63 3.38 32.46
C SER C 308 -36.22 3.73 32.98
N GLY C 309 -35.62 2.78 33.70
CA GLY C 309 -34.24 2.88 34.20
C GLY C 309 -33.40 1.67 33.81
N PRO C 310 -32.08 1.72 34.11
CA PRO C 310 -31.20 0.62 33.69
C PRO C 310 -31.43 -0.69 34.44
N ILE C 311 -31.29 -1.81 33.71
CA ILE C 311 -31.30 -3.14 34.33
C ILE C 311 -29.92 -3.85 34.24
N SER C 312 -29.06 -3.31 33.36
CA SER C 312 -27.65 -3.75 33.32
C SER C 312 -26.77 -2.65 32.73
N ASN C 313 -25.46 -2.81 32.91
CA ASN C 313 -24.51 -1.80 32.50
C ASN C 313 -23.21 -2.44 32.04
N GLN C 314 -22.53 -1.74 31.14
CA GLN C 314 -21.19 -2.12 30.73
C GLN C 314 -20.37 -0.85 30.53
N VAL C 315 -19.30 -0.75 31.31
CA VAL C 315 -18.32 0.32 31.13
C VAL C 315 -17.44 0.05 29.89
N ILE C 316 -17.47 1.01 28.96
CA ILE C 316 -16.74 0.90 27.68
C ILE C 316 -15.39 1.60 27.81
N VAL C 317 -15.41 2.79 28.43
CA VAL C 317 -14.19 3.58 28.69
C VAL C 317 -14.33 4.12 30.12
N ASN C 318 -13.32 3.90 30.94
CA ASN C 318 -13.48 4.37 32.32
C ASN C 318 -13.49 5.90 32.38
N ASN C 319 -14.03 6.43 33.49
CA ASN C 319 -14.23 7.88 33.66
C ASN C 319 -12.93 8.61 34.02
N GLN C 320 -11.79 7.91 33.98
CA GLN C 320 -10.47 8.54 34.10
C GLN C 320 -9.85 8.79 32.73
N ASN C 321 -10.60 8.45 31.68
CA ASN C 321 -10.14 8.61 30.30
C ASN C 321 -11.12 9.37 29.44
N TRP C 322 -10.61 10.08 28.44
CA TRP C 322 -11.44 10.92 27.55
C TRP C 322 -12.18 10.11 26.50
N SER C 323 -13.44 10.48 26.25
CA SER C 323 -14.20 9.86 25.18
C SER C 323 -14.45 10.97 24.15
N GLY C 324 -15.67 11.08 23.64
CA GLY C 324 -15.97 12.01 22.54
C GLY C 324 -17.29 11.64 21.90
N TYR C 325 -17.41 11.88 20.59
CA TYR C 325 -18.63 11.46 19.84
C TYR C 325 -18.79 9.95 19.90
N SER C 326 -20.04 9.50 19.80
CA SER C 326 -20.31 8.08 19.64
C SER C 326 -21.46 7.92 18.65
N GLY C 327 -21.52 6.77 17.98
CA GLY C 327 -22.55 6.57 16.96
C GLY C 327 -22.82 5.12 16.64
N ALA C 328 -23.90 4.90 15.92
CA ALA C 328 -24.33 3.57 15.55
C ALA C 328 -23.91 3.16 14.14
N PHE C 329 -23.65 1.86 13.97
CA PHE C 329 -23.59 1.25 12.66
C PHE C 329 -23.93 -0.21 12.82
N ILE C 330 -24.27 -0.83 11.70
CA ILE C 330 -24.58 -2.28 11.67
C ILE C 330 -23.93 -2.90 10.43
N ASP C 331 -23.39 -4.10 10.59
CA ASP C 331 -22.99 -4.88 9.43
C ASP C 331 -24.25 -5.55 8.84
N TYR C 332 -24.96 -4.81 7.98
CA TYR C 332 -26.20 -5.31 7.39
C TYR C 332 -26.03 -6.55 6.50
N TRP C 333 -24.78 -6.88 6.17
CA TRP C 333 -24.52 -7.98 5.23
C TRP C 333 -23.94 -9.21 5.95
N ALA C 334 -24.02 -9.21 7.27
CA ALA C 334 -23.62 -10.37 8.07
C ALA C 334 -24.49 -11.58 7.75
N ASN C 335 -23.91 -12.78 7.93
CA ASN C 335 -24.58 -14.07 7.74
C ASN C 335 -25.32 -14.45 9.03
N LYS C 336 -26.38 -13.70 9.32
CA LYS C 336 -27.15 -13.79 10.56
C LYS C 336 -28.61 -13.48 10.27
N GLU C 337 -29.55 -14.08 11.02
CA GLU C 337 -30.97 -13.83 10.82
C GLU C 337 -31.47 -12.52 11.42
N CYS C 338 -30.61 -11.86 12.19
CA CYS C 338 -30.96 -10.56 12.77
C CYS C 338 -29.82 -9.57 12.50
N PHE C 339 -30.15 -8.27 12.57
CA PHE C 339 -29.17 -7.20 12.41
C PHE C 339 -28.59 -6.93 13.80
N ASN C 340 -27.27 -7.09 13.96
CA ASN C 340 -26.65 -6.97 15.28
C ASN C 340 -26.11 -5.55 15.53
N PRO C 341 -26.66 -4.84 16.55
CA PRO C 341 -26.17 -3.49 16.86
C PRO C 341 -24.65 -3.41 17.04
N CYS C 342 -24.03 -2.39 16.44
CA CYS C 342 -22.63 -2.01 16.77
C CYS C 342 -22.57 -0.51 17.07
N PHE C 343 -21.53 -0.09 17.77
CA PHE C 343 -21.29 1.34 17.97
C PHE C 343 -19.79 1.64 18.02
N TYR C 344 -19.42 2.91 17.85
CA TYR C 344 -18.04 3.32 18.10
C TYR C 344 -18.05 4.43 19.15
N VAL C 345 -16.90 4.62 19.77
CA VAL C 345 -16.64 5.79 20.59
C VAL C 345 -15.37 6.42 20.06
N GLU C 346 -15.44 7.73 19.81
CA GLU C 346 -14.31 8.56 19.46
C GLU C 346 -13.54 8.88 20.74
N LEU C 347 -12.23 8.59 20.75
CA LEU C 347 -11.45 8.83 21.95
C LEU C 347 -10.58 10.05 21.72
N ILE C 348 -11.08 11.20 22.16
CA ILE C 348 -10.42 12.49 21.87
C ILE C 348 -9.20 12.75 22.75
N ARG C 349 -8.09 13.12 22.11
CA ARG C 349 -6.85 13.46 22.81
C ARG C 349 -6.40 14.86 22.39
N GLY C 350 -5.68 15.55 23.29
CA GLY C 350 -5.21 16.91 23.04
C GLY C 350 -6.26 17.93 23.45
N ARG C 351 -6.35 19.03 22.71
CA ARG C 351 -7.13 20.20 23.15
C ARG C 351 -8.65 20.00 23.00
N PRO C 352 -9.46 20.64 23.87
CA PRO C 352 -9.11 21.56 24.97
C PRO C 352 -8.75 20.88 26.29
N LYS C 353 -9.08 19.61 26.46
CA LYS C 353 -8.94 18.96 27.79
C LYS C 353 -7.48 18.69 28.21
N GLU C 354 -6.61 18.55 27.21
CA GLU C 354 -5.19 18.30 27.41
C GLU C 354 -4.43 19.40 26.67
N SER C 355 -4.18 20.51 27.35
CA SER C 355 -3.62 21.68 26.68
C SER C 355 -2.07 21.73 26.68
N SER C 356 -1.42 20.65 27.12
CA SER C 356 0.04 20.58 27.03
C SER C 356 0.53 20.30 25.60
N VAL C 357 -0.40 19.95 24.70
CA VAL C 357 -0.10 19.82 23.27
C VAL C 357 -0.89 20.88 22.47
N LEU C 358 -0.46 21.13 21.24
CA LEU C 358 -1.05 22.18 20.39
C LEU C 358 -2.20 21.67 19.49
N TRP C 359 -2.44 20.36 19.52
CA TRP C 359 -3.31 19.67 18.57
C TRP C 359 -4.53 19.01 19.23
N THR C 360 -5.49 18.60 18.39
CA THR C 360 -6.65 17.81 18.80
C THR C 360 -6.78 16.71 17.79
N SER C 361 -6.85 15.47 18.28
CA SER C 361 -7.11 14.36 17.40
C SER C 361 -7.89 13.31 18.17
N ASN C 362 -7.95 12.09 17.64
CA ASN C 362 -8.69 11.02 18.27
C ASN C 362 -8.17 9.66 17.82
N SER C 363 -8.53 8.64 18.59
CA SER C 363 -8.53 7.28 18.06
C SER C 363 -9.96 6.71 18.11
N ILE C 364 -10.09 5.45 17.71
CA ILE C 364 -11.41 4.84 17.58
C ILE C 364 -11.45 3.51 18.34
N VAL C 365 -12.56 3.24 19.03
CA VAL C 365 -12.88 1.90 19.47
C VAL C 365 -14.31 1.57 19.02
N ALA C 366 -14.53 0.30 18.65
CA ALA C 366 -15.83 -0.16 18.17
C ALA C 366 -16.20 -1.51 18.79
N LEU C 367 -17.50 -1.66 19.13
CA LEU C 367 -17.99 -2.88 19.77
C LEU C 367 -19.34 -3.27 19.14
N CYS C 368 -19.72 -4.55 19.24
CA CYS C 368 -21.01 -5.01 18.77
C CYS C 368 -21.68 -5.88 19.82
N GLY C 369 -22.98 -6.08 19.67
CA GLY C 369 -23.78 -6.87 20.61
C GLY C 369 -23.33 -8.31 20.73
N SER C 370 -23.47 -8.85 21.94
CA SER C 370 -23.46 -10.29 22.16
C SER C 370 -24.73 -10.72 22.93
N LYS C 371 -25.19 -11.93 22.65
CA LYS C 371 -26.23 -12.56 23.50
C LYS C 371 -25.68 -13.16 24.79
N LYS C 372 -24.38 -13.43 24.80
CA LYS C 372 -23.69 -13.95 25.96
C LYS C 372 -23.51 -12.83 26.99
N ARG C 373 -23.16 -13.22 28.22
CA ARG C 373 -22.73 -12.28 29.26
C ARG C 373 -21.23 -12.25 29.33
N LEU C 374 -20.63 -11.30 28.63
CA LEU C 374 -19.19 -11.19 28.50
C LEU C 374 -18.61 -10.24 29.53
N GLY C 375 -17.41 -10.57 30.02
CA GLY C 375 -16.66 -9.65 30.84
C GLY C 375 -16.21 -8.44 30.05
N SER C 376 -15.85 -7.37 30.75
CA SER C 376 -15.41 -6.16 30.06
C SER C 376 -14.19 -5.53 30.70
N TRP C 377 -13.49 -4.68 29.94
CA TRP C 377 -12.54 -3.70 30.51
C TRP C 377 -12.58 -2.41 29.70
N SER C 378 -11.81 -1.42 30.16
CA SER C 378 -11.82 -0.09 29.59
C SER C 378 -10.97 -0.08 28.30
N TRP C 379 -11.58 0.43 27.23
CA TRP C 379 -10.90 0.54 25.93
C TRP C 379 -10.47 1.98 25.64
N HIS C 380 -9.74 2.59 26.59
CA HIS C 380 -9.30 3.97 26.49
C HIS C 380 -8.20 4.07 25.40
N ASP C 381 -7.90 5.31 24.99
CA ASP C 381 -6.99 5.55 23.85
C ASP C 381 -5.62 4.89 24.05
N GLY C 382 -5.02 5.12 25.22
CA GLY C 382 -3.79 4.42 25.58
C GLY C 382 -2.48 5.17 25.31
N ALA C 383 -2.56 6.36 24.71
CA ALA C 383 -1.33 7.17 24.54
C ALA C 383 -0.95 7.97 25.79
N GLU C 384 0.35 8.19 25.98
CA GLU C 384 0.85 8.98 27.09
C GLU C 384 1.12 10.37 26.57
N ILE C 385 0.35 11.33 27.05
CA ILE C 385 0.44 12.70 26.57
C ILE C 385 1.85 13.27 26.78
N ILE C 386 2.55 12.79 27.81
CA ILE C 386 3.87 13.33 28.16
C ILE C 386 4.85 13.09 27.02
N TYR C 387 4.66 12.01 26.28
CA TYR C 387 5.53 11.67 25.15
C TYR C 387 5.46 12.71 24.01
N PHE C 388 4.35 13.47 23.96
CA PHE C 388 4.11 14.45 22.90
C PHE C 388 4.55 15.84 23.36
N GLU C 389 5.08 15.92 24.58
CA GLU C 389 5.46 17.20 25.17
C GLU C 389 6.93 17.48 24.93
N ARG D 1 -15.83 -3.00 -22.20
CA ARG D 1 -15.26 -1.63 -22.48
C ARG D 1 -15.27 -1.35 -23.97
N THR D 2 -15.43 -0.09 -24.32
CA THR D 2 -15.49 0.36 -25.72
C THR D 2 -14.74 1.68 -25.82
N PHE D 3 -14.41 2.09 -27.03
CA PHE D 3 -13.77 3.40 -27.20
C PHE D 3 -14.72 4.53 -26.80
N LEU D 4 -14.19 5.52 -26.08
CA LEU D 4 -14.93 6.76 -25.80
C LEU D 4 -15.24 7.54 -27.08
N ASN D 5 -16.51 7.92 -27.25
CA ASN D 5 -16.88 8.84 -28.30
C ASN D 5 -17.50 10.09 -27.71
N LEU D 6 -17.05 11.24 -28.21
CA LEU D 6 -17.38 12.53 -27.64
C LEU D 6 -18.79 12.99 -28.03
N THR D 7 -19.77 12.13 -27.80
CA THR D 7 -21.15 12.30 -28.31
C THR D 7 -22.01 13.32 -27.56
N LYS D 8 -21.60 13.70 -26.35
CA LYS D 8 -22.47 14.46 -25.44
C LYS D 8 -22.15 15.95 -25.49
N PRO D 9 -23.14 16.82 -25.19
CA PRO D 9 -22.81 18.23 -25.10
C PRO D 9 -22.19 18.55 -23.72
N LEU D 10 -21.60 19.74 -23.55
CA LEU D 10 -21.15 20.18 -22.22
C LEU D 10 -22.35 20.42 -21.33
N CYS D 11 -22.22 20.11 -20.03
CA CYS D 11 -23.24 20.45 -19.05
C CYS D 11 -23.32 21.97 -18.85
N GLU D 12 -24.50 22.47 -18.49
CA GLU D 12 -24.65 23.85 -18.09
C GLU D 12 -23.87 24.05 -16.77
N VAL D 13 -23.16 25.17 -16.66
CA VAL D 13 -22.36 25.47 -15.47
C VAL D 13 -22.65 26.87 -14.94
N ASN D 14 -23.11 26.93 -13.69
CA ASN D 14 -23.41 28.21 -13.04
C ASN D 14 -22.50 28.55 -11.87
N SER D 15 -21.82 27.55 -11.33
CA SER D 15 -20.81 27.70 -10.27
C SER D 15 -19.94 26.43 -10.26
N TRP D 16 -19.03 26.36 -9.29
CA TRP D 16 -18.06 25.25 -9.30
C TRP D 16 -18.05 24.60 -7.90
N HIS D 17 -18.17 23.28 -7.85
CA HIS D 17 -18.14 22.54 -6.57
C HIS D 17 -16.76 21.90 -6.36
N ILE D 18 -16.39 21.70 -5.11
CA ILE D 18 -15.10 21.05 -4.78
C ILE D 18 -15.10 19.57 -5.18
N LEU D 19 -14.06 19.16 -5.94
CA LEU D 19 -13.91 17.74 -6.32
C LEU D 19 -12.86 17.02 -5.47
N SER D 20 -11.66 17.61 -5.43
CA SER D 20 -10.54 17.03 -4.67
C SER D 20 -9.55 18.09 -4.25
N LYS D 21 -8.80 17.76 -3.21
CA LYS D 21 -7.69 18.59 -2.74
C LYS D 21 -6.73 17.66 -2.01
N ASP D 22 -5.44 17.69 -2.35
CA ASP D 22 -4.52 16.72 -1.72
C ASP D 22 -3.71 17.26 -0.54
N ASN D 23 -3.67 18.58 -0.34
CA ASN D 23 -2.95 19.15 0.82
C ASN D 23 -1.53 18.62 0.95
N ALA D 24 -0.87 18.45 -0.20
CA ALA D 24 0.39 17.72 -0.27
C ALA D 24 1.52 18.39 0.56
N ILE D 25 1.58 19.72 0.54
CA ILE D 25 2.66 20.44 1.24
C ILE D 25 2.47 20.41 2.77
N ARG D 26 1.23 20.62 3.21
CA ARG D 26 0.90 20.47 4.64
C ARG D 26 1.35 19.10 5.13
N ILE D 27 0.90 18.05 4.43
CA ILE D 27 1.19 16.69 4.85
C ILE D 27 2.68 16.36 4.69
N GLY D 28 3.26 16.80 3.57
CA GLY D 28 4.68 16.57 3.24
C GLY D 28 5.69 17.28 4.14
N GLU D 29 5.20 18.15 5.01
CA GLU D 29 6.05 18.78 6.03
C GLU D 29 6.61 17.70 6.98
N ASP D 30 5.88 16.59 7.14
CA ASP D 30 6.35 15.51 8.02
C ASP D 30 6.36 14.12 7.35
N ALA D 31 5.37 13.81 6.54
CA ALA D 31 5.29 12.52 5.87
C ALA D 31 6.18 12.47 4.61
N HIS D 32 6.38 11.27 4.06
CA HIS D 32 7.26 11.12 2.90
C HIS D 32 6.49 11.42 1.61
N ILE D 33 6.52 12.68 1.19
CA ILE D 33 5.77 13.18 0.01
C ILE D 33 6.76 13.67 -1.05
N LEU D 34 6.58 13.21 -2.28
CA LEU D 34 7.49 13.53 -3.37
C LEU D 34 7.36 15.00 -3.75
N VAL D 35 8.48 15.63 -4.13
CA VAL D 35 8.44 16.95 -4.80
C VAL D 35 7.89 16.77 -6.22
N THR D 36 6.92 17.61 -6.57
CA THR D 36 6.32 17.57 -7.90
C THR D 36 6.25 19.02 -8.46
N ARG D 37 5.83 19.11 -9.71
CA ARG D 37 5.21 20.31 -10.28
C ARG D 37 4.48 19.86 -11.55
N GLU D 38 3.78 20.77 -12.20
CA GLU D 38 3.04 20.46 -13.45
C GLU D 38 2.02 19.33 -13.28
N PRO D 39 1.12 19.45 -12.28
CA PRO D 39 0.13 18.43 -12.01
C PRO D 39 -1.06 18.50 -12.96
N TYR D 40 -1.88 17.46 -12.95
CA TYR D 40 -3.18 17.50 -13.58
C TYR D 40 -4.03 16.34 -13.06
N LEU D 41 -5.23 16.20 -13.60
CA LEU D 41 -6.03 15.00 -13.34
C LEU D 41 -6.48 14.43 -14.67
N SER D 42 -6.73 13.13 -14.66
CA SER D 42 -7.30 12.46 -15.83
C SER D 42 -8.13 11.29 -15.31
N CYS D 43 -9.27 11.05 -15.96
CA CYS D 43 -10.18 9.98 -15.57
C CYS D 43 -10.17 8.80 -16.54
N ASP D 44 -10.87 7.74 -16.14
CA ASP D 44 -11.07 6.54 -16.93
C ASP D 44 -12.41 5.92 -16.51
N PRO D 45 -12.81 4.79 -17.13
CA PRO D 45 -14.10 4.20 -16.72
C PRO D 45 -14.22 3.90 -15.22
N GLN D 46 -13.12 3.67 -14.52
CA GLN D 46 -13.18 3.31 -13.08
C GLN D 46 -13.22 4.55 -12.15
N GLY D 47 -12.78 5.70 -12.65
CA GLY D 47 -12.74 6.92 -11.82
C GLY D 47 -11.67 7.90 -12.29
N CYS D 48 -11.13 8.69 -11.37
CA CYS D 48 -10.15 9.73 -11.71
C CYS D 48 -8.90 9.63 -10.85
N ARG D 49 -7.77 10.06 -11.42
CA ARG D 49 -6.48 9.98 -10.76
C ARG D 49 -5.77 11.32 -10.89
N MET D 50 -4.89 11.63 -9.93
CA MET D 50 -4.03 12.81 -10.02
C MET D 50 -2.73 12.40 -10.71
N PHE D 51 -2.12 13.35 -11.44
CA PHE D 51 -0.86 13.17 -12.20
C PHE D 51 0.06 14.35 -11.89
N ALA D 52 1.38 14.14 -11.96
CA ALA D 52 2.33 15.26 -11.87
C ALA D 52 3.71 14.79 -12.24
N LEU D 53 4.61 15.73 -12.47
CA LEU D 53 5.99 15.39 -12.73
C LEU D 53 6.76 15.39 -11.42
N SER D 54 7.12 14.20 -10.95
CA SER D 54 7.99 14.05 -9.77
C SER D 54 9.37 14.66 -10.05
N GLN D 55 10.05 15.08 -8.97
CA GLN D 55 11.45 15.53 -9.06
C GLN D 55 12.41 14.46 -8.55
N GLY D 56 11.85 13.30 -8.19
CA GLY D 56 12.67 12.18 -7.75
C GLY D 56 13.32 12.43 -6.41
N THR D 57 12.54 13.01 -5.50
CA THR D 57 12.98 13.29 -4.14
C THR D 57 11.76 13.60 -3.29
N THR D 58 11.88 13.42 -1.98
CA THR D 58 10.82 13.90 -1.07
C THR D 58 11.02 15.39 -0.74
N LEU D 59 9.95 15.99 -0.23
CA LEU D 59 9.93 17.42 0.04
C LEU D 59 10.87 17.82 1.19
N ARG D 60 10.89 17.01 2.27
CA ARG D 60 11.83 17.26 3.39
C ARG D 60 13.25 16.74 3.14
N GLY D 61 13.42 16.01 2.04
CA GLY D 61 14.74 15.41 1.76
C GLY D 61 15.74 16.46 1.35
N ARG D 62 17.03 16.16 1.55
CA ARG D 62 18.06 17.12 1.16
C ARG D 62 18.08 17.39 -0.35
N HIS D 63 17.58 16.42 -1.14
CA HIS D 63 17.55 16.55 -2.61
C HIS D 63 16.43 17.49 -3.14
N ALA D 64 15.57 17.98 -2.23
CA ALA D 64 14.58 18.99 -2.61
C ALA D 64 15.29 20.30 -2.95
N ASN D 65 16.53 20.44 -2.48
CA ASN D 65 17.34 21.61 -2.76
C ASN D 65 17.67 21.67 -4.26
N GLY D 66 17.23 22.74 -4.92
CA GLY D 66 17.48 22.90 -6.36
C GLY D 66 16.29 22.55 -7.26
N THR D 67 15.17 22.14 -6.68
CA THR D 67 14.03 21.68 -7.48
C THR D 67 13.22 22.80 -8.20
N ILE D 68 13.67 24.05 -8.11
CA ILE D 68 13.19 25.07 -9.07
C ILE D 68 13.50 24.64 -10.52
N HIS D 69 14.61 23.91 -10.67
CA HIS D 69 15.10 23.45 -11.98
C HIS D 69 14.04 22.56 -12.67
N ASP D 70 13.73 22.89 -13.93
CA ASP D 70 12.63 22.22 -14.67
C ASP D 70 12.95 20.84 -15.25
N ARG D 71 14.20 20.63 -15.67
CA ARG D 71 14.51 19.45 -16.45
C ARG D 71 15.71 18.71 -15.89
N SER D 72 15.50 17.42 -15.59
CA SER D 72 16.58 16.57 -15.09
C SER D 72 16.29 15.11 -15.45
N PRO D 73 17.31 14.23 -15.33
CA PRO D 73 17.08 12.81 -15.57
C PRO D 73 16.37 12.12 -14.41
N PHE D 74 15.98 12.87 -13.36
CA PHE D 74 15.37 12.32 -12.13
C PHE D 74 13.86 12.58 -12.02
N ARG D 75 13.29 13.16 -13.07
CA ARG D 75 11.87 13.47 -13.14
C ARG D 75 11.11 12.35 -13.87
N ALA D 76 9.83 12.19 -13.51
CA ALA D 76 9.01 11.16 -14.12
C ALA D 76 7.53 11.56 -13.97
N LEU D 77 6.71 11.15 -14.92
CA LEU D 77 5.26 11.31 -14.73
C LEU D 77 4.78 10.22 -13.79
N ILE D 78 4.14 10.65 -12.69
CA ILE D 78 3.56 9.75 -11.70
C ILE D 78 2.05 9.99 -11.63
N SER D 79 1.29 8.92 -11.36
CA SER D 79 -0.12 9.06 -11.07
C SER D 79 -0.45 8.39 -9.76
N TRP D 80 -1.58 8.79 -9.17
CA TRP D 80 -2.04 8.23 -7.92
C TRP D 80 -3.54 8.48 -7.70
N GLU D 81 -4.11 7.75 -6.74
CA GLU D 81 -5.56 7.83 -6.48
C GLU D 81 -5.92 9.26 -6.06
N MET D 82 -6.96 9.80 -6.68
CA MET D 82 -7.37 11.20 -6.49
C MET D 82 -7.60 11.53 -5.02
N GLY D 83 -6.98 12.60 -4.55
CA GLY D 83 -7.21 13.02 -3.17
C GLY D 83 -6.06 12.72 -2.24
N GLN D 84 -5.40 11.56 -2.45
CA GLN D 84 -4.20 11.23 -1.72
C GLN D 84 -3.08 12.20 -2.12
N ALA D 85 -2.10 12.38 -1.22
CA ALA D 85 -0.89 13.13 -1.58
C ALA D 85 0.14 12.16 -2.19
N PRO D 86 1.02 12.68 -3.06
CA PRO D 86 1.95 11.76 -3.74
C PRO D 86 3.14 11.34 -2.89
N SER D 87 3.16 10.07 -2.47
CA SER D 87 4.33 9.52 -1.76
C SER D 87 5.09 8.53 -2.66
N PRO D 88 6.33 8.13 -2.23
CA PRO D 88 7.00 7.03 -2.89
C PRO D 88 6.25 5.68 -2.78
N TYR D 89 5.18 5.65 -1.99
CA TYR D 89 4.54 4.37 -1.67
C TYR D 89 3.23 4.12 -2.43
N ASN D 90 2.57 5.19 -2.90
CA ASN D 90 1.22 5.08 -3.49
C ASN D 90 1.19 5.60 -4.93
N THR D 91 2.36 5.84 -5.53
CA THR D 91 2.43 6.50 -6.84
C THR D 91 2.88 5.50 -7.92
N ARG D 92 2.25 5.62 -9.08
CA ARG D 92 2.58 4.80 -10.23
C ARG D 92 3.43 5.61 -11.20
N VAL D 93 4.55 5.06 -11.62
CA VAL D 93 5.34 5.72 -12.67
C VAL D 93 4.74 5.44 -14.07
N GLU D 94 4.30 6.49 -14.74
CA GLU D 94 3.66 6.40 -16.05
C GLU D 94 4.69 6.38 -17.20
N CYS D 95 5.77 7.13 -17.03
CA CYS D 95 6.86 7.26 -18.00
C CYS D 95 7.92 8.16 -17.37
N ILE D 96 9.10 8.24 -17.99
CA ILE D 96 10.22 8.98 -17.44
C ILE D 96 10.46 10.25 -18.26
N GLY D 97 10.61 11.40 -17.58
CA GLY D 97 10.87 12.66 -18.26
C GLY D 97 10.26 13.87 -17.57
N TRP D 98 10.28 15.01 -18.29
CA TRP D 98 10.09 16.34 -17.71
C TRP D 98 9.02 17.19 -18.44
N SER D 99 8.26 16.52 -19.30
CA SER D 99 7.05 17.11 -19.93
C SER D 99 6.14 15.95 -20.30
N SER D 100 4.83 16.10 -20.10
CA SER D 100 3.91 14.97 -20.25
C SER D 100 2.49 15.32 -20.69
N THR D 101 1.76 14.28 -21.10
CA THR D 101 0.31 14.29 -21.22
C THR D 101 -0.13 12.86 -20.99
N SER D 102 -1.43 12.68 -20.76
CA SER D 102 -2.02 11.35 -20.59
C SER D 102 -3.52 11.42 -20.83
N CYS D 103 -4.11 10.35 -21.35
CA CYS D 103 -5.55 10.28 -21.52
C CYS D 103 -5.93 8.82 -21.75
N HIS D 104 -7.16 8.48 -21.39
CA HIS D 104 -7.72 7.14 -21.56
C HIS D 104 -8.69 7.17 -22.75
N ASP D 105 -8.60 6.17 -23.62
CA ASP D 105 -9.44 6.14 -24.82
C ASP D 105 -10.75 5.35 -24.63
N GLY D 106 -10.97 4.85 -23.41
CA GLY D 106 -12.12 4.02 -23.05
C GLY D 106 -11.70 2.56 -22.89
N MET D 107 -10.57 2.21 -23.53
CA MET D 107 -9.99 0.87 -23.44
C MET D 107 -8.75 0.83 -22.51
N SER D 108 -7.79 1.70 -22.81
CA SER D 108 -6.53 1.77 -22.07
C SER D 108 -6.02 3.22 -21.99
N ARG D 109 -5.02 3.45 -21.12
CA ARG D 109 -4.43 4.77 -20.95
C ARG D 109 -3.20 4.93 -21.85
N MET D 110 -3.17 6.02 -22.62
CA MET D 110 -1.96 6.50 -23.27
C MET D 110 -1.25 7.53 -22.39
N SER D 111 0.07 7.36 -22.18
CA SER D 111 0.87 8.36 -21.45
C SER D 111 2.12 8.70 -22.26
N ILE D 112 2.47 9.98 -22.28
CA ILE D 112 3.62 10.45 -23.10
C ILE D 112 4.53 11.30 -22.25
N CYS D 113 5.84 11.00 -22.29
CA CYS D 113 6.85 11.81 -21.60
C CYS D 113 7.98 12.14 -22.55
N MET D 114 8.45 13.39 -22.51
CA MET D 114 9.70 13.78 -23.16
C MET D 114 10.82 13.80 -22.13
N SER D 115 12.00 13.36 -22.55
CA SER D 115 13.20 13.45 -21.73
C SER D 115 14.40 13.73 -22.63
N GLY D 116 15.55 13.93 -22.01
CA GLY D 116 16.79 14.15 -22.76
C GLY D 116 17.28 15.57 -22.61
N PRO D 117 18.42 15.88 -23.24
CA PRO D 117 18.99 17.22 -23.19
C PRO D 117 18.18 18.16 -24.09
N ASN D 118 18.33 19.47 -23.89
CA ASN D 118 17.55 20.47 -24.62
C ASN D 118 17.65 20.34 -26.13
N ASN D 119 18.85 20.05 -26.65
CA ASN D 119 19.05 19.95 -28.10
C ASN D 119 18.75 18.57 -28.70
N ASN D 120 18.25 17.65 -27.88
CA ASN D 120 18.17 16.26 -28.32
C ASN D 120 17.13 15.42 -27.57
N ALA D 121 15.97 16.03 -27.27
CA ALA D 121 14.95 15.39 -26.46
C ALA D 121 14.18 14.39 -27.30
N SER D 122 13.41 13.53 -26.64
CA SER D 122 12.60 12.55 -27.35
C SER D 122 11.37 12.24 -26.52
N ALA D 123 10.27 12.00 -27.22
CA ALA D 123 9.06 11.53 -26.56
C ALA D 123 9.00 10.01 -26.62
N VAL D 124 8.56 9.39 -25.52
CA VAL D 124 8.12 7.98 -25.51
C VAL D 124 6.63 7.92 -25.21
N VAL D 125 5.89 7.21 -26.07
CA VAL D 125 4.45 7.10 -26.04
C VAL D 125 4.12 5.70 -25.53
N TRP D 126 3.40 5.66 -24.42
CA TRP D 126 3.06 4.43 -23.72
C TRP D 126 1.57 4.21 -23.89
N TYR D 127 1.16 2.94 -23.97
CA TYR D 127 -0.27 2.59 -24.07
C TYR D 127 -0.51 1.30 -23.31
N GLY D 128 -1.49 1.31 -22.40
CA GLY D 128 -1.72 0.17 -21.50
C GLY D 128 -0.49 -0.24 -20.71
N GLY D 129 0.32 0.75 -20.30
CA GLY D 129 1.48 0.51 -19.46
C GLY D 129 2.71 -0.03 -20.18
N ARG D 130 2.71 -0.03 -21.52
CA ARG D 130 3.86 -0.52 -22.31
C ARG D 130 4.31 0.57 -23.30
N PRO D 131 5.63 0.67 -23.60
CA PRO D 131 6.05 1.67 -24.59
C PRO D 131 5.72 1.21 -26.02
N ILE D 132 5.16 2.11 -26.83
CA ILE D 132 4.72 1.79 -28.19
C ILE D 132 5.54 2.51 -29.26
N THR D 133 5.68 3.83 -29.11
CA THR D 133 6.26 4.72 -30.13
C THR D 133 7.29 5.68 -29.49
N GLU D 134 8.34 6.00 -30.23
CA GLU D 134 9.26 7.05 -29.82
C GLU D 134 9.33 8.10 -30.93
N ILE D 135 9.50 9.36 -30.52
CA ILE D 135 9.50 10.53 -31.43
C ILE D 135 10.67 11.44 -31.08
N PRO D 136 11.66 11.52 -31.99
CA PRO D 136 12.79 12.42 -31.77
C PRO D 136 12.42 13.89 -31.97
N SER D 137 13.09 14.79 -31.24
CA SER D 137 12.98 16.23 -31.45
C SER D 137 13.11 16.58 -32.95
N TRP D 138 12.22 17.44 -33.44
CA TRP D 138 12.29 17.92 -34.83
C TRP D 138 12.93 19.31 -34.97
N ALA D 139 13.10 20.02 -33.85
CA ALA D 139 13.66 21.38 -33.86
C ALA D 139 14.88 21.61 -32.95
N GLY D 140 15.30 20.55 -32.25
CA GLY D 140 16.48 20.62 -31.37
C GLY D 140 16.39 21.64 -30.24
N ASN D 141 15.16 21.87 -29.74
CA ASN D 141 14.97 22.86 -28.67
C ASN D 141 13.78 22.52 -27.76
N ILE D 142 14.04 21.59 -26.84
CA ILE D 142 13.10 21.20 -25.78
C ILE D 142 11.74 20.77 -26.33
N LEU D 143 11.73 19.66 -27.08
CA LEU D 143 10.48 19.03 -27.49
C LEU D 143 9.62 18.84 -26.23
N ARG D 144 8.37 19.28 -26.29
CA ARG D 144 7.55 19.36 -25.07
C ARG D 144 6.07 19.32 -25.39
N THR D 145 5.23 19.12 -24.36
CA THR D 145 3.79 18.93 -24.59
C THR D 145 2.86 19.57 -23.51
N GLN D 146 1.65 19.04 -23.39
CA GLN D 146 0.53 19.75 -22.76
C GLN D 146 0.64 20.05 -21.27
N GLU D 147 1.16 19.08 -20.48
CA GLU D 147 1.16 19.14 -18.99
C GLU D 147 -0.27 19.11 -18.40
N SER D 148 -1.22 18.65 -19.22
CA SER D 148 -2.54 18.21 -18.73
C SER D 148 -3.06 17.17 -19.70
N GLU D 149 -4.27 16.67 -19.46
CA GLU D 149 -4.75 15.51 -20.21
C GLU D 149 -5.06 15.74 -21.69
N CYS D 150 -4.80 14.71 -22.49
CA CYS D 150 -5.29 14.68 -23.86
C CYS D 150 -6.77 14.20 -23.86
N VAL D 151 -7.35 14.09 -25.04
CA VAL D 151 -8.77 13.69 -25.19
C VAL D 151 -8.85 12.73 -26.38
N CYS D 152 -9.70 11.71 -26.30
CA CYS D 152 -9.81 10.69 -27.36
C CYS D 152 -11.24 10.61 -27.91
N HIS D 153 -11.38 10.19 -29.17
CA HIS D 153 -12.68 10.03 -29.82
C HIS D 153 -12.58 8.87 -30.82
N LYS D 154 -13.37 7.81 -30.58
CA LYS D 154 -13.32 6.59 -31.40
C LYS D 154 -11.88 6.02 -31.49
N GLY D 155 -11.13 6.10 -30.38
CA GLY D 155 -9.74 5.60 -30.32
C GLY D 155 -8.65 6.54 -30.81
N VAL D 156 -9.04 7.66 -31.40
CA VAL D 156 -8.08 8.67 -31.83
C VAL D 156 -7.88 9.77 -30.78
N CYS D 157 -6.63 9.90 -30.30
CA CYS D 157 -6.26 10.88 -29.25
C CYS D 157 -5.26 11.91 -29.81
N PRO D 158 -5.77 13.11 -30.17
CA PRO D 158 -4.83 14.14 -30.62
C PRO D 158 -4.01 14.68 -29.46
N VAL D 159 -2.74 14.98 -29.74
CA VAL D 159 -1.84 15.59 -28.76
C VAL D 159 -1.09 16.76 -29.43
N VAL D 160 -1.12 17.92 -28.77
CA VAL D 160 -0.38 19.10 -29.21
C VAL D 160 1.04 19.12 -28.62
N MET D 161 2.06 19.24 -29.47
CA MET D 161 3.47 19.32 -29.03
C MET D 161 4.19 20.50 -29.68
N THR D 162 5.21 21.01 -28.98
CA THR D 162 5.99 22.14 -29.50
C THR D 162 7.49 21.82 -29.39
N ASP D 163 8.26 22.26 -30.38
CA ASP D 163 9.71 22.14 -30.30
C ASP D 163 10.23 23.43 -30.93
N GLY D 164 11.16 24.08 -30.25
CA GLY D 164 11.63 25.42 -30.67
C GLY D 164 11.67 26.44 -29.55
N PRO D 165 12.03 27.70 -29.87
CA PRO D 165 12.14 28.75 -28.86
C PRO D 165 10.86 28.97 -28.04
N ALA D 166 11.03 29.26 -26.76
CA ALA D 166 9.93 29.71 -25.90
C ALA D 166 9.58 31.19 -26.13
N ASN D 167 10.50 31.94 -26.72
CA ASN D 167 10.36 33.40 -26.83
C ASN D 167 10.35 33.91 -28.28
N ASN D 168 9.93 33.04 -29.20
CA ASN D 168 9.91 33.34 -30.64
C ASN D 168 9.07 32.29 -31.34
N ARG D 169 8.93 32.43 -32.65
CA ARG D 169 8.24 31.42 -33.46
C ARG D 169 8.86 30.03 -33.25
N ALA D 170 8.01 29.02 -33.05
CA ALA D 170 8.45 27.64 -32.82
C ALA D 170 7.71 26.68 -33.75
N ALA D 171 8.05 25.39 -33.68
CA ALA D 171 7.40 24.40 -34.54
C ALA D 171 6.43 23.50 -33.76
N THR D 172 5.13 23.81 -33.87
CA THR D 172 4.10 23.09 -33.15
C THR D 172 3.49 22.08 -34.11
N LYS D 173 3.18 20.89 -33.61
CA LYS D 173 2.53 19.85 -34.40
C LYS D 173 1.40 19.22 -33.61
N ILE D 174 0.35 18.80 -34.32
CA ILE D 174 -0.68 17.98 -33.71
C ILE D 174 -0.44 16.55 -34.16
N ILE D 175 -0.25 15.66 -33.19
CA ILE D 175 -0.04 14.25 -33.50
C ILE D 175 -1.26 13.43 -33.08
N TYR D 176 -1.79 12.67 -34.02
CA TYR D 176 -3.02 11.90 -33.81
C TYR D 176 -2.65 10.45 -33.54
N PHE D 177 -2.96 9.97 -32.34
CA PHE D 177 -2.58 8.63 -31.89
C PHE D 177 -3.77 7.65 -31.85
N LYS D 178 -3.48 6.37 -32.08
CA LYS D 178 -4.46 5.31 -31.79
C LYS D 178 -3.72 4.09 -31.27
N GLU D 179 -4.08 3.67 -30.05
CA GLU D 179 -3.38 2.59 -29.35
C GLU D 179 -1.86 2.87 -29.29
N GLY D 180 -1.52 4.14 -29.11
CA GLY D 180 -0.11 4.57 -28.98
C GLY D 180 0.64 4.70 -30.31
N LYS D 181 -0.04 4.42 -31.43
CA LYS D 181 0.59 4.52 -32.77
C LYS D 181 0.20 5.79 -33.51
N ILE D 182 1.15 6.34 -34.25
CA ILE D 182 0.93 7.61 -34.97
C ILE D 182 0.06 7.36 -36.21
N GLN D 183 -1.12 7.97 -36.23
CA GLN D 183 -2.06 7.93 -37.38
C GLN D 183 -1.80 9.03 -38.39
N LYS D 184 -1.29 10.17 -37.93
CA LYS D 184 -1.17 11.38 -38.77
C LYS D 184 -0.45 12.41 -37.94
N ILE D 185 0.35 13.24 -38.62
CA ILE D 185 1.04 14.37 -38.01
C ILE D 185 0.73 15.61 -38.85
N GLU D 186 0.31 16.70 -38.18
CA GLU D 186 0.01 17.97 -38.85
C GLU D 186 0.87 19.07 -38.25
N GLU D 187 1.40 19.95 -39.10
CA GLU D 187 1.98 21.19 -38.64
C GLU D 187 0.84 22.14 -38.25
N LEU D 188 1.06 22.91 -37.20
CA LEU D 188 0.10 23.94 -36.76
C LEU D 188 -0.25 24.87 -37.92
N ALA D 189 -1.53 25.10 -38.13
CA ALA D 189 -2.02 26.07 -39.13
C ALA D 189 -2.90 27.12 -38.43
N GLY D 190 -3.24 28.20 -39.14
CA GLY D 190 -4.12 29.22 -38.60
C GLY D 190 -3.42 30.40 -37.96
N ASN D 191 -4.17 31.11 -37.12
CA ASN D 191 -3.76 32.43 -36.64
C ASN D 191 -3.04 32.47 -35.28
N ALA D 192 -3.01 31.36 -34.55
CA ALA D 192 -2.21 31.29 -33.32
C ALA D 192 -0.74 31.41 -33.69
N GLN D 193 -0.03 32.34 -33.05
CA GLN D 193 1.38 32.65 -33.41
C GLN D 193 2.44 31.86 -32.63
N HIS D 194 2.04 31.30 -31.49
CA HIS D 194 2.92 30.51 -30.62
C HIS D 194 2.03 29.69 -29.69
N ILE D 195 2.42 28.43 -29.49
CA ILE D 195 1.61 27.47 -28.74
C ILE D 195 2.42 26.74 -27.68
N GLU D 196 1.92 26.77 -26.43
CA GLU D 196 2.51 26.01 -25.33
C GLU D 196 1.40 25.40 -24.48
N GLU D 197 1.71 24.23 -23.91
CA GLU D 197 0.95 23.73 -22.73
C GLU D 197 -0.57 23.75 -22.90
N CYS D 198 -1.06 23.11 -23.97
CA CYS D 198 -2.49 23.22 -24.27
C CYS D 198 -3.33 22.50 -23.22
N SER D 199 -4.46 23.11 -22.88
CA SER D 199 -5.48 22.45 -22.01
C SER D 199 -6.69 22.13 -22.87
N CYS D 200 -7.03 20.84 -22.99
CA CYS D 200 -7.99 20.36 -23.99
C CYS D 200 -9.17 19.58 -23.39
N TYR D 201 -10.33 19.70 -24.03
CA TYR D 201 -11.51 18.95 -23.63
C TYR D 201 -12.38 18.67 -24.86
N GLY D 202 -13.25 17.67 -24.77
CA GLY D 202 -14.11 17.31 -25.90
C GLY D 202 -15.58 17.44 -25.57
N ALA D 203 -16.37 17.83 -26.56
CA ALA D 203 -17.82 17.89 -26.46
C ALA D 203 -18.41 17.98 -27.87
N GLY D 204 -19.53 17.30 -28.08
CA GLY D 204 -20.23 17.33 -29.37
C GLY D 204 -19.33 17.06 -30.56
N GLY D 205 -18.47 16.05 -30.42
CA GLY D 205 -17.52 15.63 -31.48
C GLY D 205 -16.38 16.56 -31.85
N VAL D 206 -16.13 17.57 -31.02
CA VAL D 206 -15.10 18.59 -31.27
C VAL D 206 -14.19 18.65 -30.07
N ILE D 207 -12.88 18.72 -30.32
CA ILE D 207 -11.90 18.91 -29.25
C ILE D 207 -11.40 20.34 -29.33
N LYS D 208 -11.42 21.02 -28.19
CA LYS D 208 -10.91 22.37 -28.09
C LYS D 208 -9.74 22.44 -27.13
N CYS D 209 -8.65 23.03 -27.59
CA CYS D 209 -7.44 23.19 -26.79
C CYS D 209 -7.17 24.67 -26.60
N ILE D 210 -7.06 25.07 -25.33
CA ILE D 210 -6.84 26.45 -24.94
C ILE D 210 -5.43 26.49 -24.39
N CYS D 211 -4.58 27.31 -25.02
CA CYS D 211 -3.15 27.16 -24.83
C CYS D 211 -2.48 28.42 -24.28
N ARG D 212 -1.15 28.44 -24.32
CA ARG D 212 -0.33 29.57 -23.82
C ARG D 212 0.55 30.10 -24.97
N ASP D 213 0.36 31.36 -25.34
CA ASP D 213 1.26 32.01 -26.30
C ASP D 213 2.36 32.67 -25.47
N ASN D 214 3.54 32.05 -25.48
CA ASN D 214 4.64 32.56 -24.64
C ASN D 214 5.42 33.67 -25.32
N TRP D 215 5.08 33.94 -26.57
CA TRP D 215 5.87 34.86 -27.39
C TRP D 215 5.29 36.28 -27.34
N LYS D 216 3.98 36.41 -27.57
CA LYS D 216 3.34 37.72 -27.66
C LYS D 216 2.08 37.90 -26.82
N GLY D 217 1.10 37.01 -27.03
CA GLY D 217 -0.26 37.24 -26.56
C GLY D 217 -0.52 36.98 -25.08
N ALA D 218 -1.26 37.91 -24.47
CA ALA D 218 -1.87 37.75 -23.14
C ALA D 218 -3.28 37.18 -23.30
N ASN D 219 -3.79 37.19 -24.53
CA ASN D 219 -4.96 36.39 -24.88
C ASN D 219 -4.48 35.00 -25.27
N ARG D 220 -5.30 33.99 -24.97
CA ARG D 220 -4.87 32.60 -25.15
C ARG D 220 -5.26 32.08 -26.53
N PRO D 221 -4.32 31.42 -27.22
CA PRO D 221 -4.62 30.74 -28.48
C PRO D 221 -5.64 29.62 -28.25
N VAL D 222 -6.48 29.35 -29.25
CA VAL D 222 -7.44 28.28 -29.19
C VAL D 222 -7.31 27.45 -30.46
N ILE D 223 -6.99 26.16 -30.28
CA ILE D 223 -6.93 25.19 -31.38
C ILE D 223 -8.19 24.35 -31.36
N THR D 224 -8.89 24.28 -32.49
CA THR D 224 -10.13 23.51 -32.57
C THR D 224 -9.84 22.28 -33.46
N ILE D 225 -10.04 21.09 -32.92
CA ILE D 225 -9.60 19.86 -33.59
C ILE D 225 -10.80 18.96 -33.93
N ASP D 226 -10.84 18.51 -35.18
CA ASP D 226 -11.79 17.50 -35.64
C ASP D 226 -11.06 16.16 -35.57
N PRO D 227 -11.40 15.30 -34.58
CA PRO D 227 -10.69 14.05 -34.38
C PRO D 227 -11.05 12.92 -35.36
N GLU D 228 -12.07 13.15 -36.18
CA GLU D 228 -12.42 12.17 -37.22
C GLU D 228 -11.68 12.43 -38.53
N MET D 229 -11.80 13.68 -39.02
CA MET D 229 -11.02 14.14 -40.17
C MET D 229 -9.53 14.29 -39.85
N MET D 230 -9.21 14.38 -38.56
CA MET D 230 -7.83 14.65 -38.11
C MET D 230 -7.25 15.93 -38.73
N THR D 231 -8.04 17.00 -38.57
CA THR D 231 -7.68 18.35 -39.01
C THR D 231 -7.98 19.37 -37.91
N HIS D 232 -7.47 20.59 -38.06
CA HIS D 232 -7.60 21.59 -37.03
C HIS D 232 -7.58 22.99 -37.63
N THR D 233 -8.04 23.95 -36.83
CA THR D 233 -7.91 25.38 -37.12
C THR D 233 -7.38 26.01 -35.85
N SER D 234 -6.87 27.25 -35.94
CA SER D 234 -6.42 27.97 -34.74
C SER D 234 -6.62 29.49 -34.82
N LYS D 235 -6.85 30.11 -33.67
CA LYS D 235 -6.95 31.56 -33.56
C LYS D 235 -6.73 31.92 -32.10
N TYR D 236 -7.26 33.06 -31.68
CA TYR D 236 -7.18 33.44 -30.27
C TYR D 236 -8.58 33.51 -29.66
N LEU D 237 -8.67 33.39 -28.34
CA LEU D 237 -9.90 33.76 -27.64
C LEU D 237 -10.23 35.20 -28.00
N CYS D 238 -11.45 35.42 -28.50
CA CYS D 238 -11.89 36.76 -28.90
C CYS D 238 -12.06 37.74 -27.74
N SER D 239 -12.49 37.26 -26.59
CA SER D 239 -12.87 38.15 -25.48
C SER D 239 -11.77 39.15 -25.08
N LYS D 240 -12.19 40.35 -24.68
CA LYS D 240 -11.33 41.37 -24.06
C LYS D 240 -10.85 40.94 -22.65
N VAL D 241 -11.46 39.90 -22.10
CA VAL D 241 -11.04 39.41 -20.78
C VAL D 241 -9.80 38.56 -21.00
N LEU D 242 -8.64 39.14 -20.70
CA LEU D 242 -7.33 38.51 -20.98
C LEU D 242 -7.01 37.51 -19.87
N THR D 243 -6.48 36.34 -20.22
CA THR D 243 -6.37 35.29 -19.20
C THR D 243 -5.01 34.65 -19.02
N ASP D 244 -4.00 35.16 -19.74
CA ASP D 244 -2.64 34.72 -19.49
C ASP D 244 -2.02 35.55 -18.35
N THR D 245 -0.82 35.17 -17.91
CA THR D 245 -0.10 35.93 -16.89
C THR D 245 1.37 35.89 -17.28
N SER D 246 2.07 37.03 -17.38
CA SER D 246 1.57 38.35 -17.07
C SER D 246 0.73 38.89 -18.22
N ARG D 247 -0.15 39.83 -17.90
CA ARG D 247 -1.04 40.45 -18.90
C ARG D 247 -1.24 41.94 -18.56
N PRO D 248 -1.63 42.75 -19.58
CA PRO D 248 -2.00 44.13 -19.27
C PRO D 248 -3.44 44.19 -18.78
N ASN D 249 -3.94 45.39 -18.51
CA ASN D 249 -5.37 45.58 -18.25
C ASN D 249 -6.20 45.08 -19.44
N ASP D 250 -7.41 44.61 -19.18
CA ASP D 250 -8.29 44.20 -20.27
C ASP D 250 -8.60 45.42 -21.11
N PRO D 251 -8.42 45.31 -22.44
CA PRO D 251 -8.74 46.40 -23.34
C PRO D 251 -10.25 46.54 -23.58
N THR D 252 -10.62 47.57 -24.30
CA THR D 252 -11.99 47.79 -24.71
C THR D 252 -12.53 46.62 -25.56
N ASN D 253 -11.73 46.11 -26.49
CA ASN D 253 -12.06 44.89 -27.26
C ASN D 253 -10.89 43.94 -27.34
N GLY D 254 -11.19 42.65 -27.36
CA GLY D 254 -10.17 41.66 -27.66
C GLY D 254 -9.92 41.54 -29.15
N ASN D 255 -9.23 40.46 -29.53
CA ASN D 255 -8.86 40.19 -30.91
C ASN D 255 -8.89 38.69 -31.16
N CYS D 256 -9.80 38.24 -32.03
CA CYS D 256 -9.92 36.83 -32.42
C CYS D 256 -8.71 36.27 -33.20
N ASP D 257 -7.97 37.14 -33.87
CA ASP D 257 -7.04 36.65 -34.90
C ASP D 257 -5.60 37.13 -34.78
N ALA D 258 -5.28 37.76 -33.66
CA ALA D 258 -3.93 38.23 -33.37
C ALA D 258 -3.72 38.39 -31.86
N PRO D 259 -2.45 38.25 -31.39
CA PRO D 259 -2.15 38.48 -29.97
C PRO D 259 -2.41 39.90 -29.46
N ILE D 260 -2.94 39.99 -28.25
CA ILE D 260 -2.96 41.24 -27.52
C ILE D 260 -1.77 41.23 -26.57
N THR D 261 -0.84 42.14 -26.84
CA THR D 261 0.44 42.12 -26.14
C THR D 261 0.47 43.01 -24.92
N GLY D 262 1.53 42.88 -24.14
CA GLY D 262 1.68 43.70 -22.95
C GLY D 262 1.78 42.85 -21.70
N GLY D 263 1.98 43.52 -20.56
CA GLY D 263 2.07 42.81 -19.29
C GLY D 263 3.52 42.68 -18.89
N SER D 264 3.75 42.43 -17.61
CA SER D 264 5.10 42.35 -17.08
C SER D 264 5.03 41.67 -15.70
N PRO D 265 6.06 40.88 -15.34
CA PRO D 265 7.32 40.63 -16.04
C PRO D 265 7.41 39.29 -16.82
N ASP D 266 6.38 38.47 -16.76
CA ASP D 266 6.47 37.11 -17.31
C ASP D 266 5.62 36.86 -18.56
N PRO D 267 6.13 36.02 -19.49
CA PRO D 267 5.48 35.85 -20.77
C PRO D 267 4.28 34.89 -20.84
N GLY D 268 4.03 34.09 -19.80
CA GLY D 268 2.93 33.14 -19.86
C GLY D 268 2.81 32.17 -18.70
N VAL D 269 1.63 31.57 -18.59
CA VAL D 269 1.38 30.49 -17.64
C VAL D 269 0.40 29.53 -18.32
N LYS D 270 0.51 28.23 -18.05
CA LYS D 270 -0.51 27.29 -18.55
C LYS D 270 -1.87 27.65 -17.94
N GLY D 271 -2.91 27.63 -18.80
CA GLY D 271 -4.28 27.91 -18.37
C GLY D 271 -5.30 27.20 -19.24
N PHE D 272 -6.56 27.60 -19.09
CA PHE D 272 -7.65 26.85 -19.72
C PHE D 272 -8.90 27.70 -19.79
N ALA D 273 -9.85 27.23 -20.60
CA ALA D 273 -11.22 27.74 -20.63
C ALA D 273 -12.17 26.66 -21.18
N PHE D 274 -13.45 26.81 -20.88
CA PHE D 274 -14.50 26.01 -21.50
C PHE D 274 -15.33 26.99 -22.31
N LEU D 275 -15.53 26.64 -23.58
CA LEU D 275 -16.06 27.54 -24.61
C LEU D 275 -17.27 26.89 -25.28
N ASP D 276 -18.46 27.41 -24.95
CA ASP D 276 -19.73 26.78 -25.33
C ASP D 276 -20.83 27.85 -25.35
N GLY D 277 -20.67 28.86 -26.21
CA GLY D 277 -21.68 29.92 -26.35
C GLY D 277 -21.88 30.67 -25.05
N GLU D 278 -23.14 30.84 -24.65
CA GLU D 278 -23.48 31.50 -23.38
C GLU D 278 -22.81 30.81 -22.17
N ASN D 279 -22.65 29.48 -22.27
CA ASN D 279 -22.10 28.60 -21.22
C ASN D 279 -20.55 28.55 -21.27
N SER D 280 -19.92 29.73 -21.16
CA SER D 280 -18.46 29.82 -21.34
C SER D 280 -17.81 30.35 -20.07
N TRP D 281 -16.69 29.72 -19.69
CA TRP D 281 -15.99 30.06 -18.45
C TRP D 281 -14.49 30.14 -18.69
N LEU D 282 -13.90 31.23 -18.21
CA LEU D 282 -12.46 31.47 -18.33
C LEU D 282 -11.83 31.46 -16.95
N GLY D 283 -10.79 30.67 -16.77
CA GLY D 283 -9.97 30.74 -15.54
C GLY D 283 -8.87 31.75 -15.75
N ARG D 284 -8.44 32.41 -14.67
CA ARG D 284 -7.19 33.18 -14.70
C ARG D 284 -6.67 33.46 -13.29
N THR D 285 -5.37 33.74 -13.16
CA THR D 285 -4.82 34.23 -11.89
C THR D 285 -5.51 35.57 -11.57
N ILE D 286 -5.74 35.87 -10.29
CA ILE D 286 -6.35 37.17 -9.93
C ILE D 286 -5.34 38.30 -10.22
N SER D 287 -4.09 38.09 -9.87
CA SER D 287 -3.03 39.02 -10.26
C SER D 287 -2.80 39.07 -11.77
N LYS D 288 -2.66 40.26 -12.32
CA LYS D 288 -2.27 40.39 -13.72
C LYS D 288 -0.76 40.16 -13.93
N ASP D 289 0.03 40.29 -12.86
CA ASP D 289 1.51 40.17 -12.94
C ASP D 289 2.08 38.83 -12.49
N SER D 290 1.50 38.27 -11.43
CA SER D 290 2.07 37.12 -10.75
C SER D 290 1.09 35.95 -10.72
N ARG D 291 1.65 34.77 -10.46
CA ARG D 291 0.87 33.53 -10.32
C ARG D 291 0.29 33.47 -8.90
N SER D 292 -0.59 34.43 -8.61
CA SER D 292 -1.30 34.51 -7.34
C SER D 292 -2.80 34.68 -7.55
N GLY D 293 -3.54 33.98 -6.69
CA GLY D 293 -4.99 33.90 -6.79
C GLY D 293 -5.45 33.10 -7.99
N TYR D 294 -6.72 32.77 -7.99
CA TYR D 294 -7.33 32.14 -9.15
C TYR D 294 -8.82 32.42 -9.11
N GLU D 295 -9.38 32.83 -10.26
CA GLU D 295 -10.79 33.17 -10.36
C GLU D 295 -11.37 32.52 -11.62
N MET D 296 -12.63 32.12 -11.55
CA MET D 296 -13.39 31.66 -12.70
C MET D 296 -14.36 32.77 -13.10
N LEU D 297 -14.41 33.08 -14.39
CA LEU D 297 -15.25 34.17 -14.89
C LEU D 297 -16.20 33.61 -15.94
N LYS D 298 -17.51 33.76 -15.76
CA LYS D 298 -18.46 33.31 -16.79
C LYS D 298 -18.55 34.45 -17.80
N VAL D 299 -18.06 34.20 -19.01
CA VAL D 299 -18.09 35.22 -20.08
C VAL D 299 -18.74 34.66 -21.33
N PRO D 300 -20.05 34.92 -21.47
CA PRO D 300 -20.81 34.38 -22.60
C PRO D 300 -20.15 34.82 -23.91
N ASN D 301 -20.07 33.87 -24.85
CA ASN D 301 -19.50 34.07 -26.17
C ASN D 301 -18.06 34.55 -26.15
N ALA D 302 -17.32 34.17 -25.11
CA ALA D 302 -15.88 34.51 -25.03
C ALA D 302 -15.10 34.09 -26.29
N GLU D 303 -15.50 32.96 -26.87
CA GLU D 303 -14.81 32.42 -28.04
C GLU D 303 -15.02 33.23 -29.32
N THR D 304 -16.11 33.99 -29.40
CA THR D 304 -16.51 34.64 -30.65
C THR D 304 -16.69 36.16 -30.59
N ASP D 305 -16.90 36.70 -29.40
CA ASP D 305 -17.27 38.11 -29.21
C ASP D 305 -16.14 38.93 -28.56
N ILE D 306 -15.57 39.87 -29.31
CA ILE D 306 -14.47 40.69 -28.81
C ILE D 306 -14.88 41.66 -27.70
N GLN D 307 -16.19 41.87 -27.56
CA GLN D 307 -16.70 42.74 -26.51
C GLN D 307 -17.18 41.99 -25.26
N SER D 308 -17.16 40.65 -25.31
CA SER D 308 -17.66 39.84 -24.20
C SER D 308 -16.94 40.10 -22.86
N GLY D 309 -17.74 40.29 -21.82
CA GLY D 309 -17.22 40.52 -20.46
C GLY D 309 -17.87 39.55 -19.47
N PRO D 310 -17.39 39.53 -18.22
CA PRO D 310 -17.91 38.58 -17.21
C PRO D 310 -19.31 38.92 -16.74
N ILE D 311 -20.13 37.90 -16.53
CA ILE D 311 -21.45 38.07 -15.90
C ILE D 311 -21.51 37.48 -14.50
N SER D 312 -20.50 36.68 -14.17
CA SER D 312 -20.37 36.16 -12.82
C SER D 312 -18.93 35.73 -12.56
N ASN D 313 -18.60 35.57 -11.29
CA ASN D 313 -17.26 35.16 -10.91
C ASN D 313 -17.28 34.29 -9.67
N GLN D 314 -16.26 33.43 -9.57
CA GLN D 314 -16.03 32.64 -8.36
C GLN D 314 -14.54 32.63 -8.07
N VAL D 315 -14.19 33.11 -6.88
CA VAL D 315 -12.81 33.08 -6.42
C VAL D 315 -12.52 31.65 -5.97
N ILE D 316 -11.47 31.06 -6.55
CA ILE D 316 -11.07 29.68 -6.24
C ILE D 316 -9.92 29.68 -5.25
N VAL D 317 -9.01 30.64 -5.43
CA VAL D 317 -7.87 30.85 -4.52
C VAL D 317 -7.76 32.36 -4.31
N ASN D 318 -7.83 32.84 -3.07
CA ASN D 318 -7.76 34.29 -2.89
C ASN D 318 -6.39 34.89 -3.32
N ASN D 319 -6.35 36.21 -3.54
CA ASN D 319 -5.15 36.84 -4.09
C ASN D 319 -3.98 37.01 -3.11
N GLN D 320 -4.16 36.50 -1.89
CA GLN D 320 -3.06 36.51 -0.90
C GLN D 320 -2.33 35.16 -0.93
N ASN D 321 -2.79 34.25 -1.78
CA ASN D 321 -2.16 32.94 -1.89
C ASN D 321 -1.62 32.63 -3.27
N TRP D 322 -0.59 31.79 -3.33
CA TRP D 322 0.02 31.38 -4.58
C TRP D 322 -0.83 30.38 -5.39
N SER D 323 -0.91 30.61 -6.70
CA SER D 323 -1.45 29.60 -7.62
C SER D 323 -0.35 29.03 -8.53
N GLY D 324 -0.61 28.97 -9.83
CA GLY D 324 0.31 28.27 -10.76
C GLY D 324 -0.42 27.83 -12.02
N TYR D 325 0.03 26.76 -12.64
CA TYR D 325 -0.67 26.17 -13.81
C TYR D 325 -2.11 25.81 -13.47
N SER D 326 -2.96 25.83 -14.50
CA SER D 326 -4.33 25.32 -14.40
C SER D 326 -4.67 24.64 -15.71
N GLY D 327 -5.60 23.69 -15.65
CA GLY D 327 -5.94 22.95 -16.85
C GLY D 327 -7.28 22.26 -16.76
N ALA D 328 -7.74 21.80 -17.91
CA ALA D 328 -9.05 21.15 -18.08
C ALA D 328 -8.95 19.63 -18.00
N PHE D 329 -9.97 19.02 -17.40
CA PHE D 329 -10.27 17.58 -17.59
C PHE D 329 -11.77 17.34 -17.47
N ILE D 330 -12.23 16.17 -17.92
CA ILE D 330 -13.63 15.79 -17.76
C ILE D 330 -13.73 14.30 -17.41
N ASP D 331 -14.64 13.96 -16.52
CA ASP D 331 -14.97 12.57 -16.32
C ASP D 331 -15.94 12.18 -17.44
N TYR D 332 -15.38 11.75 -18.56
CA TYR D 332 -16.17 11.37 -19.75
C TYR D 332 -17.00 10.10 -19.53
N TRP D 333 -16.74 9.40 -18.43
CA TRP D 333 -17.44 8.13 -18.14
C TRP D 333 -18.48 8.28 -17.01
N ALA D 334 -18.79 9.51 -16.66
CA ALA D 334 -19.81 9.76 -15.64
C ALA D 334 -21.21 9.30 -16.14
N ASN D 335 -22.07 8.93 -15.20
CA ASN D 335 -23.44 8.58 -15.53
C ASN D 335 -24.29 9.83 -15.63
N LYS D 336 -24.08 10.59 -16.70
CA LYS D 336 -24.76 11.87 -16.94
C LYS D 336 -25.03 12.04 -18.44
N GLU D 337 -26.07 12.80 -18.76
CA GLU D 337 -26.50 13.17 -20.12
C GLU D 337 -25.50 14.09 -20.84
N CYS D 338 -24.64 14.73 -20.06
CA CYS D 338 -23.75 15.73 -20.57
C CYS D 338 -22.37 15.50 -19.98
N PHE D 339 -21.36 16.06 -20.64
CA PHE D 339 -19.97 16.10 -20.13
C PHE D 339 -19.79 17.34 -19.25
N ASN D 340 -19.46 17.11 -17.98
CA ASN D 340 -19.36 18.19 -16.99
C ASN D 340 -17.92 18.70 -16.91
N PRO D 341 -17.71 19.99 -17.27
CA PRO D 341 -16.39 20.60 -17.14
C PRO D 341 -15.77 20.44 -15.75
N CYS D 342 -14.49 20.03 -15.70
CA CYS D 342 -13.67 20.13 -14.47
C CYS D 342 -12.36 20.86 -14.73
N PHE D 343 -11.74 21.35 -13.65
CA PHE D 343 -10.41 21.95 -13.77
C PHE D 343 -9.61 21.74 -12.47
N TYR D 344 -8.30 21.92 -12.56
CA TYR D 344 -7.42 21.91 -11.38
C TYR D 344 -6.65 23.22 -11.41
N VAL D 345 -6.17 23.62 -10.22
CA VAL D 345 -5.20 24.67 -10.08
C VAL D 345 -4.02 24.05 -9.33
N GLU D 346 -2.84 24.24 -9.90
CA GLU D 346 -1.57 23.91 -9.27
C GLU D 346 -1.23 25.00 -8.24
N LEU D 347 -0.97 24.60 -7.00
CA LEU D 347 -0.72 25.57 -5.94
C LEU D 347 0.79 25.53 -5.58
N ILE D 348 1.56 26.41 -6.22
CA ILE D 348 3.03 26.38 -6.13
C ILE D 348 3.50 26.96 -4.81
N ARG D 349 4.35 26.22 -4.11
CA ARG D 349 4.97 26.68 -2.88
C ARG D 349 6.49 26.67 -3.04
N GLY D 350 7.18 27.59 -2.36
CA GLY D 350 8.63 27.62 -2.44
C GLY D 350 9.13 28.56 -3.54
N ARG D 351 10.27 28.22 -4.14
CA ARG D 351 10.91 29.15 -5.09
C ARG D 351 10.17 29.33 -6.41
N PRO D 352 10.29 30.51 -7.05
CA PRO D 352 11.06 31.69 -6.65
C PRO D 352 10.31 32.64 -5.71
N LYS D 353 8.99 32.53 -5.61
CA LYS D 353 8.20 33.48 -4.81
C LYS D 353 8.47 33.42 -3.29
N GLU D 354 8.82 32.23 -2.81
CA GLU D 354 9.11 32.02 -1.40
C GLU D 354 10.55 31.49 -1.25
N SER D 355 11.50 32.42 -1.18
CA SER D 355 12.92 32.06 -1.26
C SER D 355 13.56 31.68 0.08
N SER D 356 12.76 31.63 1.16
CA SER D 356 13.25 31.19 2.47
C SER D 356 13.45 29.66 2.56
N VAL D 357 12.98 28.94 1.54
CA VAL D 357 13.20 27.51 1.38
C VAL D 357 14.04 27.25 0.11
N LEU D 358 14.67 26.08 0.00
CA LEU D 358 15.59 25.76 -1.11
C LEU D 358 14.89 25.05 -2.28
N TRP D 359 13.61 24.72 -2.06
CA TRP D 359 12.84 23.87 -2.97
C TRP D 359 11.68 24.59 -3.66
N THR D 360 11.10 23.91 -4.64
CA THR D 360 9.87 24.32 -5.32
C THR D 360 9.00 23.05 -5.43
N SER D 361 7.75 23.16 -5.04
CA SER D 361 6.79 22.05 -5.19
C SER D 361 5.37 22.63 -5.31
N ASN D 362 4.35 21.78 -5.24
CA ASN D 362 2.98 22.24 -5.31
C ASN D 362 2.04 21.31 -4.55
N SER D 363 0.82 21.78 -4.31
CA SER D 363 -0.28 20.87 -4.04
C SER D 363 -1.35 21.06 -5.15
N ILE D 364 -2.46 20.34 -5.03
CA ILE D 364 -3.51 20.39 -6.06
C ILE D 364 -4.87 20.70 -5.44
N VAL D 365 -5.68 21.49 -6.15
CA VAL D 365 -7.13 21.51 -5.90
C VAL D 365 -7.83 21.31 -7.24
N ALA D 366 -8.97 20.63 -7.21
CA ALA D 366 -9.75 20.36 -8.42
C ALA D 366 -11.23 20.62 -8.15
N LEU D 367 -11.94 21.18 -9.15
CA LEU D 367 -13.37 21.50 -9.05
C LEU D 367 -14.09 21.08 -10.34
N CYS D 368 -15.41 20.87 -10.26
CA CYS D 368 -16.23 20.59 -11.42
C CYS D 368 -17.47 21.48 -11.40
N GLY D 369 -18.15 21.52 -12.54
CA GLY D 369 -19.31 22.40 -12.70
C GLY D 369 -20.51 21.97 -11.88
N SER D 370 -21.29 22.96 -11.48
CA SER D 370 -22.63 22.72 -10.93
C SER D 370 -23.61 23.61 -11.68
N LYS D 371 -24.80 23.09 -11.95
CA LYS D 371 -25.93 23.92 -12.40
C LYS D 371 -26.52 24.80 -11.27
N LYS D 372 -26.26 24.41 -10.02
CA LYS D 372 -26.68 25.21 -8.87
C LYS D 372 -25.79 26.46 -8.70
N ARG D 373 -26.26 27.38 -7.87
CA ARG D 373 -25.52 28.57 -7.47
C ARG D 373 -24.93 28.26 -6.11
N LEU D 374 -23.75 27.65 -6.11
CA LEU D 374 -23.14 27.24 -4.85
C LEU D 374 -22.28 28.34 -4.25
N GLY D 375 -22.22 28.40 -2.92
CA GLY D 375 -21.31 29.30 -2.23
C GLY D 375 -19.86 28.88 -2.43
N SER D 376 -18.92 29.79 -2.18
CA SER D 376 -17.51 29.44 -2.39
C SER D 376 -16.58 29.91 -1.27
N TRP D 377 -15.43 29.26 -1.14
CA TRP D 377 -14.32 29.86 -0.39
C TRP D 377 -13.00 29.55 -1.07
N SER D 378 -11.93 30.09 -0.52
CA SER D 378 -10.62 29.95 -1.08
C SER D 378 -10.03 28.58 -0.74
N TRP D 379 -9.54 27.88 -1.76
CA TRP D 379 -8.93 26.57 -1.60
C TRP D 379 -7.41 26.65 -1.78
N HIS D 380 -6.79 27.57 -1.03
CA HIS D 380 -5.35 27.78 -1.08
C HIS D 380 -4.60 26.58 -0.48
N ASP D 381 -3.30 26.52 -0.75
CA ASP D 381 -2.47 25.39 -0.33
C ASP D 381 -2.57 25.07 1.16
N GLY D 382 -2.44 26.09 2.00
CA GLY D 382 -2.61 25.92 3.44
C GLY D 382 -1.40 25.59 4.30
N ALA D 383 -0.23 25.39 3.67
CA ALA D 383 1.01 25.18 4.42
C ALA D 383 1.58 26.48 4.94
N GLU D 384 2.23 26.41 6.10
CA GLU D 384 2.93 27.54 6.68
C GLU D 384 4.42 27.46 6.31
N ILE D 385 4.91 28.40 5.52
CA ILE D 385 6.29 28.35 5.04
C ILE D 385 7.31 28.37 6.22
N ILE D 386 6.94 29.06 7.31
CA ILE D 386 7.84 29.18 8.46
C ILE D 386 8.20 27.79 9.05
N TYR D 387 7.26 26.86 9.01
CA TYR D 387 7.53 25.50 9.47
C TYR D 387 8.65 24.80 8.68
N PHE D 388 8.92 25.25 7.47
CA PHE D 388 9.95 24.63 6.64
C PHE D 388 11.28 25.37 6.73
N GLU D 389 11.31 26.41 7.54
CA GLU D 389 12.53 27.22 7.70
C GLU D 389 13.38 26.70 8.86
C1 NAG E . -10.34 -34.79 0.54
C2 NAG E . -11.55 -35.61 0.07
C3 NAG E . -11.31 -36.20 -1.31
C4 NAG E . -10.79 -35.16 -2.31
C5 NAG E . -9.63 -34.39 -1.67
C6 NAG E . -9.04 -33.33 -2.58
C7 NAG E . -12.87 -36.57 1.86
C8 NAG E . -13.29 -37.84 2.55
N2 NAG E . -11.86 -36.69 1.02
O3 NAG E . -12.53 -36.77 -1.75
O4 NAG E . -10.25 -35.77 -3.46
O5 NAG E . -10.05 -33.81 -0.45
O6 NAG E . -10.05 -32.42 -2.95
O7 NAG E . -13.44 -35.49 2.11
C1 NAG E . -11.21 -36.20 -4.44
C2 NAG E . -10.63 -35.95 -5.84
C3 NAG E . -11.57 -36.52 -6.92
C4 NAG E . -11.93 -37.99 -6.61
C5 NAG E . -12.41 -38.13 -5.17
C6 NAG E . -12.64 -39.58 -4.77
C7 NAG E . -9.13 -34.07 -6.19
C8 NAG E . -9.01 -32.69 -6.80
N2 NAG E . -10.38 -34.54 -6.06
O3 NAG E . -10.94 -36.39 -8.18
O4 NAG E . -12.96 -38.41 -7.49
O5 NAG E . -11.45 -37.58 -4.29
O6 NAG E . -13.07 -39.63 -3.42
O7 NAG E . -8.13 -34.69 -5.86
C1 NAG F . 24.86 -32.81 9.13
C2 NAG F . 23.65 -33.67 9.49
C3 NAG F . 23.86 -34.04 10.94
C4 NAG F . 25.20 -34.79 11.11
C5 NAG F . 26.36 -33.98 10.52
C6 NAG F . 27.68 -34.76 10.50
C7 NAG F . 21.59 -33.03 8.30
C8 NAG F . 20.47 -32.00 8.24
N2 NAG F . 22.43 -32.90 9.32
O3 NAG F . 22.81 -34.86 11.34
O4 NAG F . 25.46 -34.96 12.49
O5 NAG F . 26.05 -33.60 9.21
O6 NAG F . 28.66 -33.86 10.03
O7 NAG F . 21.69 -33.90 7.43
C1 BMA F . 24.89 -36.19 12.98
C2 BMA F . 26.02 -37.08 13.48
C3 BMA F . 25.52 -38.25 14.31
C4 BMA F . 24.59 -37.77 15.42
C5 BMA F . 23.46 -36.96 14.80
C6 BMA F . 22.54 -36.40 15.88
O2 BMA F . 26.89 -36.26 14.27
O3 BMA F . 26.61 -38.95 14.93
O4 BMA F . 24.07 -38.88 16.14
O5 BMA F . 23.99 -35.87 14.05
O6 BMA F . 23.17 -35.29 16.55
C1 MAN F . 27.02 -40.13 15.38
C2 MAN F . 28.54 -40.11 15.37
C3 MAN F . 29.08 -40.26 13.94
C4 MAN F . 28.39 -41.39 13.16
C5 MAN F . 26.88 -41.47 13.40
C6 MAN F . 26.28 -42.77 12.87
O2 MAN F . 29.06 -41.15 16.22
O3 MAN F . 30.49 -40.48 14.00
O4 MAN F . 28.62 -41.18 11.77
O5 MAN F . 26.58 -41.36 14.79
O6 MAN F . 25.95 -42.57 11.49
C1 MAN F . 22.43 -34.60 17.42
C2 MAN F . 23.15 -33.32 17.85
C3 MAN F . 24.40 -33.63 18.70
C4 MAN F . 24.09 -34.57 19.84
C5 MAN F . 23.39 -35.80 19.24
C6 MAN F . 23.01 -36.77 20.33
O2 MAN F . 22.26 -32.46 18.59
O3 MAN F . 24.98 -32.46 19.30
O4 MAN F . 25.32 -34.88 20.53
O5 MAN F . 22.18 -35.37 18.60
O6 MAN F . 22.29 -35.93 21.22
C1 NAG G . -17.33 -9.52 34.39
C2 NAG G . -17.72 -8.87 35.75
C3 NAG G . -19.25 -8.69 35.96
C4 NAG G . -19.96 -8.20 34.69
C5 NAG G . -19.49 -9.26 33.71
C6 NAG G . -20.41 -9.53 32.55
C7 NAG G . -16.06 -9.49 37.46
C8 NAG G . -15.48 -8.10 37.43
N2 NAG G . -17.19 -9.72 36.80
O3 NAG G . -19.52 -7.89 37.11
O4 NAG G . -21.38 -8.24 34.71
O5 NAG G . -18.14 -8.98 33.37
O6 NAG G . -20.80 -10.87 32.75
O7 NAG G . -15.49 -10.37 38.11
C1 NAG G . -21.95 -7.01 35.19
C2 NAG G . -23.30 -6.72 34.52
C3 NAG G . -23.98 -5.52 35.20
C4 NAG G . -24.08 -5.74 36.72
C5 NAG G . -22.71 -6.09 37.31
C6 NAG G . -22.82 -6.53 38.78
C7 NAG G . -23.40 -7.31 32.12
C8 NAG G . -23.16 -6.78 30.72
N2 NAG G . -23.15 -6.44 33.09
O3 NAG G . -25.25 -5.29 34.59
O4 NAG G . -24.41 -4.53 37.39
O5 NAG G . -22.09 -7.15 36.60
O6 NAG G . -21.52 -6.94 39.19
O7 NAG G . -23.77 -8.49 32.28
C1 BMA G . -25.83 -4.33 37.52
C2 BMA G . -26.20 -4.22 38.99
C3 BMA G . -27.69 -3.89 39.13
C4 BMA G . -28.02 -2.60 38.40
C5 BMA G . -27.58 -2.72 36.92
C6 BMA G . -27.72 -1.40 36.19
O2 BMA G . -25.41 -3.20 39.65
O3 BMA G . -28.05 -3.81 40.52
O4 BMA G . -29.44 -2.38 38.49
O5 BMA G . -26.20 -3.14 36.81
O6 BMA G . -26.68 -0.52 36.63
C1 MAN G . -28.56 -4.94 41.03
C2 MAN G . -29.25 -4.59 42.36
C3 MAN G . -28.22 -4.36 43.47
C4 MAN G . -27.31 -5.58 43.60
C5 MAN G . -26.68 -5.90 42.24
C6 MAN G . -25.79 -7.14 42.30
O2 MAN G . -30.09 -5.68 42.75
O3 MAN G . -28.87 -4.09 44.72
O4 MAN G . -26.31 -5.33 44.57
O5 MAN G . -27.70 -6.07 41.22
O6 MAN G . -25.36 -7.43 40.97
C1 MAN G . -31.37 -5.91 42.46
C2 MAN G . -32.11 -6.89 43.38
C3 MAN G . -31.50 -8.28 43.21
C4 MAN G . -31.43 -8.74 41.74
C5 MAN G . -30.91 -7.63 40.81
C6 MAN G . -31.16 -7.97 39.34
O2 MAN G . -33.51 -6.88 43.04
O3 MAN G . -32.25 -9.24 43.97
O4 MAN G . -30.55 -9.86 41.68
O5 MAN G . -31.51 -6.36 41.11
O6 MAN G . -30.11 -7.39 38.54
C1 MAN G . -26.74 0.68 36.05
C2 MAN G . -25.39 1.24 36.45
C3 MAN G . -25.33 1.52 37.95
C4 MAN G . -26.49 2.36 38.44
C5 MAN G . -27.78 1.65 38.04
C6 MAN G . -29.01 2.46 38.40
O2 MAN G . -25.13 2.44 35.68
O3 MAN G . -24.11 2.18 38.33
O4 MAN G . -26.40 2.49 39.86
O5 MAN G . -27.77 1.53 36.60
O6 MAN G . -28.78 3.68 37.68
C1 NAG H . 25.67 9.68 -31.88
C2 NAG H . 25.63 8.52 -32.85
C3 NAG H . 27.00 7.93 -32.66
C4 NAG H . 27.92 8.94 -33.39
C5 NAG H . 27.73 10.38 -32.90
C6 NAG H . 28.23 11.38 -33.94
C7 NAG H . 23.89 6.98 -31.85
C8 NAG H . 22.87 5.94 -32.20
N2 NAG H . 24.42 7.67 -32.84
O3 NAG H . 27.07 6.62 -33.15
O4 NAG H . 29.27 8.68 -33.16
O5 NAG H . 26.39 10.70 -32.57
O6 NAG H . 28.19 12.68 -33.40
O7 NAG H . 24.21 7.14 -30.68
C1 BMA H . 29.77 7.77 -34.14
C2 BMA H . 31.02 8.38 -34.75
C3 BMA H . 31.78 7.34 -35.56
C4 BMA H . 31.97 6.02 -34.80
C5 BMA H . 30.66 5.53 -34.17
C6 BMA H . 30.92 4.43 -33.16
O2 BMA H . 31.84 8.85 -33.68
O3 BMA H . 33.05 7.89 -35.89
O4 BMA H . 32.49 5.00 -35.67
O5 BMA H . 30.03 6.57 -33.44
O6 BMA H . 31.60 5.00 -32.03
C1 MAN H . 32.03 4.50 -30.87
C2 MAN H . 32.46 5.37 -29.70
C3 MAN H . 33.81 6.05 -29.99
C4 MAN H . 34.84 5.05 -30.50
C5 MAN H . 34.25 4.27 -31.67
C6 MAN H . 35.22 3.22 -32.15
O2 MAN H . 32.54 4.55 -28.51
O3 MAN H . 34.37 6.63 -28.81
O4 MAN H . 36.06 5.73 -30.83
O5 MAN H . 33.08 3.59 -31.20
O6 MAN H . 35.57 2.53 -30.93
C1 NAG I . -21.89 32.82 -2.08
C2 NAG I . -22.06 34.33 -1.93
C3 NAG I . -22.48 34.88 -3.27
C4 NAG I . -21.60 34.31 -4.40
C5 NAG I . -21.27 32.81 -4.25
C6 NAG I . -20.29 32.22 -5.28
C7 NAG I . -22.61 35.26 0.22
C8 NAG I . -23.67 35.62 1.22
N2 NAG I . -23.02 34.66 -0.89
O3 NAG I . -22.39 36.28 -3.19
O4 NAG I . -22.29 34.53 -5.61
O5 NAG I . -20.80 32.55 -2.95
O6 NAG I . -18.99 32.76 -5.16
O7 NAG I . -21.41 35.53 0.42
C1 NAG I . -21.60 35.63 -6.21
C2 NAG I . -21.62 35.52 -7.74
C3 NAG I . -20.82 36.70 -8.27
C4 NAG I . -21.38 38.01 -7.71
C5 NAG I . -21.41 37.97 -6.17
C6 NAG I . -22.04 39.22 -5.56
C7 NAG I . -21.68 33.26 -8.61
C8 NAG I . -20.90 32.08 -9.16
N2 NAG I . -20.98 34.29 -8.17
O3 NAG I . -20.85 36.70 -9.67
O4 NAG I . -20.57 39.08 -8.13
O5 NAG I . -22.19 36.86 -5.80
O6 NAG I . -23.38 39.27 -6.01
O7 NAG I . -22.90 33.24 -8.57
C1 BMA J . -21.58 39.77 -10.01
C2 BMA J . -21.65 41.26 -9.71
C3 BMA J . -21.63 41.96 -11.06
C4 BMA J . -20.45 41.52 -11.94
C5 BMA J . -20.25 39.99 -11.93
C6 BMA J . -18.97 39.51 -12.65
O2 BMA J . -20.52 41.63 -8.91
O3 BMA J . -21.63 43.38 -10.84
O4 BMA J . -20.71 41.95 -13.29
O5 BMA J . -20.32 39.44 -10.61
O6 BMA J . -17.76 40.01 -12.06
C1 MAN J . -16.49 40.10 -12.49
C2 MAN J . -15.69 39.60 -11.28
C3 MAN J . -15.81 40.64 -10.17
C4 MAN J . -15.07 41.86 -10.69
C5 MAN J . -15.83 42.38 -11.90
C6 MAN J . -15.14 43.61 -12.49
O2 MAN J . -14.29 39.43 -11.57
O3 MAN J . -15.35 40.15 -8.90
O4 MAN J . -14.92 42.82 -9.64
O5 MAN J . -15.98 41.37 -12.92
O6 MAN J . -15.28 44.71 -11.59
CA CA K . 7.59 -26.92 31.34
C1 GOL L . 2.98 -0.42 26.56
O1 GOL L . 3.11 0.82 25.85
C2 GOL L . 1.67 -1.21 26.35
O2 GOL L . 1.55 -2.07 27.52
C3 GOL L . 1.58 -1.93 24.94
O3 GOL L . 0.40 -2.64 24.39
C1 NAG M . 9.29 4.25 30.48
C2 NAG M . 9.73 5.70 30.75
C3 NAG M . 9.96 5.94 32.25
C4 NAG M . 8.84 5.39 33.10
C5 NAG M . 8.38 3.99 32.65
C6 NAG M . 7.13 3.50 33.39
C7 NAG M . 10.97 6.79 28.93
C8 NAG M . 12.32 7.16 28.39
N2 NAG M . 10.95 6.06 30.04
O3 NAG M . 10.11 7.32 32.47
O4 NAG M . 9.34 5.28 34.42
O5 NAG M . 8.14 3.97 31.25
O6 NAG M . 6.07 4.41 33.13
O7 NAG M . 9.94 7.15 28.33
C1 NAG N . 27.20 -30.63 4.48
C2 NAG N . 27.72 -30.37 5.89
C3 NAG N . 27.22 -31.49 6.79
C4 NAG N . 25.69 -31.50 6.71
C5 NAG N . 25.18 -31.47 5.26
C6 NAG N . 23.67 -31.39 5.21
C7 NAG N . 29.70 -29.00 5.97
C8 NAG N . 30.69 -28.67 4.89
N2 NAG N . 29.16 -30.21 5.91
O3 NAG N . 27.67 -31.34 8.12
O4 NAG N . 25.17 -32.69 7.22
O5 NAG N . 25.80 -30.41 4.56
O6 NAG N . 23.20 -30.65 6.32
O7 NAG N . 29.41 -28.18 6.84
C1 MAN O . 21.25 -36.37 22.68
C2 MAN O . 20.58 -35.26 23.47
C3 MAN O . 21.62 -34.24 23.94
C4 MAN O . 22.79 -34.91 24.66
C5 MAN O . 23.38 -36.11 23.89
C6 MAN O . 24.26 -36.97 24.78
O2 MAN O . 19.91 -35.93 24.54
O3 MAN O . 21.02 -33.29 24.81
O4 MAN O . 23.80 -33.91 24.88
O5 MAN O . 22.35 -36.97 23.39
O6 MAN O . 25.21 -36.15 25.47
C1 MAN P . 25.85 -31.43 17.95
C2 MAN P . 26.97 -30.56 18.50
C3 MAN P . 26.40 -29.49 19.43
C4 MAN P . 25.24 -28.73 18.77
C5 MAN P . 24.13 -29.70 18.32
C6 MAN P . 22.96 -29.02 17.59
O2 MAN P . 27.64 -30.01 17.37
O3 MAN P . 27.44 -28.60 19.83
O4 MAN P . 24.69 -27.80 19.70
O5 MAN P . 24.70 -30.69 17.46
O6 MAN P . 21.91 -29.96 17.31
C1 NAG Q . 35.35 -1.67 15.60
C2 NAG Q . 34.57 -2.06 16.85
C3 NAG Q . 35.31 -3.21 17.53
C4 NAG Q . 35.40 -4.38 16.55
C5 NAG Q . 35.88 -3.94 15.15
C6 NAG Q . 35.64 -5.05 14.12
C7 NAG Q . 33.35 -0.08 17.48
C8 NAG Q . 33.65 1.39 17.61
N2 NAG Q . 34.36 -0.92 17.71
O3 NAG Q . 34.65 -3.60 18.71
O4 NAG Q . 36.27 -5.35 17.08
O5 NAG Q . 35.24 -2.75 14.70
O6 NAG Q . 34.41 -4.83 13.45
O7 NAG Q . 32.23 -0.47 17.15
C1 MAN R . -29.92 5.22 37.46
C2 MAN R . -29.29 6.39 36.72
C3 MAN R . -28.02 6.88 37.41
C4 MAN R . -28.27 7.14 38.90
C5 MAN R . -28.83 5.87 39.58
C6 MAN R . -29.21 6.14 41.03
O2 MAN R . -30.27 7.42 36.62
O3 MAN R . -27.54 8.07 36.75
O4 MAN R . -27.06 7.50 39.56
O5 MAN R . -29.98 5.38 38.89
O6 MAN R . -30.17 5.14 41.43
C1 MAN S . -22.74 0.99 38.25
C2 MAN S . -21.70 1.57 39.19
C3 MAN S . -20.99 2.82 38.65
C4 MAN S . -20.58 2.62 37.17
C5 MAN S . -21.79 2.23 36.34
C6 MAN S . -21.46 2.01 34.86
O2 MAN S . -20.78 0.50 39.40
O3 MAN S . -19.86 3.11 39.49
O4 MAN S . -19.94 3.80 36.62
O5 MAN S . -22.38 1.03 36.85
O6 MAN S . -22.67 2.14 34.11
CA CA T . 36.68 -11.31 -16.89
C1 GOL U . 25.00 -5.77 7.69
O1 GOL U . 24.06 -4.96 8.46
C2 GOL U . 24.49 -7.03 6.91
O2 GOL U . 25.66 -7.82 6.51
C3 GOL U . 23.43 -6.86 5.74
O3 GOL U . 22.59 -7.95 5.07
C1 NAG V . 1.16 -22.08 -27.29
C2 NAG V . 0.64 -21.45 -28.57
C3 NAG V . -0.25 -22.48 -29.27
C4 NAG V . 0.54 -23.77 -29.54
C5 NAG V . 1.48 -24.20 -28.40
C6 NAG V . 2.62 -25.03 -28.98
C7 NAG V . 0.56 -19.03 -28.27
C8 NAG V . 0.61 -18.22 -29.53
N2 NAG V . -0.07 -20.21 -28.33
O3 NAG V . -0.76 -21.98 -30.48
O4 NAG V . -0.37 -24.82 -29.78
O5 NAG V . 2.05 -23.12 -27.67
O6 NAG V . 3.10 -25.93 -28.00
O7 NAG V . 1.08 -18.61 -27.23
C1 NAG W . 30.22 0.24 11.83
C2 NAG W . 30.12 0.93 13.17
C3 NAG W . 31.44 0.61 13.89
C4 NAG W . 31.77 -0.91 13.83
C5 NAG W . 31.54 -1.53 12.45
C6 NAG W . 31.70 -3.06 12.41
C7 NAG W . 28.71 2.93 13.23
C8 NAG W . 28.64 4.43 13.05
N2 NAG W . 29.89 2.36 12.97
O3 NAG W . 31.29 1.06 15.21
O4 NAG W . 33.13 -1.10 14.19
O5 NAG W . 30.26 -1.16 11.98
O6 NAG W . 30.69 -3.69 13.17
O7 NAG W . 27.71 2.29 13.59
C1 MAN X . 36.93 1.22 -30.81
C2 MAN X . 37.00 0.61 -29.42
C3 MAN X . 37.44 1.67 -28.40
C4 MAN X . 38.71 2.40 -28.85
C5 MAN X . 38.57 2.94 -30.27
C6 MAN X . 39.89 3.48 -30.81
O2 MAN X . 37.95 -0.44 -29.52
O3 MAN X . 37.65 1.07 -27.12
O4 MAN X . 38.97 3.48 -27.95
O5 MAN X . 38.13 1.91 -31.17
O6 MAN X . 39.58 4.20 -32.00
C1 MAN Y . 32.64 8.70 -28.44
C2 MAN Y . 33.77 9.49 -27.77
C3 MAN Y . 34.34 8.81 -26.52
C4 MAN Y . 33.21 8.26 -25.63
C5 MAN Y . 32.38 7.26 -26.43
C6 MAN Y . 31.28 6.64 -25.57
O2 MAN Y . 33.29 10.80 -27.47
O3 MAN Y . 35.19 9.72 -25.80
O4 MAN Y . 33.77 7.65 -24.46
O5 MAN Y . 31.79 7.93 -27.57
O6 MAN Y . 30.59 5.60 -26.29
C1 NAG Z . 7.30 7.04 35.49
C2 NAG Z . 7.83 6.38 36.77
C3 NAG Z . 7.59 7.35 37.91
C4 NAG Z . 8.17 8.73 37.61
C5 NAG Z . 8.06 9.18 36.13
C6 NAG Z . 9.11 10.25 35.80
C7 NAG Z . 7.96 3.95 37.07
C8 NAG Z . 7.20 2.68 37.26
N2 NAG Z . 7.22 5.07 36.97
O3 NAG Z . 8.19 6.84 39.08
O4 NAG Z . 7.53 9.68 38.43
O5 NAG Z . 8.16 8.11 35.20
O6 NAG Z . 10.39 9.67 35.61
O7 NAG Z . 9.19 3.92 37.01
CA CA AA . -28.20 19.03 24.63
C1 PEG BA . -21.40 -8.02 14.31
O1 PEG BA . -21.11 -7.07 13.33
C2 PEG BA . -21.60 -8.75 15.58
O2 PEG BA . -20.98 -9.52 16.56
C3 PEG BA . -21.56 -10.65 15.94
C4 PEG BA . -22.00 -11.89 16.65
O4 PEG BA . -22.50 -11.91 17.99
C1 GOL CA . -4.85 23.92 11.11
O1 GOL CA . -3.49 23.74 10.67
C2 GOL CA . -6.07 23.62 10.18
O2 GOL CA . -7.22 24.44 10.63
C3 GOL CA . -6.41 22.10 9.89
O3 GOL CA . -7.35 21.58 8.82
C1 NAG DA . -33.73 -5.27 -2.97
C2 NAG DA . -33.72 -6.76 -3.27
C3 NAG DA . -33.79 -6.84 -4.79
C4 NAG DA . -35.15 -6.27 -5.23
C5 NAG DA . -35.59 -4.98 -4.48
C6 NAG DA . -37.12 -4.91 -4.37
C7 NAG DA . -32.73 -8.56 -1.98
C8 NAG DA . -31.49 -9.16 -1.37
N2 NAG DA . -32.57 -7.44 -2.70
O3 NAG DA . -33.61 -8.17 -5.25
O4 NAG DA . -35.11 -6.03 -6.62
O5 NAG DA . -35.05 -4.81 -3.17
O6 NAG DA . -37.58 -5.66 -3.26
O7 NAG DA . -33.81 -9.11 -1.81
C1 NAG EA . 1.31 27.59 16.80
C2 NAG EA . 2.77 27.98 16.64
C3 NAG EA . 2.89 29.45 17.00
C4 NAG EA . 1.89 30.27 16.17
C5 NAG EA . 0.46 29.65 16.23
C6 NAG EA . -0.60 30.29 15.35
C7 NAG EA . 4.45 26.28 16.96
C8 NAG EA . 5.35 25.59 17.95
N2 NAG EA . 3.58 27.12 17.47
O3 NAG EA . 4.22 29.83 16.74
O4 NAG EA . 1.90 31.59 16.68
O5 NAG EA . 0.51 28.28 15.87
O6 NAG EA . -0.03 30.64 14.11
O7 NAG EA . 4.56 26.06 15.74
C1 NAG FA . 2.68 33.33 14.67
C2 NAG FA . 2.57 34.48 15.65
C3 NAG FA . 3.41 35.64 15.11
C4 NAG FA . 4.85 35.18 14.83
C5 NAG FA . 4.90 33.83 14.10
C6 NAG FA . 6.31 33.24 14.07
C7 NAG FA . 0.43 34.37 16.86
C8 NAG FA . 0.97 34.37 18.26
N2 NAG FA . 1.18 34.87 15.88
O3 NAG FA . 3.41 36.70 16.04
O4 NAG FA . 5.53 36.18 14.09
O5 NAG FA . 4.01 32.88 14.68
O6 NAG FA . 6.58 32.59 15.30
O7 NAG FA . -0.70 33.93 16.65
CA CA GA . 1.54 35.09 -23.03
C1 GOL HA . 17.53 18.54 -8.03
O1 GOL HA . 17.80 17.63 -6.95
C2 GOL HA . 17.08 17.92 -9.39
O2 GOL HA . 17.41 18.85 -10.47
C3 GOL HA . 15.58 17.40 -9.36
O3 GOL HA . 14.92 16.44 -10.30
C1 NAG IA . -19.31 3.83 -31.37
C2 NAG IA . -19.36 4.89 -32.48
C3 NAG IA . -18.95 4.20 -33.77
C4 NAG IA . -17.53 3.67 -33.61
C5 NAG IA . -17.38 2.82 -32.33
C6 NAG IA . -15.91 2.54 -32.03
C7 NAG IA . -20.83 6.72 -31.80
C8 NAG IA . -21.70 6.60 -30.59
N2 NAG IA . -20.63 5.61 -32.52
O3 NAG IA . -19.02 5.09 -34.87
O4 NAG IA . -17.20 2.89 -34.74
O5 NAG IA . -17.96 3.46 -31.19
O6 NAG IA . -15.28 3.71 -31.58
O7 NAG IA . -20.34 7.81 -32.11
C1 NAG JA . 22.07 23.76 -1.85
C2 NAG JA . 23.04 23.36 -0.74
C3 NAG JA . 24.35 24.11 -0.98
C4 NAG JA . 24.84 23.94 -2.43
C5 NAG JA . 23.68 24.16 -3.42
C6 NAG JA . 24.08 23.99 -4.89
C7 NAG JA . 22.04 22.62 1.38
C8 NAG JA . 21.46 23.05 2.71
N2 NAG JA . 22.41 23.60 0.54
O3 NAG JA . 25.31 23.60 -0.09
O4 NAG JA . 25.95 24.81 -2.72
O5 NAG JA . 22.57 23.33 -3.10
O6 NAG JA . 24.35 22.63 -5.18
O7 NAG JA . 22.16 21.42 1.11
C1 NAG KA . 21.84 13.00 -30.31
C2 NAG KA . 23.14 13.64 -30.76
C3 NAG KA . 23.76 12.68 -31.76
C4 NAG KA . 23.68 11.21 -31.28
C5 NAG KA . 22.46 10.82 -30.42
C6 NAG KA . 22.57 9.50 -29.64
C7 NAG KA . 23.34 16.05 -30.63
C8 NAG KA . 23.00 17.39 -31.24
N2 NAG KA . 22.91 14.97 -31.29
O3 NAG KA . 25.11 13.06 -31.97
O4 NAG KA . 23.72 10.38 -32.42
O5 NAG KA . 22.17 11.86 -29.51
O6 NAG KA . 23.49 9.58 -28.57
O7 NAG KA . 23.96 15.97 -29.57
C1 MAN LA . -13.00 39.65 -7.40
C2 MAN LA . -12.95 41.12 -7.80
C3 MAN LA . -11.59 41.78 -7.54
C4 MAN LA . -10.41 40.80 -7.54
C5 MAN LA . -10.70 39.46 -6.82
C6 MAN LA . -9.80 39.17 -5.62
O2 MAN LA . -14.01 41.82 -7.14
O3 MAN LA . -11.63 42.52 -6.30
O4 MAN LA . -10.00 40.56 -8.89
O5 MAN LA . -12.04 39.36 -6.37
O6 MAN LA . -9.15 40.32 -5.08
#